data_3VQM
#
_entry.id   3VQM
#
_cell.length_a   156.300
_cell.length_b   161.900
_cell.length_c   162.270
_cell.angle_alpha   90.00
_cell.angle_beta   90.00
_cell.angle_gamma   90.00
#
_symmetry.space_group_name_H-M   'C 2 2 21'
#
loop_
_entity.id
_entity.type
_entity.pdbx_description
1 polymer 'Small heat shock protein StHsp14.0'
2 polymer 'C-terminal peptide from Small heat shock protein StHsp14.0'
3 water water
#
loop_
_entity_poly.entity_id
_entity_poly.type
_entity_poly.pdbx_seq_one_letter_code
_entity_poly.pdbx_strand_id
1 'polypeptide(L)'
;MYYLGKELQKRSEELSRGFYELVYPPVDMYEEGGYLVVVADLAGFNKEKIKARVSGQNELIIEAEREITEPGVKYLTQRP
KYVRKVIRLPYNVAKDAEISGKYENGVLTIRIPIA
;
A,B,C,D,E,F,G,H,I,J,K,L,M,N
2 'polypeptide(L)' VIKIE O,P,Q,R,S,T,U,V,W
#
# COMPACT_ATOMS: atom_id res chain seq x y z
N GLY A 5 22.95 15.09 1.48
CA GLY A 5 22.97 14.26 2.67
C GLY A 5 24.27 13.49 2.79
N LYS A 6 24.88 13.54 3.97
CA LYS A 6 26.14 12.84 4.23
C LYS A 6 27.22 13.15 3.17
N GLU A 7 27.16 14.38 2.67
CA GLU A 7 28.30 15.02 2.04
C GLU A 7 28.86 15.89 3.19
N LEU A 8 28.28 15.71 4.37
CA LEU A 8 28.72 16.37 5.60
C LEU A 8 30.09 15.88 6.05
N GLN A 9 30.51 14.73 5.55
CA GLN A 9 31.78 14.13 5.97
C GLN A 9 32.98 14.67 5.17
N LYS A 10 32.69 15.24 4.00
CA LYS A 10 33.69 15.94 3.22
C LYS A 10 34.21 17.10 4.05
N ARG A 11 35.42 17.56 3.74
CA ARG A 11 35.93 18.76 4.37
C ARG A 11 35.65 19.94 3.46
N SER A 12 35.72 21.15 4.02
CA SER A 12 35.28 22.35 3.33
C SER A 12 35.90 22.54 1.97
N GLU A 13 37.22 22.34 1.85
CA GLU A 13 37.90 22.43 0.56
C GLU A 13 37.22 21.58 -0.52
N GLU A 14 36.69 20.43 -0.13
CA GLU A 14 36.12 19.50 -1.10
C GLU A 14 34.71 19.87 -1.51
N LEU A 15 34.15 20.89 -0.88
CA LEU A 15 32.82 21.33 -1.26
C LEU A 15 32.95 22.45 -2.26
N SER A 16 32.31 22.31 -3.42
CA SER A 16 32.59 23.20 -4.52
C SER A 16 31.39 24.08 -4.81
N ARG A 17 31.54 25.09 -5.80
CA ARG A 17 30.44 25.94 -6.20
C ARG A 17 29.29 25.08 -6.70
N GLY A 18 29.63 23.93 -7.29
CA GLY A 18 28.65 23.00 -7.81
C GLY A 18 27.71 22.46 -6.75
N PHE A 19 28.27 22.09 -5.59
CA PHE A 19 27.46 21.63 -4.48
C PHE A 19 26.47 22.71 -4.05
N TYR A 20 26.99 23.89 -3.75
CA TYR A 20 26.14 24.98 -3.29
C TYR A 20 25.15 25.41 -4.37
N GLU A 21 25.51 25.22 -5.63
CA GLU A 21 24.61 25.51 -6.73
C GLU A 21 23.38 24.59 -6.72
N LEU A 22 23.52 23.43 -6.08
CA LEU A 22 22.40 22.51 -5.96
C LEU A 22 21.44 22.91 -4.85
N VAL A 23 21.98 23.39 -3.73
CA VAL A 23 21.18 23.60 -2.53
C VAL A 23 20.91 25.07 -2.19
N TYR A 24 21.51 25.99 -2.93
CA TYR A 24 21.32 27.42 -2.66
C TYR A 24 20.27 28.07 -3.55
N PRO A 25 19.57 29.09 -3.00
CA PRO A 25 19.73 29.58 -1.64
C PRO A 25 18.89 28.82 -0.62
N PRO A 26 19.29 28.84 0.65
CA PRO A 26 18.40 28.31 1.69
C PRO A 26 17.15 29.18 1.76
N VAL A 27 16.02 28.60 2.14
CA VAL A 27 14.75 29.30 2.00
C VAL A 27 13.78 29.07 3.16
N ASP A 28 13.09 30.13 3.56
CA ASP A 28 11.99 30.04 4.49
C ASP A 28 10.69 30.38 3.77
N MET A 29 9.66 29.59 4.00
CA MET A 29 8.35 29.85 3.40
C MET A 29 7.26 29.77 4.45
N TYR A 30 6.50 30.84 4.60
CA TYR A 30 5.46 30.96 5.60
C TYR A 30 4.29 31.79 5.13
N GLU A 31 3.15 31.66 5.76
CA GLU A 31 2.05 32.51 5.41
C GLU A 31 1.71 33.41 6.52
N GLU A 32 1.62 34.69 6.27
CA GLU A 32 1.02 35.56 7.23
C GLU A 32 0.15 36.59 6.55
N GLY A 33 -0.95 36.96 7.17
CA GLY A 33 -1.79 38.02 6.65
C GLY A 33 -2.29 37.81 5.25
N GLY A 34 -2.70 36.60 4.99
CA GLY A 34 -3.15 36.18 3.68
C GLY A 34 -2.09 36.40 2.63
N TYR A 35 -0.83 36.18 3.00
CA TYR A 35 0.28 36.33 2.08
C TYR A 35 1.26 35.17 2.18
N LEU A 36 1.62 34.60 1.03
CA LEU A 36 2.69 33.62 0.98
C LEU A 36 4.01 34.37 0.92
N VAL A 37 4.84 34.18 1.94
CA VAL A 37 6.12 34.87 2.01
C VAL A 37 7.29 33.90 1.84
N VAL A 38 8.12 34.15 0.83
CA VAL A 38 9.30 33.33 0.57
C VAL A 38 10.57 34.15 0.80
N VAL A 39 11.34 33.77 1.82
CA VAL A 39 12.54 34.49 2.19
C VAL A 39 13.80 33.70 1.85
N ALA A 40 14.71 34.31 1.10
CA ALA A 40 15.90 33.61 0.63
C ALA A 40 17.20 34.34 0.95
N ASP A 41 18.20 33.59 1.39
CA ASP A 41 19.54 34.14 1.56
C ASP A 41 20.32 34.07 0.25
N LEU A 42 20.23 35.14 -0.54
CA LEU A 42 20.89 35.19 -1.84
C LEU A 42 21.88 36.34 -1.90
N ALA A 43 22.88 36.30 -1.03
CA ALA A 43 23.86 37.37 -0.90
C ALA A 43 24.68 37.59 -2.17
N GLY A 44 24.97 38.85 -2.45
CA GLY A 44 25.96 39.22 -3.45
C GLY A 44 25.56 39.08 -4.90
N PHE A 45 24.29 39.38 -5.20
CA PHE A 45 23.84 39.39 -6.58
C PHE A 45 23.35 40.77 -6.97
N ASN A 46 23.30 41.03 -8.27
CA ASN A 46 22.71 42.27 -8.76
C ASN A 46 21.22 42.05 -8.93
N LYS A 47 20.42 42.93 -8.35
CA LYS A 47 18.97 42.77 -8.36
C LYS A 47 18.37 42.74 -9.77
N GLU A 48 19.11 43.27 -10.73
CA GLU A 48 18.69 43.24 -12.12
C GLU A 48 19.18 41.96 -12.81
N LYS A 49 19.60 40.98 -12.02
CA LYS A 49 20.01 39.68 -12.52
C LYS A 49 19.19 38.58 -11.85
N ILE A 50 18.48 38.93 -10.79
CA ILE A 50 17.63 38.00 -10.08
C ILE A 50 16.33 37.81 -10.84
N LYS A 51 16.06 36.58 -11.26
CA LYS A 51 14.88 36.28 -12.04
C LYS A 51 13.95 35.30 -11.33
N ALA A 52 12.87 35.82 -10.77
CA ALA A 52 11.88 34.99 -10.09
C ALA A 52 10.55 34.99 -10.82
N ARG A 53 9.97 33.88 -11.01
CA ARG A 53 8.67 33.73 -11.65
C ARG A 53 7.97 32.49 -11.10
N VAL A 54 6.64 32.52 -11.13
CA VAL A 54 5.84 31.35 -10.81
C VAL A 54 5.45 30.65 -12.10
N SER A 55 5.98 29.45 -12.32
CA SER A 55 5.62 28.67 -13.50
C SER A 55 4.54 27.66 -13.13
N GLY A 56 3.55 27.52 -14.01
CA GLY A 56 2.37 26.73 -13.70
C GLY A 56 1.55 27.53 -12.70
N GLN A 57 1.09 26.86 -11.64
CA GLN A 57 0.33 27.54 -10.61
C GLN A 57 0.99 27.34 -9.26
N ASN A 58 2.06 26.54 -9.26
CA ASN A 58 2.54 25.91 -8.06
C ASN A 58 3.99 26.16 -7.76
N GLU A 59 4.74 26.66 -8.74
CA GLU A 59 6.18 26.64 -8.60
C GLU A 59 6.83 27.99 -8.75
N LEU A 60 7.38 28.49 -7.63
CA LEU A 60 8.28 29.62 -7.63
C LEU A 60 9.65 29.16 -8.12
N ILE A 61 10.18 29.76 -9.13
CA ILE A 61 11.52 29.49 -9.64
C ILE A 61 12.45 30.68 -9.43
N ILE A 62 13.44 30.51 -8.57
CA ILE A 62 14.39 31.58 -8.27
C ILE A 62 15.70 31.38 -9.04
N GLU A 63 15.90 32.21 -10.06
CA GLU A 63 17.11 32.17 -10.87
C GLU A 63 17.94 33.43 -10.68
N ALA A 64 19.26 33.27 -10.64
CA ALA A 64 20.17 34.40 -10.47
C ALA A 64 21.56 34.08 -11.01
N GLU A 65 22.20 35.08 -11.61
CA GLU A 65 23.53 34.90 -12.19
C GLU A 65 24.45 36.02 -11.75
N ARG A 66 25.67 35.67 -11.38
CA ARG A 66 26.67 36.67 -11.04
C ARG A 66 28.05 36.24 -11.55
N GLU A 67 28.89 37.23 -11.79
CA GLU A 67 30.25 36.98 -12.24
C GLU A 67 31.18 36.98 -11.04
N ILE A 68 32.03 35.96 -10.93
CA ILE A 68 32.97 35.88 -9.83
C ILE A 68 34.40 35.80 -10.36
N THR A 69 35.16 36.88 -10.18
CA THR A 69 36.54 36.95 -10.65
C THR A 69 37.49 37.12 -9.48
N GLU A 70 38.20 36.05 -9.13
CA GLU A 70 39.10 36.08 -7.98
C GLU A 70 40.52 35.71 -8.35
N PRO A 71 41.29 36.69 -8.84
CA PRO A 71 42.67 36.47 -9.28
C PRO A 71 43.58 36.07 -8.13
N GLY A 72 44.57 35.23 -8.42
CA GLY A 72 45.50 34.75 -7.41
C GLY A 72 45.40 33.25 -7.20
N VAL A 73 45.95 32.79 -6.08
CA VAL A 73 45.95 31.37 -5.76
C VAL A 73 44.64 30.96 -5.10
N LYS A 74 43.94 30.01 -5.71
CA LYS A 74 42.69 29.51 -5.16
C LYS A 74 42.93 28.60 -3.95
N TYR A 75 42.07 28.71 -2.95
CA TYR A 75 42.13 27.82 -1.80
C TYR A 75 40.76 27.27 -1.48
N LEU A 76 39.77 28.16 -1.46
CA LEU A 76 38.39 27.76 -1.23
C LEU A 76 37.48 28.37 -2.28
N THR A 77 36.65 27.54 -2.89
CA THR A 77 35.70 27.99 -3.91
C THR A 77 34.36 27.32 -3.67
N GLN A 78 33.49 27.99 -2.93
CA GLN A 78 32.20 27.41 -2.53
C GLN A 78 31.00 28.23 -3.00
N ARG A 79 31.21 29.53 -3.19
CA ARG A 79 30.12 30.45 -3.53
C ARG A 79 29.63 30.24 -4.97
N PRO A 80 28.31 30.10 -5.13
CA PRO A 80 27.70 29.80 -6.44
C PRO A 80 27.70 30.99 -7.40
N LYS A 81 28.03 30.74 -8.66
CA LYS A 81 27.94 31.75 -9.71
C LYS A 81 26.52 31.78 -10.25
N TYR A 82 25.85 30.64 -10.15
CA TYR A 82 24.52 30.47 -10.70
C TYR A 82 23.60 29.90 -9.63
N VAL A 83 22.31 30.20 -9.73
CA VAL A 83 21.32 29.66 -8.81
C VAL A 83 20.02 29.40 -9.56
N ARG A 84 19.38 28.27 -9.27
CA ARG A 84 18.15 27.90 -9.94
C ARG A 84 17.31 27.01 -9.02
N LYS A 85 16.70 27.63 -8.01
CA LYS A 85 15.94 26.87 -7.02
C LYS A 85 14.47 26.78 -7.38
N VAL A 86 13.93 25.57 -7.31
CA VAL A 86 12.52 25.33 -7.59
C VAL A 86 11.78 24.96 -6.30
N ILE A 87 10.79 25.77 -5.95
CA ILE A 87 10.02 25.58 -4.73
C ILE A 87 8.55 25.37 -5.04
N ARG A 88 7.99 24.25 -4.59
CA ARG A 88 6.57 24.00 -4.80
C ARG A 88 5.72 24.68 -3.73
N LEU A 89 4.89 25.63 -4.16
CA LEU A 89 4.07 26.41 -3.26
C LEU A 89 2.83 25.64 -2.84
N PRO A 90 2.43 25.77 -1.56
CA PRO A 90 1.23 25.15 -1.03
C PRO A 90 -0.04 25.92 -1.41
N TYR A 91 0.09 26.90 -2.30
CA TYR A 91 -1.06 27.71 -2.70
C TYR A 91 -1.10 27.95 -4.21
N ASN A 92 -2.30 27.91 -4.77
CA ASN A 92 -2.47 28.19 -6.18
C ASN A 92 -2.39 29.70 -6.46
N VAL A 93 -1.40 30.10 -7.23
CA VAL A 93 -1.21 31.50 -7.55
C VAL A 93 -1.98 31.88 -8.81
N ALA A 94 -2.83 32.90 -8.70
CA ALA A 94 -3.55 33.42 -9.85
C ALA A 94 -2.56 33.99 -10.86
N LYS A 95 -2.88 33.87 -12.15
CA LYS A 95 -2.00 34.35 -13.20
C LYS A 95 -1.82 35.86 -13.13
N ASP A 96 -2.85 36.56 -12.67
CA ASP A 96 -2.86 38.01 -12.61
C ASP A 96 -2.47 38.52 -11.22
N ALA A 97 -1.90 37.65 -10.41
CA ALA A 97 -1.54 38.01 -9.04
C ALA A 97 -0.43 39.06 -9.00
N GLU A 98 -0.60 40.05 -8.13
CA GLU A 98 0.41 41.09 -7.95
C GLU A 98 1.48 40.64 -6.97
N ILE A 99 2.61 40.19 -7.49
CA ILE A 99 3.68 39.68 -6.65
C ILE A 99 4.79 40.72 -6.46
N SER A 100 5.11 41.02 -5.21
CA SER A 100 6.18 41.95 -4.89
C SER A 100 7.48 41.21 -4.57
N GLY A 101 8.61 41.87 -4.84
CA GLY A 101 9.91 41.31 -4.56
C GLY A 101 10.88 42.39 -4.12
N LYS A 102 11.61 42.13 -3.05
CA LYS A 102 12.60 43.08 -2.55
C LYS A 102 13.93 42.40 -2.29
N TYR A 103 15.02 43.07 -2.63
CA TYR A 103 16.35 42.55 -2.41
C TYR A 103 17.13 43.50 -1.50
N GLU A 104 17.23 43.14 -0.24
CA GLU A 104 17.89 43.99 0.75
C GLU A 104 18.76 43.17 1.69
N ASN A 105 19.98 43.66 1.92
CA ASN A 105 20.96 42.99 2.78
C ASN A 105 21.28 41.57 2.31
N GLY A 106 21.16 41.34 1.00
CA GLY A 106 21.42 40.04 0.44
C GLY A 106 20.23 39.11 0.53
N VAL A 107 19.12 39.61 1.07
CA VAL A 107 17.93 38.81 1.24
C VAL A 107 16.85 39.14 0.22
N LEU A 108 16.38 38.12 -0.49
CA LEU A 108 15.24 38.27 -1.39
C LEU A 108 13.96 37.88 -0.66
N THR A 109 13.01 38.81 -0.61
CA THR A 109 11.71 38.54 0.03
C THR A 109 10.59 38.68 -0.98
N ILE A 110 9.88 37.58 -1.21
CA ILE A 110 8.79 37.56 -2.17
C ILE A 110 7.44 37.38 -1.48
N ARG A 111 6.53 38.33 -1.69
CA ARG A 111 5.20 38.25 -1.11
C ARG A 111 4.16 37.88 -2.15
N ILE A 112 3.48 36.76 -1.92
CA ILE A 112 2.44 36.30 -2.84
C ILE A 112 1.07 36.34 -2.19
N PRO A 113 0.13 37.08 -2.81
CA PRO A 113 -1.23 37.20 -2.29
C PRO A 113 -2.01 35.88 -2.43
N ILE A 114 -2.68 35.48 -1.36
CA ILE A 114 -3.50 34.28 -1.39
C ILE A 114 -4.86 34.57 -0.77
N ALA A 115 -4.92 35.60 0.02
CA ALA A 115 -6.07 35.91 0.83
C ALA A 115 -5.92 37.28 1.48
N ARG B 11 13.01 19.74 -9.62
CA ARG B 11 12.19 19.19 -8.57
C ARG B 11 12.50 19.85 -7.26
N SER B 12 11.75 19.46 -6.24
CA SER B 12 11.71 20.17 -4.99
C SER B 12 11.93 19.30 -3.76
N GLU B 13 13.18 18.96 -3.48
CA GLU B 13 13.52 18.29 -2.24
C GLU B 13 14.04 19.31 -1.26
N GLU B 14 13.34 19.44 -0.15
CA GLU B 14 13.70 20.41 0.88
C GLU B 14 14.59 19.81 1.98
N LEU B 15 15.79 20.38 2.12
CA LEU B 15 16.72 19.96 3.16
C LEU B 15 16.34 20.57 4.51
N SER B 16 16.75 19.90 5.58
CA SER B 16 16.54 20.37 6.94
C SER B 16 17.36 21.64 7.21
N ARG B 17 16.90 22.48 8.12
CA ARG B 17 17.62 23.64 8.58
C ARG B 17 18.90 23.22 9.23
N GLY B 18 18.86 22.11 9.90
CA GLY B 18 20.03 21.54 10.55
C GLY B 18 21.09 21.17 9.53
N PHE B 19 20.65 20.76 8.34
CA PHE B 19 21.59 20.44 7.29
C PHE B 19 22.31 21.69 6.82
N TYR B 20 21.55 22.73 6.48
CA TYR B 20 22.14 24.00 6.07
C TYR B 20 23.08 24.55 7.14
N GLU B 21 22.77 24.27 8.37
CA GLU B 21 23.55 24.78 9.46
C GLU B 21 24.97 24.33 9.40
N LEU B 22 25.19 23.15 8.87
CA LEU B 22 26.54 22.57 8.86
C LEU B 22 27.37 22.96 7.63
N VAL B 23 26.76 23.67 6.69
CA VAL B 23 27.45 24.07 5.46
C VAL B 23 27.32 25.57 5.17
N TYR B 24 26.57 26.26 6.02
CA TYR B 24 26.36 27.71 5.90
C TYR B 24 27.47 28.42 6.66
N PRO B 25 28.10 29.43 6.04
CA PRO B 25 27.90 29.98 4.69
C PRO B 25 28.92 29.43 3.68
N PRO B 26 28.69 29.69 2.37
CA PRO B 26 29.69 29.36 1.35
C PRO B 26 30.84 30.35 1.39
N VAL B 27 32.07 29.84 1.42
CA VAL B 27 33.24 30.68 1.55
C VAL B 27 34.19 30.56 0.36
N ASP B 28 34.63 31.70 -0.16
CA ASP B 28 35.72 31.73 -1.11
C ASP B 28 36.96 32.27 -0.41
N MET B 29 38.07 31.55 -0.50
CA MET B 29 39.34 32.04 0.02
C MET B 29 40.42 31.94 -1.05
N TYR B 30 41.17 33.02 -1.20
CA TYR B 30 42.22 33.09 -2.22
C TYR B 30 43.24 34.15 -1.85
N GLU B 31 44.42 34.08 -2.43
CA GLU B 31 45.50 35.00 -2.18
C GLU B 31 45.80 35.85 -3.37
N GLU B 32 45.75 37.16 -3.21
CA GLU B 32 46.30 38.06 -4.22
C GLU B 32 46.92 39.30 -3.59
N GLY B 33 47.99 39.79 -4.20
CA GLY B 33 48.65 41.01 -3.78
C GLY B 33 49.06 41.03 -2.33
N GLY B 34 49.52 39.88 -1.83
CA GLY B 34 49.99 39.78 -0.46
C GLY B 34 48.88 39.74 0.57
N TYR B 35 47.66 39.51 0.11
CA TYR B 35 46.52 39.41 1.00
C TYR B 35 45.76 38.10 0.84
N LEU B 36 45.37 37.52 1.98
CA LEU B 36 44.39 36.46 1.99
C LEU B 36 43.00 37.08 2.01
N VAL B 37 42.27 36.93 0.92
CA VAL B 37 40.92 37.50 0.81
C VAL B 37 39.86 36.45 1.06
N VAL B 38 39.10 36.63 2.12
CA VAL B 38 38.03 35.69 2.48
C VAL B 38 36.66 36.30 2.18
N VAL B 39 35.87 35.62 1.36
CA VAL B 39 34.56 36.10 0.98
C VAL B 39 33.46 35.10 1.30
N ALA B 40 32.43 35.54 2.02
CA ALA B 40 31.37 34.64 2.44
C ALA B 40 29.98 35.22 2.17
N ASP B 41 29.12 34.42 1.56
CA ASP B 41 27.72 34.82 1.38
C ASP B 41 27.00 34.63 2.71
N LEU B 42 26.78 35.74 3.39
CA LEU B 42 26.23 35.72 4.74
C LEU B 42 25.13 36.77 4.85
N ALA B 43 24.02 36.52 4.16
CA ALA B 43 22.92 37.48 4.05
C ALA B 43 21.99 37.48 5.27
N GLY B 44 21.43 38.65 5.55
CA GLY B 44 20.36 38.79 6.53
C GLY B 44 20.81 38.86 7.96
N PHE B 45 22.01 39.39 8.18
CA PHE B 45 22.54 39.51 9.53
C PHE B 45 22.81 40.96 9.91
N ASN B 46 22.81 41.23 11.20
CA ASN B 46 23.19 42.54 11.70
C ASN B 46 24.70 42.62 11.76
N LYS B 47 25.24 43.72 11.24
CA LYS B 47 26.69 43.93 11.17
C LYS B 47 27.35 43.85 12.54
N GLU B 48 26.64 44.32 13.57
CA GLU B 48 27.18 44.32 14.92
C GLU B 48 27.09 42.94 15.58
N LYS B 49 26.40 42.02 14.92
CA LYS B 49 26.26 40.66 15.44
C LYS B 49 27.12 39.65 14.68
N ILE B 50 27.99 40.15 13.81
CA ILE B 50 28.95 39.30 13.11
C ILE B 50 30.31 39.40 13.78
N LYS B 51 30.77 38.29 14.38
CA LYS B 51 32.04 38.29 15.09
C LYS B 51 33.08 37.44 14.36
N ALA B 52 34.02 38.12 13.70
CA ALA B 52 35.09 37.44 12.99
C ALA B 52 36.45 37.75 13.60
N ARG B 53 37.29 36.74 13.71
CA ARG B 53 38.64 36.95 14.13
C ARG B 53 39.60 35.83 13.77
N VAL B 54 40.85 36.16 13.60
CA VAL B 54 41.91 35.18 13.41
C VAL B 54 42.39 34.72 14.77
N SER B 55 42.37 33.41 15.01
CA SER B 55 42.75 32.88 16.32
C SER B 55 43.99 31.99 16.21
N GLY B 56 45.06 32.39 16.90
CA GLY B 56 46.27 31.60 16.98
C GLY B 56 46.98 31.40 15.65
N GLN B 57 47.05 32.49 14.89
CA GLN B 57 47.92 32.60 13.72
C GLN B 57 47.47 31.83 12.48
N ASN B 58 46.64 30.80 12.65
CA ASN B 58 46.26 29.96 11.52
C ASN B 58 44.77 29.65 11.36
N GLU B 59 43.94 30.24 12.20
CA GLU B 59 42.49 29.97 12.15
C GLU B 59 41.64 31.22 12.09
N LEU B 60 40.88 31.38 11.01
CA LEU B 60 39.88 32.44 10.94
C LEU B 60 38.52 31.90 11.35
N ILE B 61 37.95 32.46 12.41
CA ILE B 61 36.66 32.02 12.90
C ILE B 61 35.59 33.07 12.63
N ILE B 62 34.56 32.67 11.90
CA ILE B 62 33.45 33.57 11.62
C ILE B 62 32.20 33.11 12.37
N GLU B 63 31.70 33.98 13.24
CA GLU B 63 30.53 33.65 14.05
C GLU B 63 29.46 34.75 13.93
N ALA B 64 28.21 34.34 13.76
CA ALA B 64 27.12 35.28 13.67
C ALA B 64 25.84 34.72 14.28
N GLU B 65 24.98 35.60 14.77
CA GLU B 65 23.70 35.24 15.33
C GLU B 65 22.69 36.20 14.80
N ARG B 66 21.45 35.77 14.61
CA ARG B 66 20.37 36.64 14.19
C ARG B 66 19.03 36.17 14.73
N GLU B 67 18.13 37.12 14.95
CA GLU B 67 16.77 36.80 15.34
C GLU B 67 15.94 36.60 14.08
N ILE B 68 15.34 35.43 13.94
CA ILE B 68 14.48 35.16 12.80
C ILE B 68 13.02 35.25 13.26
N THR B 69 12.39 36.37 12.94
CA THR B 69 11.00 36.59 13.33
C THR B 69 10.07 36.44 12.13
N GLU B 70 9.30 35.36 12.12
CA GLU B 70 8.37 35.08 11.04
C GLU B 70 7.01 34.69 11.61
N PRO B 71 6.12 35.68 11.80
CA PRO B 71 4.78 35.39 12.34
C PRO B 71 3.94 34.60 11.34
N GLY B 72 3.12 33.68 11.84
CA GLY B 72 2.28 32.88 10.98
C GLY B 72 2.65 31.40 10.97
N VAL B 73 2.29 30.71 9.90
CA VAL B 73 2.48 29.27 9.79
C VAL B 73 3.66 28.91 8.89
N LYS B 74 4.64 28.19 9.44
CA LYS B 74 5.82 27.78 8.68
C LYS B 74 5.56 26.52 7.88
N TYR B 75 6.01 26.54 6.62
CA TYR B 75 5.95 25.35 5.79
C TYR B 75 7.37 24.88 5.49
N LEU B 76 8.25 25.85 5.27
CA LEU B 76 9.66 25.58 5.01
C LEU B 76 10.54 26.48 5.86
N THR B 77 11.56 25.89 6.48
CA THR B 77 12.51 26.66 7.28
C THR B 77 13.93 26.12 7.10
N GLN B 78 14.74 26.83 6.32
CA GLN B 78 16.09 26.37 6.01
C GLN B 78 17.18 27.35 6.47
N ARG B 79 16.78 28.61 6.64
CA ARG B 79 17.73 29.66 7.00
C ARG B 79 18.16 29.57 8.46
N PRO B 80 19.46 29.36 8.70
CA PRO B 80 19.99 29.16 10.06
C PRO B 80 20.01 30.45 10.89
N LYS B 81 19.91 30.30 12.21
CA LYS B 81 19.95 31.43 13.12
C LYS B 81 21.36 31.63 13.65
N TYR B 82 22.10 30.54 13.79
CA TYR B 82 23.47 30.55 14.26
C TYR B 82 24.43 30.20 13.14
N VAL B 83 25.58 30.86 13.10
CA VAL B 83 26.63 30.54 12.13
C VAL B 83 27.97 30.39 12.82
N ARG B 84 28.73 29.38 12.42
CA ARG B 84 30.09 29.21 12.91
C ARG B 84 30.91 28.43 11.89
N LYS B 85 31.96 29.08 11.37
CA LYS B 85 32.81 28.46 10.39
C LYS B 85 34.29 28.72 10.67
N VAL B 86 35.03 27.66 10.94
CA VAL B 86 36.47 27.76 11.11
C VAL B 86 37.15 27.56 9.76
N ILE B 87 38.01 28.51 9.40
CA ILE B 87 38.69 28.45 8.12
C ILE B 87 40.17 28.14 8.29
N ARG B 88 40.53 27.00 7.76
CA ARG B 88 41.90 26.61 7.76
C ARG B 88 42.52 27.78 7.01
N LEU B 89 43.53 28.40 7.60
CA LEU B 89 44.28 29.42 6.90
C LEU B 89 45.65 28.94 6.43
N PRO B 90 45.98 29.14 5.17
CA PRO B 90 47.25 28.72 4.62
C PRO B 90 48.54 29.38 5.12
N TYR B 91 48.53 30.67 5.38
CA TYR B 91 49.74 31.41 5.62
C TYR B 91 50.04 31.80 7.03
N ASN B 92 49.28 31.31 7.97
CA ASN B 92 49.74 31.49 9.32
C ASN B 92 50.08 32.96 9.38
N VAL B 93 49.22 33.77 8.81
CA VAL B 93 49.33 35.22 8.81
C VAL B 93 49.98 35.77 10.02
N ALA B 94 50.46 36.99 9.90
CA ALA B 94 51.01 37.73 11.01
C ALA B 94 49.99 37.98 12.10
N LYS B 95 50.45 37.95 13.34
CA LYS B 95 49.63 38.26 14.50
C LYS B 95 49.28 39.74 14.64
N ASP B 96 49.99 40.60 13.93
CA ASP B 96 49.98 42.01 14.25
C ASP B 96 49.25 42.97 13.33
N ALA B 97 49.03 42.59 12.08
CA ALA B 97 48.58 43.53 11.07
C ALA B 97 47.12 43.83 11.07
N GLU B 98 46.78 44.88 10.35
CA GLU B 98 45.44 45.39 10.31
C GLU B 98 44.62 44.61 9.31
N ILE B 99 43.62 43.91 9.82
CA ILE B 99 42.70 43.17 8.98
C ILE B 99 41.42 43.94 8.68
N SER B 100 41.09 44.04 7.40
CA SER B 100 39.89 44.75 6.95
C SER B 100 38.65 43.86 7.01
N GLY B 101 37.49 44.48 7.25
CA GLY B 101 36.24 43.77 7.29
C GLY B 101 35.05 44.58 6.80
N LYS B 102 34.55 44.23 5.62
CA LYS B 102 33.39 44.92 5.05
C LYS B 102 32.20 43.99 4.94
N TYR B 103 31.00 44.56 5.00
CA TYR B 103 29.76 43.79 4.88
C TYR B 103 28.75 44.58 4.07
N GLU B 104 28.54 44.16 2.82
CA GLU B 104 27.63 44.84 1.92
C GLU B 104 26.95 43.83 1.00
N ASN B 105 25.66 44.05 0.74
CA ASN B 105 24.85 43.16 -0.08
C ASN B 105 24.88 41.72 0.44
N GLY B 106 24.94 41.60 1.77
CA GLY B 106 24.98 40.30 2.40
C GLY B 106 26.35 39.64 2.36
N VAL B 107 27.28 40.23 1.61
CA VAL B 107 28.61 39.65 1.49
C VAL B 107 29.56 40.16 2.56
N LEU B 108 30.18 39.23 3.28
CA LEU B 108 31.21 39.55 4.25
C LEU B 108 32.58 39.34 3.61
N THR B 109 33.30 40.43 3.40
CA THR B 109 34.63 40.35 2.80
C THR B 109 35.71 40.70 3.83
N ILE B 110 36.63 39.78 4.06
CA ILE B 110 37.71 39.98 5.02
C ILE B 110 39.07 39.84 4.36
N ARG B 111 39.85 40.92 4.37
CA ARG B 111 41.18 40.91 3.75
C ARG B 111 42.28 40.83 4.80
N ILE B 112 43.00 39.72 4.79
CA ILE B 112 44.03 39.47 5.79
C ILE B 112 45.43 39.58 5.20
N PRO B 113 46.27 40.44 5.80
CA PRO B 113 47.66 40.66 5.34
C PRO B 113 48.57 39.50 5.72
N ILE B 114 49.46 39.15 4.81
CA ILE B 114 50.37 38.02 5.00
C ILE B 114 51.80 38.48 5.28
N ALA B 115 52.42 37.90 6.30
CA ALA B 115 53.82 38.15 6.59
C ALA B 115 54.54 36.84 6.94
N GLU C 13 -17.41 12.61 11.63
CA GLU C 13 -17.67 12.65 13.06
C GLU C 13 -16.67 11.78 13.80
N GLU C 14 -16.46 12.04 15.08
CA GLU C 14 -15.53 11.25 15.86
C GLU C 14 -16.11 9.91 16.31
N LEU C 15 -16.17 8.96 15.39
CA LEU C 15 -16.37 7.57 15.74
C LEU C 15 -15.08 6.79 15.44
N SER C 16 -14.40 6.33 16.49
CA SER C 16 -13.00 5.90 16.37
C SER C 16 -12.76 4.49 15.83
N ARG C 17 -11.50 4.08 15.95
CA ARG C 17 -11.01 2.80 15.48
C ARG C 17 -11.85 1.62 15.94
N GLY C 18 -12.34 1.69 17.18
CA GLY C 18 -13.16 0.62 17.72
C GLY C 18 -14.37 0.32 16.87
N PHE C 19 -15.07 1.37 16.47
CA PHE C 19 -16.24 1.22 15.61
C PHE C 19 -15.87 0.62 14.25
N TYR C 20 -14.78 1.12 13.66
CA TYR C 20 -14.43 0.72 12.31
C TYR C 20 -13.96 -0.73 12.22
N GLU C 21 -13.15 -1.17 13.17
CA GLU C 21 -12.68 -2.55 13.17
C GLU C 21 -13.82 -3.55 13.41
N LEU C 22 -15.01 -3.01 13.69
CA LEU C 22 -16.20 -3.82 13.91
C LEU C 22 -16.93 -4.05 12.58
N VAL C 23 -16.67 -3.21 11.60
CA VAL C 23 -17.34 -3.28 10.30
C VAL C 23 -16.38 -3.36 9.12
N TYR C 24 -15.12 -2.98 9.35
CA TYR C 24 -14.11 -2.95 8.30
C TYR C 24 -13.45 -4.32 8.20
N PRO C 25 -13.09 -4.74 6.98
CA PRO C 25 -13.32 -4.05 5.71
C PRO C 25 -14.63 -4.47 5.05
N PRO C 26 -15.16 -3.61 4.16
CA PRO C 26 -16.33 -4.03 3.38
C PRO C 26 -15.93 -5.16 2.44
N VAL C 27 -16.82 -6.15 2.29
CA VAL C 27 -16.51 -7.32 1.47
C VAL C 27 -17.57 -7.59 0.43
N ASP C 28 -17.14 -7.93 -0.80
CA ASP C 28 -18.04 -8.48 -1.80
C ASP C 28 -17.78 -9.97 -1.96
N MET C 29 -18.85 -10.74 -2.14
CA MET C 29 -18.73 -12.18 -2.37
C MET C 29 -19.66 -12.66 -3.48
N TYR C 30 -19.08 -13.28 -4.50
CA TYR C 30 -19.84 -13.76 -5.65
C TYR C 30 -19.19 -14.99 -6.27
N GLU C 31 -19.97 -15.74 -7.05
CA GLU C 31 -19.46 -16.93 -7.70
C GLU C 31 -19.28 -16.73 -9.20
N GLU C 32 -18.04 -16.82 -9.65
CA GLU C 32 -17.71 -16.69 -11.05
C GLU C 32 -16.89 -17.89 -11.50
N GLY C 33 -17.42 -18.64 -12.46
CA GLY C 33 -16.77 -19.86 -12.91
C GLY C 33 -16.91 -20.95 -11.86
N GLY C 34 -15.79 -21.58 -11.51
CA GLY C 34 -15.79 -22.61 -10.49
C GLY C 34 -15.24 -22.11 -9.16
N TYR C 35 -15.16 -20.79 -9.01
CA TYR C 35 -14.60 -20.22 -7.80
C TYR C 35 -15.56 -19.28 -7.09
N LEU C 36 -15.43 -19.22 -5.77
CA LEU C 36 -16.08 -18.20 -4.98
C LEU C 36 -15.07 -17.08 -4.84
N VAL C 37 -15.48 -15.85 -5.14
CA VAL C 37 -14.56 -14.71 -5.11
C VAL C 37 -14.86 -13.80 -3.91
N VAL C 38 -13.88 -13.66 -3.03
CA VAL C 38 -14.03 -12.74 -1.89
C VAL C 38 -13.12 -11.52 -2.06
N VAL C 39 -13.74 -10.36 -2.25
CA VAL C 39 -13.03 -9.12 -2.47
C VAL C 39 -13.17 -8.19 -1.27
N ALA C 40 -12.05 -7.78 -0.69
CA ALA C 40 -12.08 -6.92 0.49
C ALA C 40 -11.22 -5.66 0.33
N ASP C 41 -11.82 -4.51 0.63
CA ASP C 41 -11.07 -3.26 0.65
C ASP C 41 -10.27 -3.16 1.94
N LEU C 42 -9.08 -3.76 1.94
CA LEU C 42 -8.23 -3.78 3.13
C LEU C 42 -6.95 -2.99 2.87
N ALA C 43 -7.08 -1.67 2.81
CA ALA C 43 -5.97 -0.79 2.45
C ALA C 43 -4.94 -0.61 3.58
N GLY C 44 -3.68 -0.48 3.18
CA GLY C 44 -2.62 -0.10 4.11
C GLY C 44 -2.19 -1.17 5.10
N PHE C 45 -2.06 -2.40 4.62
CA PHE C 45 -1.53 -3.48 5.45
C PHE C 45 -0.38 -4.17 4.74
N ASN C 46 0.52 -4.77 5.52
CA ASN C 46 1.54 -5.64 4.96
C ASN C 46 0.92 -6.98 4.65
N LYS C 47 1.18 -7.51 3.46
CA LYS C 47 0.57 -8.78 3.07
C LYS C 47 1.02 -9.94 3.96
N GLU C 48 2.19 -9.79 4.57
CA GLU C 48 2.70 -10.79 5.51
C GLU C 48 1.94 -10.71 6.84
N LYS C 49 1.28 -9.58 7.07
CA LYS C 49 0.52 -9.36 8.29
C LYS C 49 -0.93 -9.82 8.14
N ILE C 50 -1.37 -10.04 6.90
CA ILE C 50 -2.72 -10.54 6.64
C ILE C 50 -2.77 -12.04 6.89
N LYS C 51 -3.78 -12.49 7.62
CA LYS C 51 -3.94 -13.91 7.94
C LYS C 51 -5.35 -14.41 7.69
N ALA C 52 -5.62 -14.82 6.45
CA ALA C 52 -6.95 -15.32 6.09
C ALA C 52 -7.01 -16.84 6.22
N ARG C 53 -8.19 -17.36 6.55
CA ARG C 53 -8.34 -18.78 6.86
C ARG C 53 -9.80 -19.20 6.77
N VAL C 54 -10.04 -20.42 6.30
CA VAL C 54 -11.38 -20.99 6.33
C VAL C 54 -11.51 -21.96 7.49
N SER C 55 -12.50 -21.74 8.35
CA SER C 55 -12.69 -22.58 9.52
C SER C 55 -14.10 -23.15 9.58
N GLY C 56 -14.19 -24.43 9.87
CA GLY C 56 -15.47 -25.08 9.95
C GLY C 56 -16.14 -25.26 8.62
N GLN C 57 -15.36 -25.11 7.56
CA GLN C 57 -15.71 -25.48 6.21
C GLN C 57 -16.51 -24.39 5.54
N ASN C 58 -17.13 -23.53 6.31
CA ASN C 58 -18.04 -22.53 5.79
C ASN C 58 -17.90 -21.15 6.38
N GLU C 59 -16.82 -20.92 7.05
CA GLU C 59 -16.54 -19.60 7.60
C GLU C 59 -15.19 -19.09 7.14
N LEU C 60 -15.19 -17.93 6.49
CA LEU C 60 -13.96 -17.28 6.10
C LEU C 60 -13.58 -16.25 7.17
N ILE C 61 -12.39 -16.40 7.74
CA ILE C 61 -11.89 -15.44 8.71
C ILE C 61 -10.71 -14.66 8.16
N ILE C 62 -10.91 -13.36 7.99
CA ILE C 62 -9.82 -12.48 7.56
C ILE C 62 -9.30 -11.70 8.77
N GLU C 63 -8.06 -11.97 9.16
CA GLU C 63 -7.44 -11.28 10.29
C GLU C 63 -6.24 -10.47 9.81
N ALA C 64 -6.05 -9.28 10.38
CA ALA C 64 -4.90 -8.45 10.04
C ALA C 64 -4.51 -7.49 11.15
N GLU C 65 -3.26 -7.06 11.12
CA GLU C 65 -2.74 -6.09 12.10
C GLU C 65 -1.75 -5.16 11.41
N ARG C 66 -1.57 -3.97 11.97
CA ARG C 66 -0.61 -3.02 11.42
C ARG C 66 -0.17 -2.05 12.51
N GLU C 67 0.95 -1.37 12.26
CA GLU C 67 1.40 -0.30 13.15
C GLU C 67 0.98 1.04 12.57
N ILE C 68 0.35 1.86 13.38
CA ILE C 68 -0.03 3.21 12.94
C ILE C 68 0.62 4.27 13.83
N THR C 69 1.77 4.77 13.39
CA THR C 69 2.46 5.84 14.10
C THR C 69 2.37 7.15 13.32
N GLU C 70 1.62 8.10 13.87
CA GLU C 70 1.39 9.38 13.21
C GLU C 70 1.92 10.54 14.06
N PRO C 71 3.07 11.08 13.66
CA PRO C 71 3.75 12.16 14.40
C PRO C 71 2.97 13.47 14.38
N GLY C 72 2.69 14.01 15.57
CA GLY C 72 2.02 15.29 15.68
C GLY C 72 0.72 15.21 16.47
N VAL C 73 -0.01 16.33 16.50
CA VAL C 73 -1.30 16.38 17.16
C VAL C 73 -2.38 15.77 16.27
N LYS C 74 -3.14 14.84 16.83
CA LYS C 74 -4.17 14.13 16.07
C LYS C 74 -5.55 14.69 16.37
N TYR C 75 -6.36 14.83 15.31
CA TYR C 75 -7.70 15.38 15.45
C TYR C 75 -8.74 14.34 15.04
N LEU C 76 -8.29 13.26 14.44
CA LEU C 76 -9.18 12.21 13.96
C LEU C 76 -8.47 10.87 13.95
N THR C 77 -9.05 9.89 14.63
CA THR C 77 -8.50 8.55 14.68
C THR C 77 -9.63 7.55 14.40
N GLN C 78 -9.62 6.98 13.20
CA GLN C 78 -10.69 6.09 12.76
C GLN C 78 -10.14 4.79 12.17
N ARG C 79 -8.98 4.88 11.53
CA ARG C 79 -8.39 3.76 10.81
C ARG C 79 -8.00 2.61 11.74
N PRO C 80 -8.56 1.41 11.48
CA PRO C 80 -8.38 0.26 12.38
C PRO C 80 -6.93 -0.21 12.46
N LYS C 81 -6.50 -0.54 13.68
CA LYS C 81 -5.19 -1.14 13.88
C LYS C 81 -5.29 -2.65 13.69
N TYR C 82 -6.32 -3.24 14.28
CA TYR C 82 -6.61 -4.66 14.11
C TYR C 82 -7.82 -4.85 13.20
N VAL C 83 -7.83 -5.96 12.47
CA VAL C 83 -8.97 -6.32 11.63
C VAL C 83 -9.30 -7.79 11.84
N ARG C 84 -10.56 -8.09 12.13
CA ARG C 84 -11.01 -9.48 12.24
C ARG C 84 -12.41 -9.61 11.65
N LYS C 85 -12.47 -10.01 10.39
CA LYS C 85 -13.73 -10.14 9.69
C LYS C 85 -14.13 -11.60 9.52
N VAL C 86 -15.37 -11.93 9.87
CA VAL C 86 -15.86 -13.30 9.72
C VAL C 86 -16.99 -13.36 8.69
N ILE C 87 -16.83 -14.22 7.69
CA ILE C 87 -17.76 -14.28 6.57
C ILE C 87 -18.31 -15.69 6.40
N ARG C 88 -19.63 -15.82 6.44
CA ARG C 88 -20.26 -17.11 6.23
C ARG C 88 -20.29 -17.44 4.74
N LEU C 89 -19.89 -18.67 4.41
CA LEU C 89 -19.80 -19.10 3.02
C LEU C 89 -21.04 -19.88 2.58
N PRO C 90 -21.43 -19.73 1.30
CA PRO C 90 -22.62 -20.38 0.74
C PRO C 90 -22.50 -21.90 0.67
N TYR C 91 -21.31 -22.43 0.94
CA TYR C 91 -21.09 -23.87 0.88
C TYR C 91 -19.94 -24.29 1.79
N ASN C 92 -19.86 -25.59 2.05
CA ASN C 92 -18.74 -26.15 2.81
C ASN C 92 -17.53 -26.34 1.90
N VAL C 93 -16.51 -25.51 2.11
CA VAL C 93 -15.29 -25.64 1.34
C VAL C 93 -14.62 -26.96 1.68
N ALA C 94 -14.26 -27.72 0.65
CA ALA C 94 -13.54 -28.96 0.85
C ALA C 94 -12.19 -28.64 1.48
N LYS C 95 -11.74 -29.51 2.38
CA LYS C 95 -10.50 -29.27 3.11
C LYS C 95 -9.30 -29.42 2.20
N ASP C 96 -9.52 -29.99 1.02
CA ASP C 96 -8.48 -30.20 0.02
C ASP C 96 -8.19 -28.92 -0.76
N ALA C 97 -9.15 -27.99 -0.74
CA ALA C 97 -9.13 -26.81 -1.61
C ALA C 97 -7.87 -25.94 -1.51
N GLU C 98 -7.23 -25.72 -2.65
CA GLU C 98 -6.18 -24.72 -2.75
C GLU C 98 -6.82 -23.35 -2.80
N ILE C 99 -6.38 -22.45 -1.94
CA ILE C 99 -6.96 -21.12 -1.86
C ILE C 99 -5.91 -20.03 -2.07
N SER C 100 -6.14 -19.19 -3.08
CA SER C 100 -5.18 -18.16 -3.43
C SER C 100 -5.63 -16.78 -2.95
N GLY C 101 -4.68 -15.99 -2.45
CA GLY C 101 -4.97 -14.64 -2.02
C GLY C 101 -4.14 -13.62 -2.78
N LYS C 102 -4.80 -12.59 -3.31
CA LYS C 102 -4.11 -11.51 -4.01
C LYS C 102 -4.32 -10.16 -3.33
N TYR C 103 -3.24 -9.41 -3.18
CA TYR C 103 -3.30 -8.11 -2.52
C TYR C 103 -2.70 -7.03 -3.43
N GLU C 104 -3.55 -6.17 -3.96
CA GLU C 104 -3.14 -5.16 -4.93
C GLU C 104 -4.01 -3.91 -4.78
N ASN C 105 -3.36 -2.75 -4.68
CA ASN C 105 -4.07 -1.47 -4.55
C ASN C 105 -4.97 -1.44 -3.32
N GLY C 106 -4.54 -2.12 -2.26
CA GLY C 106 -5.30 -2.18 -1.03
C GLY C 106 -6.40 -3.22 -1.06
N VAL C 107 -6.69 -3.74 -2.25
CA VAL C 107 -7.75 -4.72 -2.41
C VAL C 107 -7.26 -6.15 -2.20
N LEU C 108 -7.88 -6.86 -1.27
CA LEU C 108 -7.57 -8.27 -1.03
C LEU C 108 -8.60 -9.16 -1.73
N THR C 109 -8.14 -9.93 -2.70
CA THR C 109 -9.02 -10.84 -3.43
C THR C 109 -8.68 -12.28 -3.11
N ILE C 110 -9.70 -13.06 -2.75
CA ILE C 110 -9.50 -14.46 -2.41
C ILE C 110 -10.45 -15.34 -3.22
N ARG C 111 -9.89 -16.27 -3.99
CA ARG C 111 -10.72 -17.20 -4.76
C ARG C 111 -10.72 -18.60 -4.13
N ILE C 112 -11.92 -19.13 -3.90
CA ILE C 112 -12.07 -20.45 -3.31
C ILE C 112 -12.88 -21.35 -4.23
N PRO C 113 -12.36 -22.55 -4.53
CA PRO C 113 -13.03 -23.54 -5.37
C PRO C 113 -14.38 -23.93 -4.82
N ILE C 114 -15.39 -24.05 -5.69
CA ILE C 114 -16.72 -24.46 -5.29
C ILE C 114 -16.88 -25.97 -5.46
N ALA C 115 -17.42 -26.64 -4.45
CA ALA C 115 -17.61 -28.07 -4.52
C ALA C 115 -19.04 -28.42 -4.93
N LYS D 6 -24.78 11.49 15.19
CA LYS D 6 -25.63 10.32 15.41
C LYS D 6 -25.15 9.11 14.62
N GLU D 7 -24.40 8.24 15.28
CA GLU D 7 -23.96 6.99 14.69
C GLU D 7 -24.66 5.82 15.40
N LEU D 8 -25.62 6.17 16.25
CA LEU D 8 -26.42 5.17 16.95
C LEU D 8 -27.21 4.36 15.94
N GLN D 9 -26.61 3.30 15.42
CA GLN D 9 -27.21 2.51 14.36
C GLN D 9 -27.59 1.11 14.83
N LYS D 10 -28.52 0.51 14.11
CA LYS D 10 -28.95 -0.85 14.40
C LYS D 10 -28.29 -1.80 13.41
N ARG D 11 -27.02 -2.12 13.67
CA ARG D 11 -26.25 -2.97 12.77
C ARG D 11 -26.04 -4.36 13.33
N SER D 12 -26.44 -5.38 12.58
CA SER D 12 -26.28 -6.77 12.99
C SER D 12 -25.85 -7.65 11.83
N GLU D 13 -26.77 -7.90 10.91
CA GLU D 13 -26.49 -8.76 9.77
C GLU D 13 -26.78 -8.06 8.43
N GLU D 14 -25.95 -8.37 7.43
CA GLU D 14 -26.10 -7.84 6.08
C GLU D 14 -26.05 -6.31 5.99
N LEU D 15 -24.90 -5.76 6.34
CA LEU D 15 -24.62 -4.35 6.10
C LEU D 15 -24.48 -4.17 4.59
N SER D 16 -25.23 -3.24 4.03
CA SER D 16 -25.27 -3.07 2.58
C SER D 16 -24.22 -2.10 2.07
N ARG D 17 -24.25 -1.86 0.75
CA ARG D 17 -23.41 -0.85 0.13
C ARG D 17 -23.83 0.53 0.62
N GLY D 18 -25.10 0.64 1.02
CA GLY D 18 -25.66 1.89 1.49
C GLY D 18 -25.17 2.25 2.87
N PHE D 19 -24.97 1.25 3.73
CA PHE D 19 -24.44 1.50 5.06
C PHE D 19 -23.01 2.04 4.97
N TYR D 20 -22.19 1.34 4.19
CA TYR D 20 -20.78 1.67 4.09
C TYR D 20 -20.52 3.04 3.46
N GLU D 21 -21.37 3.44 2.52
CA GLU D 21 -21.25 4.76 1.90
C GLU D 21 -21.35 5.88 2.93
N LEU D 22 -21.97 5.60 4.06
CA LEU D 22 -22.17 6.60 5.11
C LEU D 22 -21.02 6.65 6.11
N VAL D 23 -20.11 5.68 6.04
CA VAL D 23 -18.98 5.65 6.97
C VAL D 23 -17.64 5.53 6.25
N TYR D 24 -17.66 5.02 5.02
CA TYR D 24 -16.44 4.83 4.24
C TYR D 24 -15.96 6.17 3.71
N PRO D 25 -14.64 6.41 3.76
CA PRO D 25 -13.64 5.52 4.35
C PRO D 25 -13.26 5.95 5.76
N PRO D 26 -12.63 5.06 6.54
CA PRO D 26 -12.08 5.48 7.83
C PRO D 26 -10.90 6.43 7.60
N VAL D 27 -10.86 7.51 8.37
CA VAL D 27 -9.91 8.58 8.10
C VAL D 27 -9.14 9.01 9.36
N ASP D 28 -7.83 9.21 9.20
CA ASP D 28 -7.02 9.81 10.25
C ASP D 28 -6.57 11.21 9.84
N MET D 29 -6.64 12.15 10.78
CA MET D 29 -6.18 13.50 10.54
C MET D 29 -5.26 14.00 11.65
N TYR D 30 -4.04 14.38 11.28
CA TYR D 30 -3.10 14.95 12.23
C TYR D 30 -2.35 16.15 11.65
N GLU D 31 -1.76 16.96 12.52
CA GLU D 31 -1.03 18.14 12.10
C GLU D 31 0.48 17.90 12.14
N GLU D 32 1.18 18.47 11.17
CA GLU D 32 2.64 18.37 11.13
C GLU D 32 3.26 19.42 10.22
N GLY D 33 4.04 20.32 10.81
CA GLY D 33 4.80 21.29 10.06
C GLY D 33 3.97 22.26 9.22
N GLY D 34 2.88 22.73 9.79
CA GLY D 34 2.04 23.69 9.09
C GLY D 34 1.13 23.04 8.07
N TYR D 35 1.02 21.72 8.13
CA TYR D 35 0.12 20.98 7.25
C TYR D 35 -0.83 20.09 8.04
N LEU D 36 -2.08 20.06 7.62
CA LEU D 36 -3.02 19.05 8.09
C LEU D 36 -2.87 17.82 7.20
N VAL D 37 -2.46 16.71 7.80
CA VAL D 37 -2.31 15.46 7.06
C VAL D 37 -3.54 14.58 7.22
N VAL D 38 -4.18 14.27 6.11
CA VAL D 38 -5.35 13.40 6.12
C VAL D 38 -5.03 12.03 5.51
N VAL D 39 -5.18 10.98 6.32
CA VAL D 39 -4.90 9.62 5.88
C VAL D 39 -6.18 8.81 5.79
N ALA D 40 -6.43 8.20 4.64
CA ALA D 40 -7.67 7.47 4.40
C ALA D 40 -7.47 6.10 3.79
N ASP D 41 -8.04 5.08 4.41
CA ASP D 41 -8.04 3.73 3.83
C ASP D 41 -9.10 3.67 2.73
N LEU D 42 -8.65 3.84 1.49
CA LEU D 42 -9.54 4.00 0.35
C LEU D 42 -9.12 3.08 -0.80
N ALA D 43 -9.23 1.78 -0.56
CA ALA D 43 -8.75 0.79 -1.52
C ALA D 43 -9.67 0.63 -2.74
N GLY D 44 -9.07 0.26 -3.87
CA GLY D 44 -9.82 -0.15 -5.04
C GLY D 44 -10.32 0.96 -5.95
N PHE D 45 -9.62 2.08 -5.94
CA PHE D 45 -10.02 3.22 -6.78
C PHE D 45 -8.92 3.63 -7.74
N ASN D 46 -9.32 4.14 -8.91
CA ASN D 46 -8.41 4.82 -9.80
C ASN D 46 -7.99 6.13 -9.14
N LYS D 47 -6.71 6.45 -9.19
CA LYS D 47 -6.20 7.67 -8.57
C LYS D 47 -6.82 8.91 -9.21
N GLU D 48 -7.24 8.79 -10.46
CA GLU D 48 -7.77 9.92 -11.21
C GLU D 48 -9.26 10.12 -10.97
N LYS D 49 -9.87 9.19 -10.23
CA LYS D 49 -11.28 9.33 -9.86
C LYS D 49 -11.44 9.69 -8.39
N ILE D 50 -10.31 9.78 -7.70
CA ILE D 50 -10.29 10.27 -6.33
C ILE D 50 -10.15 11.78 -6.36
N LYS D 51 -11.08 12.48 -5.72
CA LYS D 51 -11.06 13.94 -5.71
C LYS D 51 -11.05 14.49 -4.29
N ALA D 52 -10.20 15.47 -4.03
CA ALA D 52 -10.14 16.11 -2.73
C ALA D 52 -10.25 17.63 -2.87
N ARG D 53 -11.27 18.20 -2.24
CA ARG D 53 -11.53 19.62 -2.37
C ARG D 53 -11.73 20.28 -1.01
N VAL D 54 -11.21 21.49 -0.86
CA VAL D 54 -11.40 22.25 0.35
C VAL D 54 -12.13 23.55 0.07
N SER D 55 -13.36 23.65 0.57
CA SER D 55 -14.13 24.86 0.39
C SER D 55 -14.78 25.21 1.73
N GLY D 56 -15.32 26.41 1.84
CA GLY D 56 -15.91 26.88 3.08
C GLY D 56 -14.90 27.06 4.19
N GLN D 57 -13.65 27.31 3.78
CA GLN D 57 -12.54 27.66 4.68
C GLN D 57 -12.14 26.62 5.75
N ASN D 58 -13.01 25.66 6.05
CA ASN D 58 -12.69 24.67 7.07
C ASN D 58 -13.30 23.30 6.81
N GLU D 59 -13.65 23.03 5.55
CA GLU D 59 -14.28 21.77 5.21
C GLU D 59 -13.54 21.04 4.09
N LEU D 60 -13.14 19.80 4.37
CA LEU D 60 -12.42 18.98 3.40
C LEU D 60 -13.37 17.93 2.83
N ILE D 61 -13.50 17.91 1.50
CA ILE D 61 -14.34 16.92 0.84
C ILE D 61 -13.50 15.87 0.11
N ILE D 62 -13.63 14.63 0.53
CA ILE D 62 -13.01 13.51 -0.17
C ILE D 62 -14.08 12.72 -0.90
N GLU D 63 -14.03 12.75 -2.23
CA GLU D 63 -14.99 12.00 -3.04
C GLU D 63 -14.28 11.11 -4.05
N ALA D 64 -14.86 9.93 -4.28
CA ALA D 64 -14.29 8.97 -5.21
C ALA D 64 -15.38 8.17 -5.90
N GLU D 65 -15.11 7.76 -7.14
CA GLU D 65 -16.09 7.03 -7.94
C GLU D 65 -15.41 5.83 -8.58
N ARG D 66 -16.10 4.69 -8.62
CA ARG D 66 -15.55 3.51 -9.27
C ARG D 66 -16.65 2.61 -9.83
N GLU D 67 -16.33 1.90 -10.91
CA GLU D 67 -17.21 0.87 -11.42
C GLU D 67 -16.87 -0.46 -10.77
N ILE D 68 -17.89 -1.16 -10.30
CA ILE D 68 -17.68 -2.48 -9.73
C ILE D 68 -18.44 -3.51 -10.56
N THR D 69 -17.71 -4.20 -11.45
CA THR D 69 -18.31 -5.20 -12.32
C THR D 69 -17.94 -6.61 -11.89
N GLU D 70 -18.88 -7.26 -11.21
CA GLU D 70 -18.65 -8.60 -10.66
C GLU D 70 -19.65 -9.58 -11.25
N PRO D 71 -19.24 -10.31 -12.30
CA PRO D 71 -20.11 -11.27 -12.97
C PRO D 71 -20.35 -12.52 -12.12
N GLY D 72 -21.60 -12.93 -12.03
CA GLY D 72 -21.95 -14.12 -11.26
C GLY D 72 -22.85 -13.81 -10.08
N VAL D 73 -23.43 -14.86 -9.52
CA VAL D 73 -24.36 -14.72 -8.40
C VAL D 73 -23.69 -14.08 -7.19
N LYS D 74 -24.24 -12.95 -6.76
CA LYS D 74 -23.69 -12.21 -5.63
C LYS D 74 -24.32 -12.67 -4.32
N TYR D 75 -23.48 -12.87 -3.31
CA TYR D 75 -23.95 -13.34 -2.01
C TYR D 75 -23.76 -12.27 -0.94
N LEU D 76 -22.70 -11.48 -1.10
CA LEU D 76 -22.41 -10.37 -0.20
C LEU D 76 -21.98 -9.18 -1.05
N THR D 77 -22.50 -8.01 -0.73
CA THR D 77 -22.21 -6.83 -1.54
C THR D 77 -22.13 -5.55 -0.69
N GLN D 78 -20.93 -5.27 -0.18
CA GLN D 78 -20.73 -4.18 0.78
C GLN D 78 -19.87 -3.04 0.24
N ARG D 79 -18.91 -3.35 -0.62
CA ARG D 79 -17.96 -2.37 -1.13
C ARG D 79 -18.65 -1.28 -1.98
N PRO D 80 -18.54 -0.03 -1.54
CA PRO D 80 -19.22 1.14 -2.13
C PRO D 80 -18.74 1.51 -3.54
N LYS D 81 -19.66 2.00 -4.36
CA LYS D 81 -19.30 2.52 -5.69
C LYS D 81 -19.03 4.01 -5.61
N TYR D 82 -19.71 4.66 -4.66
CA TYR D 82 -19.55 6.09 -4.45
C TYR D 82 -19.00 6.37 -3.06
N VAL D 83 -18.11 7.36 -2.97
CA VAL D 83 -17.55 7.77 -1.69
C VAL D 83 -17.69 9.28 -1.52
N ARG D 84 -18.18 9.71 -0.36
CA ARG D 84 -18.21 11.13 -0.03
C ARG D 84 -17.96 11.35 1.45
N LYS D 85 -16.82 11.93 1.77
CA LYS D 85 -16.40 12.08 3.16
C LYS D 85 -16.22 13.55 3.53
N VAL D 86 -16.94 13.99 4.55
CA VAL D 86 -16.87 15.37 4.99
C VAL D 86 -16.10 15.48 6.31
N ILE D 87 -15.00 16.23 6.28
CA ILE D 87 -14.15 16.40 7.45
C ILE D 87 -13.96 17.87 7.77
N ARG D 88 -14.42 18.27 8.95
CA ARG D 88 -14.24 19.64 9.40
C ARG D 88 -12.81 19.82 9.91
N LEU D 89 -12.09 20.78 9.31
CA LEU D 89 -10.72 21.06 9.73
C LEU D 89 -10.68 21.94 10.97
N PRO D 90 -9.74 21.65 11.89
CA PRO D 90 -9.56 22.43 13.12
C PRO D 90 -8.86 23.76 12.86
N TYR D 91 -8.51 24.01 11.60
CA TYR D 91 -7.91 25.27 11.21
C TYR D 91 -8.53 25.78 9.92
N ASN D 92 -8.49 27.08 9.71
CA ASN D 92 -8.93 27.65 8.45
C ASN D 92 -7.89 27.43 7.36
N VAL D 93 -8.34 27.06 6.17
CA VAL D 93 -7.43 26.99 5.02
C VAL D 93 -7.91 27.93 3.93
N ALA D 94 -6.95 28.56 3.25
CA ALA D 94 -7.24 29.54 2.22
C ALA D 94 -8.02 28.91 1.07
N LYS D 95 -8.81 29.74 0.38
CA LYS D 95 -9.64 29.27 -0.73
C LYS D 95 -8.81 28.64 -1.84
N ASP D 96 -7.64 29.22 -2.10
CA ASP D 96 -6.77 28.74 -3.17
C ASP D 96 -5.60 27.92 -2.63
N ALA D 97 -5.82 27.23 -1.52
CA ALA D 97 -4.81 26.34 -0.95
C ALA D 97 -4.62 25.13 -1.86
N GLU D 98 -3.37 24.73 -2.05
CA GLU D 98 -3.04 23.58 -2.90
C GLU D 98 -2.95 22.30 -2.08
N ILE D 99 -3.70 21.29 -2.52
CA ILE D 99 -3.71 20.00 -1.86
C ILE D 99 -2.90 18.98 -2.66
N SER D 100 -1.82 18.46 -2.06
CA SER D 100 -1.02 17.44 -2.72
C SER D 100 -1.43 16.06 -2.20
N GLY D 101 -1.54 15.09 -3.11
CA GLY D 101 -2.00 13.76 -2.74
C GLY D 101 -0.96 12.67 -2.93
N LYS D 102 -1.19 11.54 -2.27
CA LYS D 102 -0.32 10.38 -2.38
C LYS D 102 -1.16 9.11 -2.20
N TYR D 103 -1.22 8.30 -3.25
CA TYR D 103 -2.08 7.11 -3.24
C TYR D 103 -1.28 5.83 -3.43
N GLU D 104 -0.98 5.17 -2.31
CA GLU D 104 -0.21 3.93 -2.33
C GLU D 104 -0.84 2.87 -1.43
N ASN D 105 -0.88 1.64 -1.93
CA ASN D 105 -1.40 0.50 -1.16
C ASN D 105 -2.83 0.74 -0.67
N GLY D 106 -3.61 1.44 -1.49
CA GLY D 106 -4.99 1.74 -1.16
C GLY D 106 -5.14 2.94 -0.24
N VAL D 107 -4.06 3.37 0.38
CA VAL D 107 -4.11 4.48 1.31
C VAL D 107 -3.96 5.82 0.61
N LEU D 108 -4.87 6.74 0.89
CA LEU D 108 -4.79 8.09 0.37
C LEU D 108 -4.25 9.04 1.44
N THR D 109 -3.17 9.74 1.09
CA THR D 109 -2.53 10.65 2.03
C THR D 109 -2.41 12.02 1.39
N ILE D 110 -3.16 12.97 1.91
CA ILE D 110 -3.13 14.32 1.38
C ILE D 110 -2.64 15.30 2.43
N ARG D 111 -2.03 16.39 1.97
CA ARG D 111 -1.49 17.42 2.86
C ARG D 111 -2.16 18.75 2.57
N ILE D 112 -2.64 19.41 3.61
CA ILE D 112 -3.33 20.69 3.45
C ILE D 112 -2.66 21.79 4.27
N PRO D 113 -2.22 22.86 3.60
CA PRO D 113 -1.60 24.02 4.25
C PRO D 113 -2.53 24.71 5.24
N ILE D 114 -2.03 24.94 6.45
CA ILE D 114 -2.82 25.55 7.53
C ILE D 114 -2.75 27.08 7.47
N ALA D 115 -3.84 27.77 7.82
CA ALA D 115 -3.84 29.23 7.84
C ALA D 115 -4.30 29.83 9.16
N LYS E 6 -22.15 11.46 -11.30
CA LYS E 6 -21.65 12.82 -11.56
C LYS E 6 -20.52 13.20 -10.60
N GLU E 7 -19.80 14.26 -10.96
CA GLU E 7 -18.74 14.77 -10.10
C GLU E 7 -19.22 16.01 -9.37
N LEU E 8 -20.48 16.00 -8.96
CA LEU E 8 -21.06 17.14 -8.26
C LEU E 8 -21.14 16.90 -6.75
N GLN E 9 -20.48 15.83 -6.29
CA GLN E 9 -20.45 15.53 -4.87
C GLN E 9 -19.14 15.97 -4.24
N LYS E 10 -18.31 16.59 -5.03
CA LYS E 10 -17.21 17.38 -4.55
C LYS E 10 -17.73 18.59 -3.84
N ARG E 11 -18.81 19.16 -4.33
CA ARG E 11 -19.35 20.38 -3.83
C ARG E 11 -19.94 20.23 -2.46
N SER E 12 -19.85 21.25 -1.63
CA SER E 12 -20.48 21.23 -0.33
C SER E 12 -21.98 21.48 -0.43
N GLU E 13 -22.69 21.18 0.63
CA GLU E 13 -24.07 20.90 0.50
C GLU E 13 -24.69 22.11 -0.11
N GLU E 14 -23.93 23.18 -0.21
CA GLU E 14 -24.45 24.35 -0.89
C GLU E 14 -24.59 24.11 -2.39
N LEU E 15 -25.38 23.10 -2.74
CA LEU E 15 -25.87 22.93 -4.10
C LEU E 15 -27.21 23.65 -4.16
N SER E 16 -27.53 24.24 -5.29
CA SER E 16 -28.75 25.03 -5.42
C SER E 16 -30.00 24.17 -5.49
N ARG E 17 -31.16 24.81 -5.43
CA ARG E 17 -32.42 24.13 -5.63
C ARG E 17 -32.47 23.55 -7.04
N GLY E 18 -31.71 24.16 -7.95
CA GLY E 18 -31.67 23.75 -9.34
C GLY E 18 -31.06 22.38 -9.54
N PHE E 19 -30.02 22.06 -8.83
CA PHE E 19 -29.43 20.77 -8.96
C PHE E 19 -30.41 19.72 -8.56
N TYR E 20 -31.19 20.01 -7.53
CA TYR E 20 -32.24 19.13 -7.14
C TYR E 20 -33.44 19.05 -8.11
N GLU E 21 -33.68 20.06 -8.94
CA GLU E 21 -34.71 20.01 -9.99
C GLU E 21 -34.36 18.89 -10.96
N LEU E 22 -33.06 18.76 -11.22
CA LEU E 22 -32.56 17.79 -12.19
C LEU E 22 -32.71 16.34 -11.73
N VAL E 23 -32.64 16.10 -10.43
CA VAL E 23 -32.56 14.74 -9.92
C VAL E 23 -33.73 14.31 -9.05
N TYR E 24 -34.42 15.27 -8.42
CA TYR E 24 -35.55 14.95 -7.55
C TYR E 24 -36.80 14.82 -8.41
N PRO E 25 -37.68 13.86 -8.09
CA PRO E 25 -37.54 12.90 -6.99
C PRO E 25 -36.86 11.61 -7.40
N PRO E 26 -36.28 10.88 -6.43
CA PRO E 26 -35.76 9.54 -6.73
C PRO E 26 -36.93 8.60 -7.06
N VAL E 27 -36.70 7.64 -7.94
CA VAL E 27 -37.77 6.75 -8.38
C VAL E 27 -37.40 5.28 -8.26
N ASP E 28 -38.31 4.49 -7.72
CA ASP E 28 -38.22 3.03 -7.78
C ASP E 28 -39.30 2.51 -8.70
N MET E 29 -38.91 1.84 -9.77
CA MET E 29 -39.87 1.27 -10.70
C MET E 29 -39.73 -0.24 -10.75
N TYR E 30 -40.84 -0.95 -10.55
CA TYR E 30 -40.82 -2.40 -10.55
C TYR E 30 -42.13 -3.00 -11.05
N GLU E 31 -42.11 -4.29 -11.35
CA GLU E 31 -43.30 -4.98 -11.83
C GLU E 31 -43.75 -6.03 -10.83
N GLU E 32 -45.05 -6.03 -10.52
CA GLU E 32 -45.62 -7.00 -9.59
C GLU E 32 -47.10 -7.23 -9.86
N GLY E 33 -47.48 -8.50 -9.90
CA GLY E 33 -48.88 -8.87 -10.06
C GLY E 33 -49.54 -8.26 -11.28
N GLY E 34 -48.78 -8.14 -12.36
CA GLY E 34 -49.31 -7.58 -13.60
C GLY E 34 -49.47 -6.07 -13.52
N TYR E 35 -48.74 -5.45 -12.61
CA TYR E 35 -48.76 -4.00 -12.47
C TYR E 35 -47.38 -3.39 -12.61
N LEU E 36 -47.29 -2.30 -13.37
CA LEU E 36 -46.08 -1.49 -13.41
C LEU E 36 -46.15 -0.46 -12.29
N VAL E 37 -45.30 -0.61 -11.28
CA VAL E 37 -45.37 0.23 -10.09
C VAL E 37 -44.25 1.29 -10.04
N VAL E 38 -44.64 2.55 -9.89
CA VAL E 38 -43.68 3.63 -9.78
C VAL E 38 -43.78 4.36 -8.44
N VAL E 39 -42.67 4.35 -7.69
CA VAL E 39 -42.64 4.95 -6.36
C VAL E 39 -41.64 6.09 -6.28
N ALA E 40 -42.11 7.26 -5.85
CA ALA E 40 -41.29 8.46 -5.84
C ALA E 40 -41.32 9.18 -4.48
N ASP E 41 -40.15 9.53 -3.97
CA ASP E 41 -40.04 10.35 -2.77
C ASP E 41 -40.28 11.81 -3.15
N LEU E 42 -41.52 12.26 -2.96
CA LEU E 42 -41.91 13.61 -3.38
C LEU E 42 -42.56 14.36 -2.21
N ALA E 43 -41.76 14.61 -1.17
CA ALA E 43 -42.27 15.24 0.05
C ALA E 43 -42.52 16.73 -0.09
N GLY E 44 -43.60 17.21 0.52
CA GLY E 44 -43.83 18.63 0.66
C GLY E 44 -44.69 19.31 -0.38
N PHE E 45 -45.45 18.53 -1.14
CA PHE E 45 -46.31 19.10 -2.15
C PHE E 45 -47.78 18.90 -1.82
N ASN E 46 -48.63 19.73 -2.41
CA ASN E 46 -50.06 19.55 -2.27
C ASN E 46 -50.52 18.47 -3.24
N LYS E 47 -51.44 17.62 -2.79
CA LYS E 47 -51.97 16.55 -3.61
C LYS E 47 -52.52 17.07 -4.94
N GLU E 48 -53.19 18.22 -4.88
CA GLU E 48 -53.84 18.79 -6.05
C GLU E 48 -52.87 19.40 -7.05
N LYS E 49 -51.63 19.64 -6.62
CA LYS E 49 -50.64 20.27 -7.49
C LYS E 49 -49.67 19.28 -8.13
N ILE E 50 -49.87 18.00 -7.82
CA ILE E 50 -49.08 16.93 -8.44
C ILE E 50 -49.79 16.43 -9.70
N LYS E 51 -49.18 16.67 -10.86
CA LYS E 51 -49.76 16.26 -12.13
C LYS E 51 -48.92 15.19 -12.82
N ALA E 52 -49.42 13.96 -12.85
CA ALA E 52 -48.73 12.87 -13.52
C ALA E 52 -49.53 12.34 -14.71
N ARG E 53 -48.86 12.17 -15.84
CA ARG E 53 -49.49 11.67 -17.07
C ARG E 53 -48.59 10.68 -17.79
N VAL E 54 -49.12 10.07 -18.84
CA VAL E 54 -48.35 9.20 -19.72
C VAL E 54 -48.26 9.83 -21.10
N SER E 55 -47.09 10.36 -21.45
CA SER E 55 -46.94 11.17 -22.67
C SER E 55 -46.39 10.39 -23.85
N GLY E 56 -47.22 9.51 -24.41
CA GLY E 56 -46.81 8.72 -25.57
C GLY E 56 -46.88 7.24 -25.30
N GLN E 57 -47.73 6.86 -24.35
CA GLN E 57 -47.98 5.46 -24.00
C GLN E 57 -46.77 4.71 -23.42
N ASN E 58 -45.62 5.36 -23.42
CA ASN E 58 -44.43 4.79 -22.81
C ASN E 58 -43.62 5.69 -21.89
N GLU E 59 -44.13 6.84 -21.53
CA GLU E 59 -43.39 7.81 -20.73
C GLU E 59 -44.20 8.41 -19.58
N LEU E 60 -43.83 8.06 -18.36
CA LEU E 60 -44.46 8.62 -17.17
C LEU E 60 -43.82 9.96 -16.84
N ILE E 61 -44.62 11.02 -16.92
CA ILE E 61 -44.14 12.36 -16.59
C ILE E 61 -44.69 12.79 -15.24
N ILE E 62 -43.79 13.09 -14.30
CA ILE E 62 -44.19 13.50 -12.96
C ILE E 62 -43.86 14.97 -12.71
N GLU E 63 -44.89 15.80 -12.59
CA GLU E 63 -44.72 17.23 -12.35
C GLU E 63 -45.34 17.67 -11.04
N ALA E 64 -44.74 18.68 -10.42
CA ALA E 64 -45.27 19.24 -9.17
C ALA E 64 -44.74 20.64 -8.93
N GLU E 65 -45.56 21.48 -8.29
CA GLU E 65 -45.19 22.85 -7.97
C GLU E 65 -45.62 23.19 -6.55
N ARG E 66 -44.80 23.97 -5.86
CA ARG E 66 -45.14 24.39 -4.50
C ARG E 66 -44.58 25.77 -4.20
N GLU E 67 -45.19 26.45 -3.22
CA GLU E 67 -44.65 27.70 -2.73
C GLU E 67 -43.64 27.42 -1.62
N ILE E 68 -42.51 28.12 -1.68
CA ILE E 68 -41.52 28.00 -0.62
C ILE E 68 -41.10 29.40 -0.13
N THR E 69 -41.63 29.79 1.01
CA THR E 69 -41.35 31.09 1.59
C THR E 69 -40.53 30.90 2.86
N GLU E 70 -39.28 31.37 2.83
CA GLU E 70 -38.40 31.23 3.97
C GLU E 70 -37.73 32.57 4.30
N PRO E 71 -38.49 33.47 4.96
CA PRO E 71 -38.02 34.80 5.32
C PRO E 71 -36.88 34.74 6.33
N GLY E 72 -35.93 35.67 6.22
CA GLY E 72 -34.80 35.72 7.12
C GLY E 72 -33.47 35.53 6.39
N VAL E 73 -32.47 35.04 7.13
CA VAL E 73 -31.15 34.80 6.56
C VAL E 73 -31.01 33.35 6.13
N LYS E 74 -30.86 33.11 4.83
CA LYS E 74 -30.75 31.75 4.30
C LYS E 74 -29.31 31.24 4.33
N TYR E 75 -29.15 29.97 4.69
CA TYR E 75 -27.84 29.34 4.74
C TYR E 75 -27.78 28.14 3.80
N LEU E 76 -28.93 27.51 3.59
CA LEU E 76 -29.04 26.36 2.69
C LEU E 76 -30.35 26.39 1.92
N THR E 77 -30.26 26.34 0.60
CA THR E 77 -31.44 26.27 -0.25
C THR E 77 -31.31 25.14 -1.27
N GLN E 78 -31.85 23.98 -0.92
CA GLN E 78 -31.73 22.80 -1.77
C GLN E 78 -33.10 22.29 -2.23
N ARG E 79 -34.11 22.45 -1.38
CA ARG E 79 -35.44 21.89 -1.63
C ARG E 79 -36.08 22.47 -2.89
N PRO E 80 -36.55 21.59 -3.78
CA PRO E 80 -37.10 21.97 -5.08
C PRO E 80 -38.48 22.65 -4.98
N LYS E 81 -38.65 23.75 -5.71
CA LYS E 81 -39.96 24.39 -5.86
C LYS E 81 -40.69 23.76 -7.03
N TYR E 82 -39.93 23.42 -8.07
CA TYR E 82 -40.51 22.79 -9.26
C TYR E 82 -39.89 21.43 -9.52
N VAL E 83 -40.70 20.52 -10.06
CA VAL E 83 -40.27 19.16 -10.34
C VAL E 83 -40.87 18.70 -11.66
N ARG E 84 -40.04 18.13 -12.52
CA ARG E 84 -40.52 17.49 -13.75
C ARG E 84 -39.61 16.32 -14.11
N LYS E 85 -40.03 15.12 -13.73
CA LYS E 85 -39.23 13.93 -14.01
C LYS E 85 -39.85 13.06 -15.10
N VAL E 86 -39.07 12.77 -16.13
CA VAL E 86 -39.51 11.93 -17.23
C VAL E 86 -38.93 10.53 -17.08
N ILE E 87 -39.80 9.53 -17.08
CA ILE E 87 -39.38 8.14 -16.93
C ILE E 87 -39.72 7.31 -18.16
N ARG E 88 -38.75 6.55 -18.65
CA ARG E 88 -38.98 5.61 -19.74
C ARG E 88 -39.62 4.34 -19.19
N LEU E 89 -40.85 4.08 -19.58
CA LEU E 89 -41.55 2.89 -19.13
C LEU E 89 -41.30 1.72 -20.08
N PRO E 90 -40.99 0.54 -19.51
CA PRO E 90 -40.75 -0.67 -20.31
C PRO E 90 -42.06 -1.34 -20.73
N TYR E 91 -43.17 -0.60 -20.64
CA TYR E 91 -44.47 -1.13 -21.02
C TYR E 91 -45.30 -0.10 -21.78
N ASN E 92 -45.78 -0.49 -22.96
CA ASN E 92 -46.64 0.38 -23.74
C ASN E 92 -48.02 0.52 -23.11
N VAL E 93 -48.22 1.62 -22.39
CA VAL E 93 -49.45 1.82 -21.64
C VAL E 93 -50.63 2.13 -22.55
N ALA E 94 -51.68 1.32 -22.45
CA ALA E 94 -52.91 1.56 -23.20
C ALA E 94 -53.55 2.85 -22.74
N LYS E 95 -54.11 3.60 -23.68
CA LYS E 95 -54.77 4.87 -23.35
C LYS E 95 -56.11 4.63 -22.65
N ASP E 96 -56.55 3.38 -22.67
CA ASP E 96 -57.77 2.97 -21.98
C ASP E 96 -57.50 2.69 -20.50
N ALA E 97 -56.25 2.37 -20.20
CA ALA E 97 -55.84 1.94 -18.86
C ALA E 97 -56.23 2.91 -17.74
N GLU E 98 -56.46 2.37 -16.56
CA GLU E 98 -56.81 3.18 -15.40
C GLU E 98 -55.68 3.17 -14.37
N ILE E 99 -54.78 4.14 -14.49
CA ILE E 99 -53.67 4.27 -13.56
C ILE E 99 -54.13 4.90 -12.24
N SER E 100 -53.85 4.23 -11.14
CA SER E 100 -54.19 4.77 -9.82
C SER E 100 -53.05 5.65 -9.28
N GLY E 101 -53.42 6.73 -8.61
CA GLY E 101 -52.45 7.63 -8.00
C GLY E 101 -52.64 7.68 -6.50
N LYS E 102 -51.52 7.73 -5.77
CA LYS E 102 -51.58 7.73 -4.32
C LYS E 102 -50.47 8.60 -3.74
N TYR E 103 -50.79 9.34 -2.69
CA TYR E 103 -49.83 10.24 -2.07
C TYR E 103 -49.96 10.22 -0.56
N GLU E 104 -49.03 9.56 0.11
CA GLU E 104 -49.07 9.43 1.56
C GLU E 104 -47.67 9.47 2.15
N ASN E 105 -47.50 10.25 3.22
CA ASN E 105 -46.22 10.42 3.89
C ASN E 105 -45.13 10.94 2.95
N GLY E 106 -45.55 11.71 1.95
CA GLY E 106 -44.62 12.28 0.99
C GLY E 106 -44.32 11.38 -0.19
N VAL E 107 -44.74 10.12 -0.11
CA VAL E 107 -44.47 9.15 -1.16
C VAL E 107 -45.56 9.10 -2.21
N LEU E 108 -45.16 9.21 -3.47
CA LEU E 108 -46.10 9.10 -4.58
C LEU E 108 -45.96 7.73 -5.22
N THR E 109 -47.03 6.96 -5.22
CA THR E 109 -47.03 5.64 -5.82
C THR E 109 -48.02 5.59 -6.98
N ILE E 110 -47.53 5.20 -8.15
CA ILE E 110 -48.37 5.09 -9.33
C ILE E 110 -48.33 3.66 -9.87
N ARG E 111 -49.51 3.06 -10.02
CA ARG E 111 -49.61 1.69 -10.52
C ARG E 111 -50.29 1.65 -11.88
N ILE E 112 -49.58 1.10 -12.87
CA ILE E 112 -50.10 0.98 -14.21
C ILE E 112 -50.32 -0.49 -14.55
N PRO E 113 -51.58 -0.87 -14.82
CA PRO E 113 -51.93 -2.26 -15.14
C PRO E 113 -51.35 -2.71 -16.48
N ILE E 114 -50.67 -3.84 -16.49
CA ILE E 114 -50.09 -4.38 -17.71
C ILE E 114 -50.24 -5.90 -17.80
N GLU F 14 -30.78 7.34 -15.95
CA GLU F 14 -31.02 7.41 -14.51
C GLU F 14 -29.74 7.36 -13.69
N LEU F 15 -29.82 7.89 -12.47
CA LEU F 15 -28.72 7.81 -11.51
C LEU F 15 -29.04 6.75 -10.47
N SER F 16 -28.01 6.11 -9.93
CA SER F 16 -28.22 4.95 -9.06
C SER F 16 -28.52 5.32 -7.62
N ARG F 17 -29.22 4.42 -6.93
CA ARG F 17 -29.36 4.49 -5.48
C ARG F 17 -27.95 4.40 -4.92
N GLY F 18 -27.64 5.26 -3.96
CA GLY F 18 -26.29 5.35 -3.46
C GLY F 18 -25.71 6.70 -3.84
N PHE F 19 -25.89 7.09 -5.10
CA PHE F 19 -25.58 8.45 -5.49
C PHE F 19 -26.54 9.39 -4.76
N TYR F 20 -27.84 9.10 -4.86
CA TYR F 20 -28.85 9.87 -4.15
C TYR F 20 -28.57 9.91 -2.66
N GLU F 21 -28.21 8.74 -2.12
CA GLU F 21 -27.90 8.58 -0.71
C GLU F 21 -26.88 9.59 -0.18
N LEU F 22 -26.01 10.07 -1.07
CA LEU F 22 -25.00 11.05 -0.68
C LEU F 22 -25.47 12.50 -0.86
N VAL F 23 -26.65 12.68 -1.46
CA VAL F 23 -27.22 14.01 -1.67
C VAL F 23 -28.65 14.12 -1.14
N TYR F 24 -29.14 13.04 -0.56
CA TYR F 24 -30.49 12.96 -0.02
C TYR F 24 -30.38 13.10 1.49
N PRO F 25 -31.30 13.87 2.11
CA PRO F 25 -32.38 14.62 1.48
C PRO F 25 -31.99 16.07 1.21
N PRO F 26 -32.69 16.74 0.28
CA PRO F 26 -32.51 18.17 0.07
C PRO F 26 -32.96 18.93 1.31
N VAL F 27 -32.15 19.88 1.76
CA VAL F 27 -32.39 20.56 3.02
C VAL F 27 -32.36 22.07 2.86
N ASP F 28 -33.33 22.74 3.49
CA ASP F 28 -33.29 24.19 3.60
C ASP F 28 -33.00 24.58 5.05
N MET F 29 -31.97 25.36 5.26
CA MET F 29 -31.72 25.94 6.55
C MET F 29 -31.67 27.44 6.48
N TYR F 30 -32.34 28.11 7.39
CA TYR F 30 -32.38 29.56 7.41
C TYR F 30 -32.70 30.10 8.79
N GLU F 31 -32.19 31.30 9.10
CA GLU F 31 -32.47 31.96 10.37
C GLU F 31 -33.67 32.88 10.25
N GLU F 32 -34.57 32.80 11.22
CA GLU F 32 -35.75 33.64 11.24
C GLU F 32 -36.28 33.83 12.66
N GLY F 33 -36.48 35.08 13.04
CA GLY F 33 -37.08 35.41 14.33
C GLY F 33 -36.37 34.78 15.50
N GLY F 34 -35.04 34.85 15.48
CA GLY F 34 -34.23 34.28 16.55
C GLY F 34 -34.34 32.78 16.63
N TYR F 35 -34.51 32.13 15.47
CA TYR F 35 -34.62 30.68 15.41
C TYR F 35 -33.95 30.15 14.15
N LEU F 36 -33.39 28.95 14.26
CA LEU F 36 -32.89 28.24 13.08
C LEU F 36 -33.96 27.26 12.61
N VAL F 37 -34.47 27.48 11.40
CA VAL F 37 -35.46 26.60 10.83
C VAL F 37 -34.83 25.65 9.82
N VAL F 38 -34.83 24.37 10.15
CA VAL F 38 -34.30 23.35 9.25
C VAL F 38 -35.45 22.59 8.62
N VAL F 39 -35.45 22.51 7.29
CA VAL F 39 -36.52 21.83 6.56
C VAL F 39 -35.93 20.76 5.65
N ALA F 40 -36.46 19.55 5.75
CA ALA F 40 -35.91 18.42 5.00
C ALA F 40 -36.99 17.63 4.24
N ASP F 41 -36.79 17.44 2.95
CA ASP F 41 -37.68 16.59 2.17
C ASP F 41 -37.30 15.13 2.38
N LEU F 42 -37.86 14.53 3.41
CA LEU F 42 -37.50 13.18 3.82
C LEU F 42 -38.70 12.25 3.73
N ALA F 43 -39.17 11.98 2.52
CA ALA F 43 -40.38 11.19 2.33
C ALA F 43 -40.20 9.70 2.60
N GLY F 44 -41.25 9.08 3.12
CA GLY F 44 -41.32 7.64 3.23
C GLY F 44 -40.55 7.01 4.37
N PHE F 45 -40.53 7.67 5.52
CA PHE F 45 -39.87 7.09 6.68
C PHE F 45 -40.82 6.95 7.86
N ASN F 46 -40.42 6.13 8.83
CA ASN F 46 -41.14 6.01 10.09
C ASN F 46 -40.59 7.05 11.06
N LYS F 47 -41.49 7.75 11.76
CA LYS F 47 -41.08 8.79 12.70
C LYS F 47 -40.14 8.25 13.77
N GLU F 48 -40.42 7.04 14.24
CA GLU F 48 -39.60 6.39 15.27
C GLU F 48 -38.17 6.16 14.80
N LYS F 49 -37.99 5.98 13.50
CA LYS F 49 -36.69 5.64 12.95
C LYS F 49 -35.94 6.87 12.43
N ILE F 50 -36.59 8.04 12.53
CA ILE F 50 -35.92 9.30 12.25
C ILE F 50 -35.20 9.78 13.50
N LYS F 51 -33.89 9.99 13.39
CA LYS F 51 -33.09 10.42 14.54
C LYS F 51 -32.40 11.75 14.26
N ALA F 52 -32.88 12.81 14.90
CA ALA F 52 -32.28 14.13 14.77
C ALA F 52 -31.59 14.51 16.08
N ARG F 53 -30.41 15.13 15.96
CA ARG F 53 -29.58 15.38 17.13
C ARG F 53 -28.58 16.51 16.89
N VAL F 54 -28.40 17.36 17.89
CA VAL F 54 -27.36 18.37 17.85
C VAL F 54 -26.11 17.86 18.57
N SER F 55 -24.96 17.97 17.92
CA SER F 55 -23.72 17.45 18.46
C SER F 55 -22.66 18.54 18.66
N GLY F 56 -22.22 18.70 19.91
CA GLY F 56 -21.24 19.72 20.23
C GLY F 56 -21.84 21.11 20.16
N GLN F 57 -23.17 21.16 20.17
CA GLN F 57 -23.93 22.41 20.10
C GLN F 57 -23.65 23.22 18.84
N ASN F 58 -23.25 22.55 17.76
CA ASN F 58 -22.95 23.25 16.50
C ASN F 58 -23.22 22.43 15.24
N GLU F 59 -23.68 21.19 15.40
CA GLU F 59 -23.96 20.34 14.25
C GLU F 59 -25.27 19.59 14.39
N LEU F 60 -26.13 19.69 13.37
CA LEU F 60 -27.36 18.91 13.32
C LEU F 60 -27.09 17.63 12.56
N ILE F 61 -27.45 16.50 13.16
CA ILE F 61 -27.35 15.22 12.46
C ILE F 61 -28.75 14.64 12.24
N ILE F 62 -29.08 14.39 10.98
CA ILE F 62 -30.32 13.70 10.65
C ILE F 62 -29.98 12.32 10.12
N GLU F 63 -30.37 11.29 10.87
CA GLU F 63 -30.09 9.91 10.49
C GLU F 63 -31.40 9.12 10.44
N ALA F 64 -31.69 8.52 9.29
CA ALA F 64 -32.92 7.75 9.14
C ALA F 64 -32.65 6.39 8.49
N GLU F 65 -33.50 5.42 8.82
CA GLU F 65 -33.37 4.08 8.25
C GLU F 65 -34.75 3.52 7.93
N ARG F 66 -34.90 2.97 6.72
CA ARG F 66 -36.17 2.37 6.32
C ARG F 66 -35.93 1.08 5.55
N GLU F 67 -36.93 0.20 5.58
CA GLU F 67 -36.87 -1.04 4.81
C GLU F 67 -37.74 -0.90 3.57
N ILE F 68 -37.12 -1.06 2.39
CA ILE F 68 -37.84 -0.95 1.14
C ILE F 68 -38.05 -2.33 0.54
N THR F 69 -39.24 -2.89 0.76
CA THR F 69 -39.57 -4.19 0.22
C THR F 69 -40.42 -4.03 -1.03
N GLU F 70 -39.81 -4.30 -2.18
CA GLU F 70 -40.52 -4.20 -3.45
C GLU F 70 -40.44 -5.55 -4.18
N PRO F 71 -41.51 -6.35 -4.06
CA PRO F 71 -41.54 -7.69 -4.65
C PRO F 71 -41.75 -7.64 -6.15
N GLY F 72 -41.04 -8.49 -6.87
CA GLY F 72 -41.18 -8.55 -8.31
C GLY F 72 -39.93 -8.14 -9.05
N VAL F 73 -40.11 -7.66 -10.27
CA VAL F 73 -39.00 -7.33 -11.14
C VAL F 73 -38.71 -5.83 -11.12
N LYS F 74 -37.57 -5.46 -10.55
CA LYS F 74 -37.18 -4.06 -10.45
C LYS F 74 -36.41 -3.62 -11.69
N TYR F 75 -36.80 -2.48 -12.24
CA TYR F 75 -36.12 -1.91 -13.39
C TYR F 75 -35.34 -0.67 -12.99
N LEU F 76 -35.77 -0.05 -11.89
CA LEU F 76 -35.15 1.18 -11.42
C LEU F 76 -35.17 1.25 -9.91
N THR F 77 -34.02 1.57 -9.31
CA THR F 77 -33.94 1.71 -7.87
C THR F 77 -33.09 2.92 -7.50
N GLN F 78 -33.74 4.01 -7.10
CA GLN F 78 -33.04 5.24 -6.77
C GLN F 78 -33.20 5.63 -5.31
N ARG F 79 -34.33 5.23 -4.73
CA ARG F 79 -34.67 5.61 -3.35
C ARG F 79 -33.76 4.95 -2.32
N PRO F 80 -33.03 5.77 -1.55
CA PRO F 80 -32.10 5.29 -0.53
C PRO F 80 -32.82 4.63 0.65
N LYS F 81 -32.13 3.72 1.33
CA LYS F 81 -32.69 3.09 2.52
C LYS F 81 -31.97 3.58 3.78
N TYR F 82 -30.84 4.25 3.56
CA TYR F 82 -30.08 4.84 4.64
C TYR F 82 -29.91 6.34 4.40
N VAL F 83 -30.03 7.13 5.47
CA VAL F 83 -29.86 8.56 5.38
C VAL F 83 -29.00 9.05 6.53
N ARG F 84 -27.96 9.83 6.21
CA ARG F 84 -27.19 10.51 7.24
C ARG F 84 -26.71 11.86 6.71
N LYS F 85 -27.40 12.91 7.11
CA LYS F 85 -27.04 14.26 6.70
C LYS F 85 -26.47 15.05 7.87
N VAL F 86 -25.33 15.67 7.65
CA VAL F 86 -24.68 16.48 8.68
C VAL F 86 -24.68 17.94 8.29
N ILE F 87 -25.23 18.79 9.15
CA ILE F 87 -25.34 20.20 8.87
C ILE F 87 -24.64 21.03 9.95
N ARG F 88 -23.69 21.85 9.52
CA ARG F 88 -22.98 22.76 10.43
C ARG F 88 -23.81 24.00 10.69
N LEU F 89 -24.05 24.31 11.96
CA LEU F 89 -24.88 25.45 12.33
C LEU F 89 -24.05 26.72 12.52
N PRO F 90 -24.51 27.83 11.92
CA PRO F 90 -23.81 29.12 11.97
C PRO F 90 -23.88 29.78 13.35
N TYR F 91 -24.49 29.11 14.32
CA TYR F 91 -24.54 29.58 15.69
C TYR F 91 -24.35 28.42 16.65
N ASN F 92 -23.25 28.43 17.39
CA ASN F 92 -23.03 27.40 18.41
C ASN F 92 -23.90 27.69 19.62
N VAL F 93 -25.21 27.48 19.48
CA VAL F 93 -26.15 27.96 20.49
C VAL F 93 -27.27 26.98 20.86
N ALA F 94 -27.93 27.28 21.98
CA ALA F 94 -29.07 26.51 22.49
C ALA F 94 -28.75 25.03 22.76
N LYS F 95 -27.89 24.79 23.74
CA LYS F 95 -27.53 23.43 24.12
C LYS F 95 -28.63 22.76 24.92
N ASP F 96 -29.13 23.45 25.94
CA ASP F 96 -30.15 22.89 26.83
C ASP F 96 -31.56 23.21 26.36
N ALA F 97 -31.69 24.23 25.52
CA ALA F 97 -32.99 24.77 25.11
C ALA F 97 -33.88 23.75 24.41
N GLU F 98 -35.16 24.11 24.25
CA GLU F 98 -36.15 23.22 23.66
C GLU F 98 -36.15 23.24 22.14
N ILE F 99 -35.72 22.14 21.54
CA ILE F 99 -35.70 22.01 20.08
C ILE F 99 -36.91 21.23 19.58
N SER F 100 -37.71 21.87 18.73
CA SER F 100 -38.91 21.27 18.19
C SER F 100 -38.60 20.36 17.01
N GLY F 101 -39.49 19.40 16.76
CA GLY F 101 -39.37 18.51 15.62
C GLY F 101 -40.73 18.00 15.20
N LYS F 102 -41.02 18.09 13.90
CA LYS F 102 -42.32 17.70 13.38
C LYS F 102 -42.19 17.10 11.99
N TYR F 103 -42.97 16.05 11.73
CA TYR F 103 -42.84 15.29 10.49
C TYR F 103 -44.21 15.00 9.87
N GLU F 104 -44.55 15.75 8.82
CA GLU F 104 -45.78 15.48 8.08
C GLU F 104 -45.59 15.76 6.59
N ASN F 105 -46.38 15.06 5.77
CA ASN F 105 -46.29 15.18 4.31
C ASN F 105 -44.89 14.85 3.78
N GLY F 106 -44.15 14.07 4.56
CA GLY F 106 -42.79 13.69 4.20
C GLY F 106 -41.76 14.71 4.63
N VAL F 107 -42.22 15.87 5.09
CA VAL F 107 -41.31 16.94 5.46
C VAL F 107 -40.90 16.88 6.92
N LEU F 108 -39.59 16.95 7.16
CA LEU F 108 -39.06 17.03 8.51
C LEU F 108 -38.67 18.47 8.79
N THR F 109 -39.42 19.13 9.68
CA THR F 109 -39.11 20.49 10.05
C THR F 109 -38.55 20.55 11.47
N ILE F 110 -37.38 21.15 11.61
CA ILE F 110 -36.74 21.29 12.91
C ILE F 110 -36.50 22.77 13.23
N ARG F 111 -37.02 23.22 14.37
CA ARG F 111 -36.86 24.61 14.78
C ARG F 111 -35.94 24.71 16.00
N ILE F 112 -34.76 25.27 15.78
CA ILE F 112 -33.74 25.38 16.81
C ILE F 112 -33.64 26.82 17.32
N PRO F 113 -33.86 27.02 18.63
CA PRO F 113 -33.89 28.35 19.26
C PRO F 113 -32.65 29.19 18.98
N ILE F 114 -31.48 28.74 19.43
CA ILE F 114 -30.24 29.50 19.26
C ILE F 114 -30.33 30.88 19.90
N LEU G 4 26.29 32.03 24.76
CA LEU G 4 26.12 31.77 23.35
C LEU G 4 27.12 32.55 22.51
N GLY G 5 27.85 33.45 23.15
CA GLY G 5 28.89 34.21 22.49
C GLY G 5 30.21 33.44 22.50
N LYS G 6 30.17 32.20 22.98
CA LYS G 6 31.35 31.37 23.10
C LYS G 6 31.75 30.72 21.78
N GLU G 7 30.88 30.82 20.78
CA GLU G 7 31.16 30.22 19.48
C GLU G 7 32.15 31.04 18.67
N LEU G 8 32.58 32.16 19.26
CA LEU G 8 33.72 32.91 18.77
C LEU G 8 34.98 32.06 18.97
N GLN G 9 34.99 31.27 20.04
CA GLN G 9 36.20 30.63 20.54
C GLN G 9 36.56 29.31 19.86
N LYS G 10 37.87 29.11 19.67
CA LYS G 10 38.52 27.85 19.27
C LYS G 10 39.94 28.11 18.79
N ARG G 11 40.92 27.51 19.46
CA ARG G 11 42.27 27.44 18.89
C ARG G 11 43.13 26.23 19.30
N SER G 12 42.62 24.99 19.25
CA SER G 12 41.26 24.63 18.84
C SER G 12 40.89 23.32 19.53
N GLU G 13 39.90 23.34 20.42
CA GLU G 13 39.16 24.55 20.78
C GLU G 13 39.38 24.93 22.24
N GLU G 14 38.74 26.02 22.66
CA GLU G 14 38.86 26.51 24.04
C GLU G 14 37.55 26.33 24.80
N LEU G 15 36.68 25.46 24.28
CA LEU G 15 35.45 25.13 24.97
C LEU G 15 35.71 23.99 25.94
N SER G 16 36.09 24.35 27.17
CA SER G 16 36.44 23.36 28.19
C SER G 16 35.23 22.55 28.67
N ARG G 17 35.48 21.67 29.64
CA ARG G 17 34.42 20.88 30.24
C ARG G 17 33.43 21.80 30.94
N GLY G 18 33.92 22.95 31.39
CA GLY G 18 33.08 23.94 32.04
C GLY G 18 31.95 24.41 31.15
N PHE G 19 32.30 24.86 29.94
CA PHE G 19 31.29 25.33 28.98
C PHE G 19 30.23 24.27 28.71
N TYR G 20 30.66 23.03 28.48
CA TYR G 20 29.72 21.97 28.16
C TYR G 20 28.86 21.59 29.35
N GLU G 21 29.36 21.83 30.55
CA GLU G 21 28.60 21.55 31.75
C GLU G 21 27.33 22.41 31.84
N LEU G 22 27.35 23.55 31.15
CA LEU G 22 26.22 24.47 31.15
C LEU G 22 25.05 24.01 30.28
N VAL G 23 25.37 23.52 29.08
CA VAL G 23 24.34 23.28 28.07
C VAL G 23 24.04 21.80 27.84
N TYR G 24 24.88 20.93 28.39
CA TYR G 24 24.74 19.49 28.19
C TYR G 24 23.91 18.90 29.32
N PRO G 25 23.07 17.90 29.01
CA PRO G 25 22.83 17.35 27.67
C PRO G 25 21.73 18.08 26.93
N PRO G 26 21.71 17.97 25.60
CA PRO G 26 20.57 18.49 24.83
C PRO G 26 19.33 17.66 25.12
N VAL G 27 18.17 18.31 25.23
CA VAL G 27 16.95 17.60 25.59
C VAL G 27 15.78 17.84 24.65
N ASP G 28 15.05 16.78 24.34
CA ASP G 28 13.75 16.90 23.67
C ASP G 28 12.63 16.63 24.66
N MET G 29 11.60 17.47 24.63
CA MET G 29 10.46 17.30 25.54
C MET G 29 9.12 17.42 24.81
N TYR G 30 8.29 16.40 24.96
CA TYR G 30 6.99 16.36 24.30
C TYR G 30 5.96 15.61 25.16
N GLU G 31 4.68 15.82 24.83
CA GLU G 31 3.61 15.08 25.50
C GLU G 31 3.11 13.94 24.63
N GLU G 32 2.85 12.79 25.25
CA GLU G 32 2.38 11.62 24.52
C GLU G 32 1.61 10.65 25.41
N GLY G 33 0.32 10.52 25.15
CA GLY G 33 -0.52 9.55 25.85
C GLY G 33 -0.65 9.80 27.34
N GLY G 34 -0.90 11.05 27.70
CA GLY G 34 -1.07 11.41 29.10
C GLY G 34 0.23 11.46 29.87
N TYR G 35 1.35 11.38 29.15
CA TYR G 35 2.66 11.45 29.79
C TYR G 35 3.53 12.58 29.23
N LEU G 36 4.25 13.23 30.12
CA LEU G 36 5.27 14.21 29.74
C LEU G 36 6.54 13.41 29.47
N VAL G 37 7.07 13.50 28.25
CA VAL G 37 8.22 12.71 27.87
C VAL G 37 9.46 13.57 27.70
N VAL G 38 10.53 13.23 28.42
CA VAL G 38 11.77 13.98 28.34
C VAL G 38 12.92 13.07 27.91
N VAL G 39 13.52 13.40 26.77
CA VAL G 39 14.59 12.60 26.19
C VAL G 39 15.93 13.36 26.20
N ALA G 40 16.96 12.74 26.75
CA ALA G 40 18.25 13.39 26.91
C ALA G 40 19.41 12.57 26.33
N ASP G 41 20.22 13.22 25.50
CA ASP G 41 21.44 12.60 24.99
C ASP G 41 22.53 12.66 26.06
N LEU G 42 22.50 11.69 26.97
CA LEU G 42 23.40 11.68 28.11
C LEU G 42 24.33 10.47 28.04
N ALA G 43 25.26 10.52 27.11
CA ALA G 43 26.13 9.37 26.83
C ALA G 43 27.21 9.15 27.88
N GLY G 44 27.42 7.88 28.23
CA GLY G 44 28.53 7.49 29.08
C GLY G 44 28.42 7.81 30.55
N PHE G 45 27.29 7.47 31.15
CA PHE G 45 27.12 7.61 32.59
C PHE G 45 26.67 6.29 33.19
N ASN G 46 27.06 6.03 34.44
CA ASN G 46 26.56 4.86 35.14
C ASN G 46 25.09 5.07 35.47
N LYS G 47 24.27 4.06 35.18
CA LYS G 47 22.83 4.17 35.33
C LYS G 47 22.40 4.52 36.76
N GLU G 48 23.27 4.23 37.72
CA GLU G 48 22.96 4.49 39.13
C GLU G 48 23.35 5.89 39.59
N LYS G 49 24.18 6.57 38.81
CA LYS G 49 24.59 7.93 39.14
C LYS G 49 23.80 8.98 38.36
N ILE G 50 22.58 8.63 37.98
CA ILE G 50 21.70 9.53 37.24
C ILE G 50 20.44 9.82 38.04
N LYS G 51 20.13 11.10 38.20
CA LYS G 51 19.02 11.51 39.05
C LYS G 51 18.07 12.48 38.37
N ALA G 52 16.81 12.45 38.78
CA ALA G 52 15.79 13.34 38.23
C ALA G 52 14.72 13.68 39.28
N ARG G 53 14.42 14.97 39.40
CA ARG G 53 13.42 15.46 40.36
C ARG G 53 12.49 16.45 39.68
N VAL G 54 11.29 16.60 40.23
CA VAL G 54 10.45 17.74 39.88
C VAL G 54 10.44 18.70 41.06
N SER G 55 11.06 19.87 40.88
CA SER G 55 11.12 20.84 41.96
C SER G 55 10.05 21.92 41.79
N GLY G 56 9.34 22.21 42.86
CA GLY G 56 8.31 23.24 42.85
C GLY G 56 7.21 22.96 41.84
N GLN G 57 6.90 21.67 41.66
CA GLN G 57 5.84 21.21 40.75
C GLN G 57 6.10 21.45 39.26
N ASN G 58 7.03 22.32 38.90
CA ASN G 58 7.15 22.70 37.49
C ASN G 58 8.55 22.81 36.87
N GLU G 59 9.56 22.25 37.53
CA GLU G 59 10.89 22.22 36.91
C GLU G 59 11.64 20.91 37.12
N LEU G 60 11.81 20.17 36.02
CA LEU G 60 12.57 18.93 36.03
C LEU G 60 14.05 19.24 36.25
N ILE G 61 14.71 18.46 37.10
CA ILE G 61 16.13 18.63 37.33
C ILE G 61 16.86 17.31 37.14
N ILE G 62 17.66 17.23 36.08
CA ILE G 62 18.44 16.02 35.80
C ILE G 62 19.89 16.21 36.22
N GLU G 63 20.38 15.35 37.10
CA GLU G 63 21.74 15.43 37.59
C GLU G 63 22.52 14.15 37.29
N ALA G 64 23.83 14.29 37.11
CA ALA G 64 24.69 13.14 36.81
C ALA G 64 26.15 13.43 37.14
N GLU G 65 26.84 12.42 37.64
CA GLU G 65 28.28 12.53 37.93
C GLU G 65 29.01 11.29 37.43
N ARG G 66 30.18 11.50 36.85
CA ARG G 66 31.02 10.40 36.39
C ARG G 66 32.48 10.73 36.62
N GLU G 67 33.32 9.71 36.62
CA GLU G 67 34.76 9.90 36.73
C GLU G 67 35.42 9.73 35.37
N ILE G 68 36.14 10.76 34.93
CA ILE G 68 36.84 10.70 33.65
C ILE G 68 38.34 10.69 33.84
N THR G 69 38.95 9.53 33.59
CA THR G 69 40.39 9.37 33.70
C THR G 69 41.01 9.01 32.36
N GLU G 70 41.88 9.88 31.85
CA GLU G 70 42.49 9.67 30.55
C GLU G 70 44.01 9.87 30.60
N PRO G 71 44.76 8.83 30.20
CA PRO G 71 46.23 8.89 30.21
C PRO G 71 46.78 9.76 29.08
N GLY G 72 48.09 9.98 29.09
CA GLY G 72 48.76 10.68 28.02
C GLY G 72 48.46 12.17 27.94
N VAL G 73 49.05 12.83 26.95
CA VAL G 73 48.89 14.26 26.76
C VAL G 73 47.49 14.59 26.23
N LYS G 74 46.76 15.41 26.99
CA LYS G 74 45.40 15.79 26.63
C LYS G 74 45.38 17.04 25.75
N TYR G 75 44.67 16.96 24.63
CA TYR G 75 44.56 18.09 23.71
C TYR G 75 43.15 18.67 23.69
N LEU G 76 42.16 17.83 23.94
CA LEU G 76 40.77 18.26 24.04
C LEU G 76 40.11 17.70 25.29
N THR G 77 39.51 18.58 26.07
CA THR G 77 38.77 18.17 27.25
C THR G 77 37.42 18.89 27.27
N GLN G 78 36.42 18.28 26.64
CA GLN G 78 35.12 18.90 26.51
C GLN G 78 34.04 18.18 27.31
N ARG G 79 34.15 16.86 27.37
CA ARG G 79 33.16 16.03 28.07
C ARG G 79 33.11 16.35 29.55
N PRO G 80 31.95 16.83 30.03
CA PRO G 80 31.79 17.23 31.43
C PRO G 80 31.77 16.03 32.36
N LYS G 81 32.20 16.23 33.60
CA LYS G 81 32.12 15.19 34.62
C LYS G 81 30.82 15.37 35.39
N TYR G 82 30.41 16.63 35.53
CA TYR G 82 29.19 16.97 36.25
C TYR G 82 28.09 17.38 35.27
N VAL G 83 26.85 17.10 35.64
CA VAL G 83 25.70 17.46 34.83
C VAL G 83 24.56 17.96 35.70
N ARG G 84 23.99 19.11 35.34
CA ARG G 84 22.80 19.63 36.01
C ARG G 84 21.97 20.45 35.03
N LYS G 85 20.90 19.84 34.51
CA LYS G 85 20.04 20.54 33.56
C LYS G 85 18.66 20.84 34.16
N VAL G 86 18.27 22.11 34.12
CA VAL G 86 16.97 22.51 34.63
C VAL G 86 15.99 22.76 33.48
N ILE G 87 14.88 22.04 33.50
CA ILE G 87 13.88 22.14 32.45
C ILE G 87 12.54 22.58 33.02
N ARG G 88 12.06 23.73 32.57
CA ARG G 88 10.75 24.22 32.98
C ARG G 88 9.65 23.44 32.28
N LEU G 89 8.75 22.85 33.06
CA LEU G 89 7.66 22.05 32.53
C LEU G 89 6.47 22.95 32.19
N PRO G 90 5.69 22.56 31.17
CA PRO G 90 4.57 23.39 30.69
C PRO G 90 3.31 23.25 31.54
N TYR G 91 3.40 22.55 32.67
CA TYR G 91 2.25 22.39 33.55
C TYR G 91 2.71 21.99 34.95
N ASN G 92 1.83 22.17 35.92
CA ASN G 92 2.13 21.80 37.29
C ASN G 92 2.00 20.30 37.53
N VAL G 93 3.15 19.65 37.68
CA VAL G 93 3.19 18.21 37.97
C VAL G 93 2.75 17.97 39.40
N ALA G 94 1.85 17.01 39.59
CA ALA G 94 1.38 16.66 40.92
C ALA G 94 2.54 16.19 41.78
N LYS G 95 2.56 16.60 43.05
CA LYS G 95 3.63 16.20 43.96
C LYS G 95 3.62 14.70 44.19
N ASP G 96 2.51 14.07 43.81
CA ASP G 96 2.34 12.62 43.90
C ASP G 96 3.04 11.89 42.76
N ALA G 97 3.35 12.61 41.70
CA ALA G 97 3.76 12.00 40.43
C ALA G 97 4.98 11.09 40.51
N GLU G 98 4.79 9.84 40.07
CA GLU G 98 5.88 8.87 40.01
C GLU G 98 6.65 9.05 38.71
N ILE G 99 7.96 9.28 38.82
CA ILE G 99 8.80 9.45 37.65
C ILE G 99 9.46 8.13 37.26
N SER G 100 9.51 7.85 35.95
CA SER G 100 10.09 6.61 35.45
C SER G 100 11.00 6.90 34.26
N GLY G 101 11.81 5.91 33.90
CA GLY G 101 12.70 6.08 32.75
C GLY G 101 13.64 4.93 32.45
N LYS G 102 13.98 4.79 31.17
CA LYS G 102 14.98 3.83 30.73
C LYS G 102 16.26 4.55 30.31
N TYR G 103 17.37 3.82 30.27
CA TYR G 103 18.65 4.40 29.85
C TYR G 103 19.39 3.46 28.89
N GLU G 104 19.13 3.61 27.60
CA GLU G 104 19.74 2.75 26.59
C GLU G 104 20.43 3.56 25.48
N ASN G 105 21.56 3.05 25.01
CA ASN G 105 22.35 3.68 23.94
C ASN G 105 22.79 5.11 24.28
N GLY G 106 22.89 5.40 25.59
CA GLY G 106 23.27 6.71 26.05
C GLY G 106 22.07 7.64 26.24
N VAL G 107 20.90 7.18 25.79
CA VAL G 107 19.69 7.98 25.85
C VAL G 107 18.89 7.78 27.14
N LEU G 108 18.63 8.87 27.84
CA LEU G 108 17.77 8.83 29.02
C LEU G 108 16.36 9.30 28.65
N THR G 109 15.37 8.48 28.93
CA THR G 109 13.98 8.83 28.64
C THR G 109 13.14 8.95 29.91
N ILE G 110 13.03 10.17 30.43
CA ILE G 110 12.20 10.47 31.59
C ILE G 110 10.72 10.48 31.20
N ARG G 111 9.86 9.98 32.09
CA ARG G 111 8.43 9.88 31.80
C ARG G 111 7.62 10.35 33.03
N ILE G 112 6.86 11.43 32.86
CA ILE G 112 6.12 12.04 33.96
C ILE G 112 4.64 12.17 33.64
N PRO G 113 3.77 11.68 34.54
CA PRO G 113 2.32 11.75 34.33
C PRO G 113 1.79 13.18 34.33
N ILE G 114 0.81 13.45 33.48
CA ILE G 114 0.20 14.77 33.40
C ILE G 114 -1.06 14.81 34.25
N ALA G 115 -1.18 15.85 35.07
CA ALA G 115 -2.38 16.07 35.85
C ALA G 115 -3.36 16.95 35.07
N GLU H 14 15.61 29.90 25.78
CA GLU H 14 15.51 29.04 24.61
C GLU H 14 16.87 28.82 23.97
N LEU H 15 17.12 27.59 23.52
CA LEU H 15 18.39 27.24 22.91
C LEU H 15 18.19 26.07 21.96
N SER H 16 17.98 26.38 20.68
CA SER H 16 17.55 25.39 19.70
C SER H 16 18.59 24.30 19.43
N ARG H 17 18.20 23.31 18.63
CA ARG H 17 19.13 22.26 18.21
C ARG H 17 20.15 22.84 17.23
N GLY H 18 19.82 23.97 16.63
CA GLY H 18 20.72 24.66 15.74
C GLY H 18 21.98 25.09 16.45
N PHE H 19 21.83 25.59 17.68
CA PHE H 19 22.96 25.94 18.51
C PHE H 19 23.78 24.70 18.85
N TYR H 20 23.09 23.61 19.20
CA TYR H 20 23.77 22.38 19.57
C TYR H 20 24.54 21.75 18.42
N GLU H 21 24.05 21.94 17.20
CA GLU H 21 24.73 21.38 16.03
C GLU H 21 26.10 22.00 15.80
N LEU H 22 26.34 23.14 16.44
CA LEU H 22 27.62 23.83 16.33
C LEU H 22 28.60 23.40 17.43
N VAL H 23 28.10 22.69 18.44
CA VAL H 23 28.92 22.32 19.58
C VAL H 23 28.87 20.83 19.93
N TYR H 24 27.89 20.11 19.37
CA TYR H 24 27.71 18.70 19.66
C TYR H 24 28.46 17.85 18.64
N PRO H 25 29.14 16.79 19.10
CA PRO H 25 29.25 16.37 20.50
C PRO H 25 30.49 16.90 21.19
N PRO H 26 30.50 16.89 22.53
CA PRO H 26 31.72 17.23 23.27
C PRO H 26 32.76 16.13 23.08
N VAL H 27 34.02 16.51 22.89
CA VAL H 27 35.06 15.54 22.55
C VAL H 27 36.26 15.59 23.50
N ASP H 28 36.72 14.42 23.93
CA ASP H 28 38.00 14.28 24.60
C ASP H 28 39.03 13.70 23.63
N MET H 29 40.23 14.28 23.60
CA MET H 29 41.30 13.77 22.74
C MET H 29 42.65 13.76 23.44
N TYR H 30 43.34 12.63 23.35
CA TYR H 30 44.66 12.49 23.97
C TYR H 30 45.54 11.49 23.24
N GLU H 31 46.81 11.41 23.65
CA GLU H 31 47.76 10.48 23.04
C GLU H 31 48.06 9.31 23.99
N GLU H 32 48.35 8.15 23.41
CA GLU H 32 48.67 6.96 24.19
C GLU H 32 49.37 5.90 23.35
N GLY H 33 50.69 5.88 23.42
CA GLY H 33 51.48 4.86 22.75
C GLY H 33 51.33 4.84 21.25
N GLY H 34 51.58 5.97 20.61
CA GLY H 34 51.52 6.06 19.16
C GLY H 34 50.11 6.22 18.60
N TYR H 35 49.14 6.41 19.49
CA TYR H 35 47.76 6.56 19.08
C TYR H 35 47.12 7.81 19.67
N LEU H 36 46.35 8.52 18.85
CA LEU H 36 45.47 9.56 19.35
C LEU H 36 44.11 8.95 19.65
N VAL H 37 43.65 9.10 20.89
CA VAL H 37 42.37 8.55 21.28
C VAL H 37 41.32 9.65 21.38
N VAL H 38 40.26 9.52 20.59
CA VAL H 38 39.19 10.51 20.59
C VAL H 38 37.91 9.93 21.20
N VAL H 39 37.43 10.58 22.25
CA VAL H 39 36.23 10.13 22.96
C VAL H 39 35.09 11.13 22.80
N ALA H 40 33.97 10.69 22.26
CA ALA H 40 32.83 11.58 22.01
C ALA H 40 31.54 11.07 22.64
N ASP H 41 30.74 12.00 23.17
CA ASP H 41 29.42 11.66 23.67
C ASP H 41 28.37 11.77 22.55
N LEU H 42 28.08 10.63 21.92
CA LEU H 42 27.17 10.59 20.77
C LEU H 42 25.96 9.70 21.04
N ALA H 43 25.18 10.05 22.06
CA ALA H 43 24.02 9.24 22.43
C ALA H 43 22.92 9.28 21.37
N GLY H 44 22.30 8.11 21.15
CA GLY H 44 21.09 8.03 20.33
C GLY H 44 21.31 7.90 18.84
N PHE H 45 22.32 7.12 18.46
CA PHE H 45 22.64 6.92 17.06
C PHE H 45 22.83 5.46 16.71
N ASN H 46 22.47 5.10 15.49
CA ASN H 46 22.79 3.80 14.93
C ASN H 46 24.25 3.79 14.53
N LYS H 47 24.99 2.79 14.97
CA LYS H 47 26.43 2.71 14.74
C LYS H 47 26.79 2.78 13.26
N GLU H 48 25.89 2.29 12.40
CA GLU H 48 26.12 2.27 10.96
C GLU H 48 26.01 3.66 10.35
N LYS H 49 25.37 4.58 11.06
CA LYS H 49 25.18 5.94 10.56
C LYS H 49 26.19 6.91 11.15
N ILE H 50 27.10 6.38 11.97
CA ILE H 50 28.23 7.15 12.46
C ILE H 50 29.40 6.99 11.51
N LYS H 51 29.84 8.09 10.92
CA LYS H 51 30.95 8.03 9.97
C LYS H 51 32.08 8.98 10.34
N ALA H 52 33.21 8.41 10.75
CA ALA H 52 34.38 9.18 11.12
C ALA H 52 35.56 8.86 10.22
N ARG H 53 36.19 9.91 9.69
CA ARG H 53 37.31 9.75 8.78
C ARG H 53 38.33 10.86 8.96
N VAL H 54 39.56 10.60 8.52
CA VAL H 54 40.60 11.62 8.52
C VAL H 54 40.74 12.21 7.11
N SER H 55 40.71 13.52 7.01
CA SER H 55 40.84 14.19 5.72
C SER H 55 42.04 15.12 5.70
N GLY H 56 42.72 15.17 4.56
CA GLY H 56 43.95 15.93 4.47
C GLY H 56 45.07 15.19 5.17
N GLN H 57 45.61 15.80 6.22
CA GLN H 57 46.70 15.19 6.98
C GLN H 57 46.52 15.48 8.47
N ASN H 58 45.52 16.29 8.78
CA ASN H 58 45.39 16.88 10.11
C ASN H 58 43.96 16.96 10.61
N GLU H 59 42.99 16.63 9.76
CA GLU H 59 41.59 16.81 10.12
C GLU H 59 40.86 15.50 10.42
N LEU H 60 40.23 15.46 11.60
CA LEU H 60 39.33 14.37 11.97
C LEU H 60 37.91 14.89 11.80
N ILE H 61 37.11 14.20 10.99
CA ILE H 61 35.72 14.60 10.80
C ILE H 61 34.75 13.52 11.30
N ILE H 62 33.98 13.89 12.33
CA ILE H 62 32.96 13.01 12.86
C ILE H 62 31.59 13.44 12.35
N GLU H 63 30.96 12.59 11.54
CA GLU H 63 29.61 12.89 11.06
C GLU H 63 28.63 11.81 11.53
N ALA H 64 27.36 12.21 11.64
CA ALA H 64 26.30 11.29 12.03
C ALA H 64 24.96 11.85 11.59
N GLU H 65 23.97 10.97 11.48
CA GLU H 65 22.63 11.39 11.15
C GLU H 65 21.62 10.43 11.76
N ARG H 66 20.42 10.93 12.03
CA ARG H 66 19.39 10.10 12.62
C ARG H 66 18.01 10.71 12.38
N GLU H 67 17.00 9.86 12.36
CA GLU H 67 15.62 10.31 12.33
C GLU H 67 15.14 10.43 13.77
N ILE H 68 14.50 11.55 14.09
CA ILE H 68 13.93 11.73 15.41
C ILE H 68 12.41 11.84 15.32
N THR H 69 11.74 10.74 15.66
CA THR H 69 10.28 10.67 15.58
C THR H 69 9.68 10.94 16.95
N GLU H 70 8.97 12.06 17.07
CA GLU H 70 8.39 12.44 18.35
C GLU H 70 6.92 12.87 18.23
N PRO H 71 6.01 11.99 18.67
CA PRO H 71 4.56 12.22 18.60
C PRO H 71 4.11 13.42 19.41
N GLY H 72 2.94 13.96 19.07
CA GLY H 72 2.30 14.99 19.87
C GLY H 72 2.99 16.34 19.85
N VAL H 73 2.59 17.19 20.80
CA VAL H 73 3.10 18.55 20.89
C VAL H 73 4.53 18.60 21.43
N LYS H 74 5.35 19.46 20.83
CA LYS H 74 6.72 19.64 21.26
C LYS H 74 6.83 20.89 22.12
N TYR H 75 7.64 20.81 23.18
CA TYR H 75 7.92 21.98 24.00
C TYR H 75 9.41 22.29 23.96
N LEU H 76 10.21 21.26 23.75
CA LEU H 76 11.66 21.40 23.64
C LEU H 76 12.20 20.52 22.53
N THR H 77 13.07 21.08 21.70
CA THR H 77 13.74 20.32 20.64
C THR H 77 15.21 20.71 20.54
N GLN H 78 16.05 20.13 21.40
CA GLN H 78 17.46 20.47 21.44
C GLN H 78 18.34 19.40 20.79
N ARG H 79 17.90 18.14 20.83
CA ARG H 79 18.67 17.05 20.26
C ARG H 79 18.75 17.17 18.73
N PRO H 80 19.98 17.24 18.21
CA PRO H 80 20.25 17.45 16.78
C PRO H 80 20.03 16.19 15.93
N LYS H 81 19.53 16.38 14.71
CA LYS H 81 19.38 15.27 13.77
C LYS H 81 20.69 15.02 13.03
N TYR H 82 21.37 16.10 12.68
CA TYR H 82 22.66 16.00 11.99
C TYR H 82 23.81 16.35 12.92
N VAL H 83 24.92 15.62 12.79
CA VAL H 83 26.13 15.93 13.53
C VAL H 83 27.32 16.04 12.59
N ARG H 84 28.10 17.12 12.73
CA ARG H 84 29.35 17.27 12.00
C ARG H 84 30.33 18.10 12.80
N LYS H 85 31.33 17.43 13.37
CA LYS H 85 32.34 18.10 14.18
C LYS H 85 33.75 17.80 13.64
N VAL H 86 34.50 18.85 13.34
CA VAL H 86 35.87 18.70 12.86
C VAL H 86 36.88 18.91 14.00
N ILE H 87 37.91 18.07 14.03
CA ILE H 87 38.92 18.16 15.07
C ILE H 87 40.31 18.28 14.48
N ARG H 88 40.98 19.39 14.77
CA ARG H 88 42.36 19.59 14.32
C ARG H 88 43.30 18.71 15.12
N LEU H 89 43.98 17.80 14.42
CA LEU H 89 44.89 16.87 15.05
C LEU H 89 46.28 17.50 15.22
N PRO H 90 46.91 17.31 16.38
CA PRO H 90 48.24 17.87 16.68
C PRO H 90 49.36 17.08 16.02
N TYR H 91 49.02 16.04 15.25
CA TYR H 91 50.00 15.29 14.49
C TYR H 91 49.47 14.98 13.09
N ASN H 92 50.36 14.56 12.21
CA ASN H 92 49.96 14.14 10.88
C ASN H 92 49.41 12.73 10.89
N VAL H 93 48.43 12.47 10.03
CA VAL H 93 47.88 11.14 9.89
C VAL H 93 47.81 10.77 8.42
N ALA H 94 48.70 9.88 8.00
CA ALA H 94 48.74 9.44 6.61
C ALA H 94 47.48 8.67 6.27
N LYS H 95 47.22 8.53 4.97
CA LYS H 95 46.14 7.66 4.52
C LYS H 95 46.52 6.22 4.82
N ASP H 96 45.57 5.31 4.62
CA ASP H 96 45.69 3.90 4.99
C ASP H 96 45.62 3.67 6.51
N ALA H 97 45.73 4.76 7.28
CA ALA H 97 45.68 4.69 8.74
C ALA H 97 44.38 4.04 9.23
N GLU H 98 44.49 2.80 9.69
CA GLU H 98 43.33 2.06 10.18
C GLU H 98 42.66 2.78 11.34
N ILE H 99 41.40 3.12 11.14
CA ILE H 99 40.62 3.81 12.17
C ILE H 99 39.71 2.82 12.89
N SER H 100 40.08 2.48 14.13
CA SER H 100 39.32 1.53 14.92
C SER H 100 38.39 2.28 15.87
N GLY H 101 37.10 1.96 15.82
CA GLY H 101 36.12 2.64 16.65
C GLY H 101 35.18 1.71 17.39
N LYS H 102 34.91 2.04 18.65
CA LYS H 102 33.92 1.32 19.44
C LYS H 102 32.81 2.28 19.89
N TYR H 103 31.57 1.81 19.85
CA TYR H 103 30.42 2.63 20.22
C TYR H 103 29.56 1.92 21.26
N GLU H 104 29.70 2.31 22.52
CA GLU H 104 28.91 1.74 23.61
C GLU H 104 28.51 2.77 24.65
N ASN H 105 27.30 2.62 25.18
CA ASN H 105 26.71 3.54 26.15
C ASN H 105 26.66 4.97 25.61
N GLY H 106 26.45 5.09 24.30
CA GLY H 106 26.38 6.38 23.64
C GLY H 106 27.73 6.99 23.35
N VAL H 107 28.76 6.46 23.99
CA VAL H 107 30.12 6.98 23.79
C VAL H 107 30.78 6.35 22.57
N LEU H 108 31.32 7.19 21.71
CA LEU H 108 32.12 6.73 20.58
C LEU H 108 33.61 6.93 20.89
N THR H 109 34.37 5.85 20.87
CA THR H 109 35.80 5.93 21.11
C THR H 109 36.57 5.54 19.85
N ILE H 110 37.54 6.38 19.48
CA ILE H 110 38.28 6.18 18.25
C ILE H 110 39.80 6.28 18.44
N ARG H 111 40.52 5.22 18.07
CA ARG H 111 41.98 5.23 18.10
C ARG H 111 42.55 5.51 16.72
N ILE H 112 43.41 6.54 16.66
CA ILE H 112 44.03 6.94 15.40
C ILE H 112 45.55 6.83 15.49
N PRO H 113 46.16 6.08 14.55
CA PRO H 113 47.62 5.91 14.47
C PRO H 113 48.34 7.23 14.24
N ILE H 114 49.30 7.55 15.11
CA ILE H 114 50.13 8.73 14.92
C ILE H 114 51.26 8.45 13.95
N ALA H 115 51.41 9.30 12.93
CA ALA H 115 52.49 9.15 11.97
C ALA H 115 53.32 10.43 11.88
N ARG I 11 0.84 -13.23 -45.03
CA ARG I 11 -0.53 -13.14 -44.54
C ARG I 11 -0.92 -14.37 -43.72
N SER I 12 -0.70 -15.55 -44.30
CA SER I 12 -1.13 -16.80 -43.68
C SER I 12 -0.12 -17.39 -42.72
N GLU I 13 -0.64 -18.08 -41.69
CA GLU I 13 0.19 -18.87 -40.80
C GLU I 13 -0.15 -20.34 -41.00
N GLU I 14 0.76 -21.10 -41.58
CA GLU I 14 0.53 -22.54 -41.75
C GLU I 14 1.04 -23.31 -40.54
N LEU I 15 0.13 -24.03 -39.89
CA LEU I 15 0.40 -24.69 -38.62
C LEU I 15 1.24 -25.96 -38.76
N SER I 16 2.27 -26.06 -37.92
CA SER I 16 3.16 -27.20 -37.90
C SER I 16 3.04 -27.92 -36.56
N ARG I 17 3.78 -29.01 -36.41
CA ARG I 17 3.80 -29.73 -35.12
C ARG I 17 4.43 -28.86 -34.03
N GLY I 18 5.14 -27.82 -34.44
CA GLY I 18 5.70 -26.87 -33.50
C GLY I 18 4.62 -26.05 -32.83
N PHE I 19 3.63 -25.62 -33.61
CA PHE I 19 2.53 -24.84 -33.06
C PHE I 19 1.68 -25.69 -32.11
N TYR I 20 1.26 -26.85 -32.58
CA TYR I 20 0.40 -27.74 -31.81
C TYR I 20 1.03 -28.13 -30.47
N GLU I 21 2.35 -28.30 -30.48
CA GLU I 21 3.08 -28.74 -29.30
C GLU I 21 2.94 -27.78 -28.13
N LEU I 22 2.66 -26.52 -28.43
CA LEU I 22 2.54 -25.48 -27.40
C LEU I 22 1.09 -25.23 -27.00
N VAL I 23 0.17 -26.01 -27.57
CA VAL I 23 -1.26 -25.80 -27.35
C VAL I 23 -1.99 -27.13 -27.10
N TYR I 24 -1.58 -28.16 -27.82
CA TYR I 24 -2.12 -29.51 -27.66
C TYR I 24 -1.47 -30.14 -26.42
N PRO I 25 -2.22 -30.98 -25.69
CA PRO I 25 -3.60 -31.42 -25.92
C PRO I 25 -4.62 -30.48 -25.28
N PRO I 26 -5.85 -30.47 -25.81
CA PRO I 26 -6.94 -29.75 -25.14
C PRO I 26 -7.32 -30.48 -23.86
N VAL I 27 -7.62 -29.72 -22.81
CA VAL I 27 -7.89 -30.31 -21.51
C VAL I 27 -9.20 -29.80 -20.90
N ASP I 28 -10.00 -30.73 -20.38
CA ASP I 28 -11.17 -30.37 -19.57
C ASP I 28 -10.89 -30.73 -18.12
N MET I 29 -11.25 -29.82 -17.21
CA MET I 29 -11.11 -30.10 -15.79
C MET I 29 -12.38 -29.69 -15.04
N TYR I 30 -12.83 -30.56 -14.15
CA TYR I 30 -14.07 -30.33 -13.42
C TYR I 30 -14.17 -31.24 -12.20
N GLU I 31 -14.92 -30.79 -11.20
CA GLU I 31 -15.12 -31.55 -9.99
C GLU I 31 -16.50 -32.19 -10.00
N GLU I 32 -16.53 -33.52 -10.01
CA GLU I 32 -17.77 -34.28 -10.08
C GLU I 32 -17.92 -35.25 -8.91
N GLY I 33 -19.02 -35.12 -8.18
CA GLY I 33 -19.37 -36.05 -7.11
C GLY I 33 -18.30 -36.27 -6.05
N GLY I 34 -17.45 -35.27 -5.85
CA GLY I 34 -16.40 -35.36 -4.85
C GLY I 34 -15.04 -35.74 -5.43
N TYR I 35 -14.96 -35.80 -6.75
CA TYR I 35 -13.71 -36.12 -7.43
C TYR I 35 -13.31 -35.02 -8.41
N LEU I 36 -12.04 -34.65 -8.39
CA LEU I 36 -11.51 -33.71 -9.37
C LEU I 36 -11.09 -34.52 -10.58
N VAL I 37 -11.68 -34.21 -11.73
CA VAL I 37 -11.42 -34.99 -12.94
C VAL I 37 -10.71 -34.17 -14.00
N VAL I 38 -9.56 -34.67 -14.45
CA VAL I 38 -8.82 -34.04 -15.55
C VAL I 38 -8.90 -34.92 -16.79
N VAL I 39 -9.37 -34.34 -17.90
CA VAL I 39 -9.54 -35.09 -19.14
C VAL I 39 -8.76 -34.45 -20.29
N ALA I 40 -7.99 -35.27 -20.99
CA ALA I 40 -7.11 -34.78 -22.04
C ALA I 40 -7.20 -35.62 -23.32
N ASP I 41 -7.40 -34.94 -24.46
CA ASP I 41 -7.37 -35.62 -25.76
C ASP I 41 -5.93 -35.85 -26.19
N LEU I 42 -5.42 -37.05 -25.93
CA LEU I 42 -4.01 -37.35 -26.17
C LEU I 42 -3.87 -38.61 -27.03
N ALA I 43 -4.36 -38.54 -28.25
CA ALA I 43 -4.40 -39.71 -29.14
C ALA I 43 -3.03 -40.18 -29.62
N GLY I 44 -2.91 -41.47 -29.86
CA GLY I 44 -1.73 -42.05 -30.47
C GLY I 44 -0.47 -42.06 -29.63
N PHE I 45 -0.58 -42.55 -28.41
CA PHE I 45 0.57 -42.68 -27.53
C PHE I 45 0.60 -44.04 -26.87
N ASN I 46 1.76 -44.40 -26.35
CA ASN I 46 1.91 -45.60 -25.53
C ASN I 46 1.76 -45.19 -24.07
N LYS I 47 0.89 -45.89 -23.34
CA LYS I 47 0.61 -45.56 -21.94
C LYS I 47 1.88 -45.44 -21.12
N GLU I 48 2.79 -46.38 -21.34
CA GLU I 48 4.04 -46.44 -20.57
C GLU I 48 4.88 -45.19 -20.82
N LYS I 49 4.63 -44.49 -21.92
CA LYS I 49 5.36 -43.29 -22.26
C LYS I 49 4.65 -42.03 -21.78
N ILE I 50 3.42 -42.18 -21.30
CA ILE I 50 2.65 -41.05 -20.78
C ILE I 50 2.99 -40.77 -19.32
N LYS I 51 3.67 -39.65 -19.08
CA LYS I 51 4.13 -39.31 -17.74
C LYS I 51 3.35 -38.16 -17.14
N ALA I 52 2.60 -38.46 -16.07
CA ALA I 52 1.83 -37.44 -15.37
C ALA I 52 2.13 -37.45 -13.87
N ARG I 53 2.63 -36.33 -13.36
CA ARG I 53 2.96 -36.23 -11.94
C ARG I 53 2.41 -34.93 -11.36
N VAL I 54 2.36 -34.85 -10.04
CA VAL I 54 1.91 -33.63 -9.38
C VAL I 54 3.07 -32.90 -8.72
N SER I 55 3.41 -31.72 -9.26
CA SER I 55 4.48 -30.91 -8.71
C SER I 55 3.99 -30.19 -7.46
N GLY I 56 4.49 -30.61 -6.30
CA GLY I 56 4.03 -30.07 -5.04
C GLY I 56 2.68 -30.65 -4.69
N GLN I 57 1.69 -29.78 -4.55
CA GLN I 57 0.34 -30.22 -4.20
C GLN I 57 -0.69 -29.86 -5.28
N ASN I 58 -0.36 -28.91 -6.15
CA ASN I 58 -1.36 -28.39 -7.09
C ASN I 58 -0.91 -28.21 -8.54
N GLU I 59 0.34 -28.58 -8.85
CA GLU I 59 0.84 -28.44 -10.22
C GLU I 59 0.91 -29.78 -10.95
N LEU I 60 -0.14 -30.09 -11.72
CA LEU I 60 -0.16 -31.32 -12.49
C LEU I 60 0.56 -31.16 -13.82
N ILE I 61 1.59 -31.97 -14.04
CA ILE I 61 2.37 -31.90 -15.27
C ILE I 61 2.13 -33.16 -16.11
N ILE I 62 1.53 -32.96 -17.28
CA ILE I 62 1.30 -34.06 -18.22
C ILE I 62 2.34 -33.99 -19.33
N GLU I 63 3.19 -35.01 -19.41
CA GLU I 63 4.25 -35.03 -20.41
C GLU I 63 4.26 -36.35 -21.17
N ALA I 64 4.54 -36.29 -22.47
CA ALA I 64 4.63 -37.50 -23.29
C ALA I 64 5.41 -37.27 -24.58
N GLU I 65 6.27 -38.23 -24.92
CA GLU I 65 6.94 -38.24 -26.22
C GLU I 65 6.52 -39.50 -26.98
N ARG I 66 6.36 -39.37 -28.27
CA ARG I 66 5.99 -40.50 -29.07
C ARG I 66 6.93 -40.63 -30.23
N GLU I 67 6.81 -41.76 -30.87
CA GLU I 67 7.60 -42.16 -32.00
C GLU I 67 6.74 -42.04 -33.24
N ILE I 68 7.15 -41.22 -34.19
CA ILE I 68 6.43 -41.17 -35.44
C ILE I 68 7.37 -41.43 -36.58
N THR I 69 7.12 -42.51 -37.29
CA THR I 69 7.95 -42.88 -38.44
C THR I 69 7.09 -42.92 -39.70
N GLU I 70 7.14 -41.85 -40.48
CA GLU I 70 6.34 -41.74 -41.70
C GLU I 70 7.24 -41.68 -42.93
N PRO I 71 7.36 -42.81 -43.63
CA PRO I 71 8.24 -42.95 -44.81
C PRO I 71 7.57 -42.47 -46.09
N GLY I 72 8.25 -41.59 -46.83
CA GLY I 72 7.73 -41.13 -48.10
C GLY I 72 7.62 -39.62 -48.20
N VAL I 73 6.94 -39.15 -49.23
CA VAL I 73 6.75 -37.72 -49.44
C VAL I 73 5.75 -37.18 -48.42
N LYS I 74 6.23 -36.27 -47.56
CA LYS I 74 5.40 -35.69 -46.52
C LYS I 74 4.81 -34.35 -46.97
N TYR I 75 3.49 -34.23 -46.91
CA TYR I 75 2.82 -33.00 -47.32
C TYR I 75 2.35 -32.17 -46.13
N LEU I 76 1.87 -32.84 -45.08
CA LEU I 76 1.38 -32.14 -43.88
C LEU I 76 1.92 -32.78 -42.61
N THR I 77 2.43 -31.94 -41.71
CA THR I 77 2.96 -32.40 -40.44
C THR I 77 2.46 -31.53 -39.29
N GLN I 78 1.43 -32.00 -38.60
CA GLN I 78 0.86 -31.24 -37.49
C GLN I 78 0.92 -32.02 -36.19
N ARG I 79 0.90 -33.33 -36.28
CA ARG I 79 0.93 -34.18 -35.10
C ARG I 79 2.26 -34.06 -34.37
N PRO I 80 2.22 -33.64 -33.09
CA PRO I 80 3.43 -33.40 -32.30
C PRO I 80 4.07 -34.67 -31.75
N LYS I 81 5.39 -34.70 -31.75
CA LYS I 81 6.15 -35.80 -31.14
C LYS I 81 6.16 -35.59 -29.63
N TYR I 82 6.40 -34.35 -29.23
CA TYR I 82 6.42 -33.99 -27.82
C TYR I 82 5.11 -33.35 -27.39
N VAL I 83 4.84 -33.42 -26.09
CA VAL I 83 3.64 -32.82 -25.51
C VAL I 83 3.89 -32.52 -24.02
N ARG I 84 3.49 -31.32 -23.60
CA ARG I 84 3.62 -30.94 -22.20
C ARG I 84 2.57 -29.90 -21.79
N LYS I 85 1.69 -30.31 -20.88
CA LYS I 85 0.61 -29.45 -20.42
C LYS I 85 0.72 -29.23 -18.91
N VAL I 86 0.63 -27.98 -18.48
CA VAL I 86 0.69 -27.65 -17.06
C VAL I 86 -0.66 -27.18 -16.55
N ILE I 87 -1.19 -27.86 -15.54
CA ILE I 87 -2.51 -27.53 -15.01
C ILE I 87 -2.50 -27.21 -13.52
N ARG I 88 -2.87 -25.99 -13.18
CA ARG I 88 -3.09 -25.59 -11.79
C ARG I 88 -4.35 -26.29 -11.28
N LEU I 89 -4.21 -27.07 -10.22
CA LEU I 89 -5.34 -27.77 -9.63
C LEU I 89 -5.99 -26.97 -8.51
N PRO I 90 -7.32 -26.83 -8.55
CA PRO I 90 -8.06 -26.13 -7.50
C PRO I 90 -7.93 -26.78 -6.13
N TYR I 91 -7.48 -28.03 -6.10
CA TYR I 91 -7.32 -28.76 -4.85
C TYR I 91 -5.90 -29.28 -4.67
N ASN I 92 -5.45 -29.40 -3.43
CA ASN I 92 -4.13 -29.93 -3.16
C ASN I 92 -4.15 -31.46 -3.19
N VAL I 93 -3.15 -32.05 -3.84
CA VAL I 93 -3.17 -33.49 -4.11
C VAL I 93 -2.29 -34.31 -3.17
N ALA I 94 -1.01 -33.99 -3.13
CA ALA I 94 0.02 -34.78 -2.43
C ALA I 94 -0.41 -35.34 -1.07
N LYS I 95 -0.06 -36.60 -0.80
CA LYS I 95 0.72 -37.42 -1.72
C LYS I 95 0.20 -38.86 -1.77
N ASP I 96 -0.69 -39.21 -0.85
CA ASP I 96 -1.29 -40.54 -0.81
C ASP I 96 -2.00 -40.84 -2.14
N ALA I 97 -1.27 -41.40 -3.08
CA ALA I 97 -1.75 -41.62 -4.43
C ALA I 97 -2.99 -42.50 -4.51
N GLU I 98 -4.15 -41.90 -4.25
CA GLU I 98 -5.43 -42.55 -4.52
C GLU I 98 -5.89 -42.04 -5.88
N ILE I 99 -4.91 -41.59 -6.67
CA ILE I 99 -5.15 -40.93 -7.94
C ILE I 99 -5.31 -41.94 -9.08
N SER I 100 -6.52 -42.04 -9.61
CA SER I 100 -6.78 -42.91 -10.75
C SER I 100 -6.16 -42.38 -12.03
N GLY I 101 -5.70 -43.30 -12.87
CA GLY I 101 -5.15 -42.95 -14.17
C GLY I 101 -5.63 -43.94 -15.22
N LYS I 102 -6.27 -43.42 -16.26
CA LYS I 102 -6.82 -44.28 -17.31
C LYS I 102 -6.57 -43.70 -18.70
N TYR I 103 -6.37 -44.58 -19.68
CA TYR I 103 -6.10 -44.17 -21.05
C TYR I 103 -6.86 -45.07 -22.02
N GLU I 104 -7.96 -44.55 -22.58
CA GLU I 104 -8.83 -45.34 -23.43
C GLU I 104 -9.42 -44.49 -24.54
N ASN I 105 -9.40 -45.02 -25.77
CA ASN I 105 -9.85 -44.31 -26.95
C ASN I 105 -9.13 -42.97 -27.13
N GLY I 106 -7.83 -42.98 -26.82
CA GLY I 106 -6.99 -41.81 -26.96
C GLY I 106 -7.10 -40.82 -25.81
N VAL I 107 -8.10 -41.03 -24.94
CA VAL I 107 -8.37 -40.10 -23.86
C VAL I 107 -7.71 -40.49 -22.55
N LEU I 108 -6.93 -39.56 -22.00
CA LEU I 108 -6.34 -39.74 -20.67
C LEU I 108 -7.26 -39.13 -19.62
N THR I 109 -7.70 -39.95 -18.67
CA THR I 109 -8.60 -39.47 -17.63
C THR I 109 -8.01 -39.70 -16.24
N ILE I 110 -7.98 -38.63 -15.45
CA ILE I 110 -7.44 -38.69 -14.10
C ILE I 110 -8.50 -38.29 -13.08
N ARG I 111 -8.70 -39.14 -12.08
CA ARG I 111 -9.65 -38.83 -11.01
C ARG I 111 -8.95 -38.73 -9.66
N ILE I 112 -9.02 -37.54 -9.07
CA ILE I 112 -8.47 -37.30 -7.75
C ILE I 112 -9.60 -37.06 -6.75
N PRO I 113 -9.75 -37.98 -5.77
CA PRO I 113 -10.76 -37.82 -4.73
C PRO I 113 -10.51 -36.55 -3.93
N ILE I 114 -11.54 -35.75 -3.73
CA ILE I 114 -11.37 -34.39 -3.26
C ILE I 114 -12.04 -34.10 -1.91
N ALA I 115 -13.15 -34.77 -1.64
CA ALA I 115 -13.91 -34.53 -0.43
C ALA I 115 -13.16 -35.00 0.82
N LEU J 4 -4.88 -20.08 -38.54
CA LEU J 4 -4.03 -19.35 -39.47
C LEU J 4 -4.09 -17.85 -39.35
N GLY J 5 -5.26 -17.35 -38.99
CA GLY J 5 -5.46 -15.96 -38.66
C GLY J 5 -4.42 -15.31 -37.76
N LYS J 6 -4.31 -15.78 -36.51
CA LYS J 6 -3.35 -15.22 -35.55
C LYS J 6 -3.01 -16.31 -34.55
N GLU J 7 -1.87 -16.18 -33.87
CA GLU J 7 -1.46 -17.14 -32.86
C GLU J 7 -1.99 -16.72 -31.49
N LEU J 8 -2.67 -17.63 -30.82
CA LEU J 8 -3.19 -17.38 -29.48
C LEU J 8 -2.24 -17.93 -28.43
N GLN J 9 -0.98 -17.51 -28.51
CA GLN J 9 0.06 -18.07 -27.64
C GLN J 9 0.57 -17.08 -26.61
N LYS J 10 0.17 -15.82 -26.74
CA LYS J 10 0.49 -14.82 -25.73
C LYS J 10 -0.50 -14.96 -24.58
N ARG J 11 -1.52 -15.77 -24.79
CA ARG J 11 -2.51 -16.06 -23.75
C ARG J 11 -1.91 -16.95 -22.67
N SER J 12 -2.75 -17.29 -21.72
CA SER J 12 -2.39 -18.08 -20.58
C SER J 12 -3.18 -19.38 -20.45
N GLU J 13 -3.59 -20.01 -21.54
CA GLU J 13 -4.61 -21.08 -21.46
C GLU J 13 -5.94 -20.60 -20.95
N GLU J 14 -6.27 -19.47 -21.53
CA GLU J 14 -7.58 -18.90 -21.63
C GLU J 14 -8.06 -19.38 -22.98
N LEU J 15 -7.46 -20.46 -23.46
CA LEU J 15 -7.90 -21.08 -24.70
C LEU J 15 -9.25 -21.75 -24.51
N SER J 16 -10.16 -21.45 -25.44
CA SER J 16 -11.54 -21.92 -25.35
C SER J 16 -11.76 -23.16 -26.20
N ARG J 17 -12.93 -23.77 -26.06
CA ARG J 17 -13.32 -24.86 -26.95
C ARG J 17 -13.33 -24.34 -28.38
N GLY J 18 -13.70 -23.08 -28.54
CA GLY J 18 -13.79 -22.45 -29.84
C GLY J 18 -12.48 -22.41 -30.60
N PHE J 19 -11.40 -21.98 -29.95
CA PHE J 19 -10.10 -21.91 -30.60
C PHE J 19 -9.62 -23.31 -31.01
N TYR J 20 -9.80 -24.28 -30.14
CA TYR J 20 -9.37 -25.64 -30.43
C TYR J 20 -10.11 -26.22 -31.62
N GLU J 21 -11.39 -25.89 -31.72
CA GLU J 21 -12.23 -26.36 -32.82
C GLU J 21 -11.66 -25.95 -34.18
N LEU J 22 -10.96 -24.81 -34.21
CA LEU J 22 -10.31 -24.35 -35.42
C LEU J 22 -9.14 -25.25 -35.83
N VAL J 23 -8.43 -25.78 -34.85
CA VAL J 23 -7.18 -26.50 -35.12
C VAL J 23 -7.28 -28.01 -34.87
N TYR J 24 -8.37 -28.45 -34.23
CA TYR J 24 -8.55 -29.85 -33.90
C TYR J 24 -9.17 -30.60 -35.07
N PRO J 25 -8.62 -31.77 -35.42
CA PRO J 25 -7.43 -32.41 -34.82
C PRO J 25 -6.18 -32.14 -35.64
N PRO J 26 -4.99 -32.31 -35.02
CA PRO J 26 -3.74 -32.22 -35.79
C PRO J 26 -3.68 -33.37 -36.79
N VAL J 27 -3.15 -33.12 -37.98
CA VAL J 27 -3.19 -34.10 -39.06
C VAL J 27 -1.85 -34.25 -39.77
N ASP J 28 -1.41 -35.49 -39.96
CA ASP J 28 -0.29 -35.79 -40.84
C ASP J 28 -0.78 -36.35 -42.18
N MET J 29 -0.34 -35.74 -43.27
CA MET J 29 -0.63 -36.29 -44.59
C MET J 29 0.66 -36.52 -45.37
N TYR J 30 0.78 -37.72 -45.92
CA TYR J 30 2.00 -38.12 -46.63
C TYR J 30 1.72 -39.26 -47.60
N GLU J 31 2.53 -39.35 -48.66
CA GLU J 31 2.36 -40.37 -49.68
C GLU J 31 3.31 -41.55 -49.47
N GLU J 32 2.75 -42.74 -49.32
CA GLU J 32 3.55 -43.94 -49.10
C GLU J 32 2.93 -45.14 -49.80
N GLY J 33 3.77 -45.89 -50.52
CA GLY J 33 3.35 -47.12 -51.18
C GLY J 33 2.17 -46.95 -52.10
N GLY J 34 2.13 -45.84 -52.84
CA GLY J 34 1.05 -45.57 -53.76
C GLY J 34 -0.24 -45.22 -53.05
N TYR J 35 -0.11 -44.66 -51.86
CA TYR J 35 -1.28 -44.28 -51.06
C TYR J 35 -1.12 -42.91 -50.41
N LEU J 36 -2.16 -42.09 -50.51
CA LEU J 36 -2.23 -40.85 -49.77
C LEU J 36 -2.67 -41.18 -48.35
N VAL J 37 -1.75 -41.12 -47.40
CA VAL J 37 -2.04 -41.48 -46.02
C VAL J 37 -2.33 -40.25 -45.16
N VAL J 38 -3.51 -40.25 -44.53
CA VAL J 38 -3.91 -39.16 -43.65
C VAL J 38 -4.12 -39.67 -42.23
N VAL J 39 -3.38 -39.10 -41.29
CA VAL J 39 -3.42 -39.53 -39.90
C VAL J 39 -3.83 -38.39 -38.98
N ALA J 40 -4.89 -38.60 -38.20
CA ALA J 40 -5.43 -37.55 -37.34
C ALA J 40 -5.63 -38.00 -35.91
N ASP J 41 -5.13 -37.21 -34.96
CA ASP J 41 -5.35 -37.47 -33.54
C ASP J 41 -6.77 -37.11 -33.14
N LEU J 42 -7.70 -38.05 -33.31
CA LEU J 42 -9.11 -37.80 -33.04
C LEU J 42 -9.59 -38.55 -31.80
N ALA J 43 -9.00 -38.24 -30.65
CA ALA J 43 -9.31 -38.95 -29.41
C ALA J 43 -10.72 -38.67 -28.89
N GLY J 44 -11.39 -39.72 -28.42
CA GLY J 44 -12.62 -39.57 -27.68
C GLY J 44 -13.91 -39.54 -28.49
N PHE J 45 -13.88 -40.15 -29.66
CA PHE J 45 -15.08 -40.26 -30.48
C PHE J 45 -15.36 -41.73 -30.69
N ASN J 46 -16.56 -42.06 -31.15
CA ASN J 46 -16.84 -43.44 -31.55
C ASN J 46 -17.06 -43.51 -33.07
N LYS J 47 -16.80 -44.68 -33.63
CA LYS J 47 -16.71 -44.86 -35.09
C LYS J 47 -17.92 -44.34 -35.89
N GLU J 48 -19.12 -44.56 -35.36
CA GLU J 48 -20.34 -44.19 -36.09
C GLU J 48 -20.60 -42.68 -36.09
N LYS J 49 -19.69 -41.92 -35.47
CA LYS J 49 -19.83 -40.46 -35.43
C LYS J 49 -18.68 -39.76 -36.17
N ILE J 50 -17.82 -40.54 -36.80
CA ILE J 50 -16.70 -40.00 -37.57
C ILE J 50 -16.95 -40.15 -39.08
N LYS J 51 -17.25 -39.05 -39.75
CA LYS J 51 -17.54 -39.08 -41.18
C LYS J 51 -16.37 -38.54 -42.01
N ALA J 52 -16.07 -39.20 -43.11
CA ALA J 52 -15.01 -38.75 -44.02
C ALA J 52 -15.45 -38.79 -45.48
N ARG J 53 -15.07 -37.77 -46.23
CA ARG J 53 -15.42 -37.69 -47.65
C ARG J 53 -14.47 -36.73 -48.36
N VAL J 54 -14.47 -36.79 -49.70
CA VAL J 54 -13.66 -35.87 -50.49
C VAL J 54 -14.53 -34.98 -51.35
N SER J 55 -14.59 -33.70 -51.00
CA SER J 55 -15.32 -32.72 -51.80
C SER J 55 -14.47 -32.28 -52.99
N GLY J 56 -15.11 -32.11 -54.14
CA GLY J 56 -14.38 -31.83 -55.36
C GLY J 56 -13.49 -33.01 -55.70
N GLN J 57 -12.20 -32.75 -55.82
CA GLN J 57 -11.24 -33.83 -56.03
C GLN J 57 -9.95 -33.58 -55.25
N ASN J 58 -9.92 -32.48 -54.50
CA ASN J 58 -8.70 -32.10 -53.79
C ASN J 58 -8.90 -31.63 -52.35
N GLU J 59 -10.12 -31.74 -51.84
CA GLU J 59 -10.41 -31.32 -50.47
C GLU J 59 -10.92 -32.45 -49.58
N LEU J 60 -10.03 -32.98 -48.74
CA LEU J 60 -10.42 -34.01 -47.77
C LEU J 60 -11.10 -33.33 -46.58
N ILE J 61 -12.29 -33.79 -46.24
CA ILE J 61 -13.03 -33.22 -45.12
C ILE J 61 -13.28 -34.26 -44.02
N ILE J 62 -12.79 -33.98 -42.81
CA ILE J 62 -13.01 -34.87 -41.68
C ILE J 62 -13.98 -34.24 -40.68
N GLU J 63 -15.08 -34.95 -40.43
CA GLU J 63 -16.12 -34.44 -39.54
C GLU J 63 -16.39 -35.40 -38.39
N ALA J 64 -16.72 -34.83 -37.23
CA ALA J 64 -16.98 -35.64 -36.04
C ALA J 64 -17.76 -34.89 -34.97
N GLU J 65 -18.61 -35.62 -34.24
CA GLU J 65 -19.32 -35.08 -33.09
C GLU J 65 -19.18 -36.04 -31.91
N ARG J 66 -19.12 -35.49 -30.70
CA ARG J 66 -19.19 -36.31 -29.50
C ARG J 66 -20.03 -35.61 -28.45
N GLU J 67 -20.65 -36.39 -27.57
CA GLU J 67 -21.37 -35.83 -26.44
C GLU J 67 -20.44 -35.75 -25.24
N ILE J 68 -20.21 -34.54 -24.76
CA ILE J 68 -19.35 -34.33 -23.61
C ILE J 68 -20.20 -34.03 -22.38
N THR J 69 -20.37 -35.03 -21.52
CA THR J 69 -21.16 -34.86 -20.31
C THR J 69 -20.26 -34.82 -19.08
N GLU J 70 -20.00 -33.62 -18.58
CA GLU J 70 -19.14 -33.42 -17.43
C GLU J 70 -19.93 -32.73 -16.32
N PRO J 71 -20.55 -33.54 -15.44
CA PRO J 71 -21.39 -32.99 -14.37
C PRO J 71 -20.56 -32.31 -13.28
N GLY J 72 -21.11 -31.26 -12.69
CA GLY J 72 -20.49 -30.62 -11.55
C GLY J 72 -19.86 -29.27 -11.85
N VAL J 73 -18.84 -28.95 -11.08
CA VAL J 73 -18.19 -27.64 -11.14
C VAL J 73 -16.98 -27.69 -12.07
N LYS J 74 -17.06 -26.97 -13.19
CA LYS J 74 -15.99 -27.00 -14.17
C LYS J 74 -15.04 -25.82 -14.07
N TYR J 75 -13.77 -26.08 -14.35
CA TYR J 75 -12.73 -25.07 -14.24
C TYR J 75 -12.07 -24.88 -15.61
N LEU J 76 -11.88 -25.98 -16.32
CA LEU J 76 -11.34 -25.93 -17.68
C LEU J 76 -12.29 -26.56 -18.69
N THR J 77 -12.43 -25.91 -19.83
CA THR J 77 -13.30 -26.37 -20.91
C THR J 77 -12.63 -26.10 -22.25
N GLN J 78 -11.95 -27.10 -22.79
CA GLN J 78 -11.16 -26.92 -23.99
C GLN J 78 -11.43 -27.95 -25.08
N ARG J 79 -11.91 -29.12 -24.69
CA ARG J 79 -12.11 -30.19 -25.65
C ARG J 79 -13.36 -29.98 -26.50
N PRO J 80 -13.17 -29.84 -27.81
CA PRO J 80 -14.25 -29.50 -28.75
C PRO J 80 -15.27 -30.63 -28.90
N LYS J 81 -16.53 -30.25 -29.08
CA LYS J 81 -17.60 -31.20 -29.35
C LYS J 81 -17.64 -31.53 -30.84
N TYR J 82 -17.47 -30.49 -31.65
CA TYR J 82 -17.61 -30.61 -33.09
C TYR J 82 -16.26 -30.50 -33.78
N VAL J 83 -16.10 -31.25 -34.86
CA VAL J 83 -14.87 -31.19 -35.65
C VAL J 83 -15.20 -31.17 -37.13
N ARG J 84 -14.63 -30.21 -37.85
CA ARG J 84 -14.71 -30.19 -39.31
C ARG J 84 -13.37 -29.72 -39.88
N LYS J 85 -12.48 -30.68 -40.15
CA LYS J 85 -11.18 -30.34 -40.71
C LYS J 85 -11.13 -30.50 -42.23
N VAL J 86 -10.69 -29.45 -42.90
CA VAL J 86 -10.56 -29.47 -44.35
C VAL J 86 -9.09 -29.49 -44.78
N ILE J 87 -8.69 -30.58 -45.40
CA ILE J 87 -7.30 -30.77 -45.82
C ILE J 87 -7.20 -30.70 -47.34
N ARG J 88 -6.31 -29.84 -47.83
CA ARG J 88 -6.09 -29.73 -49.26
C ARG J 88 -5.24 -30.91 -49.74
N LEU J 89 -5.82 -31.74 -50.59
CA LEU J 89 -5.11 -32.88 -51.15
C LEU J 89 -4.06 -32.39 -52.16
N PRO J 90 -2.90 -33.06 -52.19
CA PRO J 90 -1.77 -32.66 -53.04
C PRO J 90 -2.07 -32.77 -54.53
N TYR J 91 -2.91 -33.73 -54.91
CA TYR J 91 -3.19 -33.96 -56.34
C TYR J 91 -4.63 -33.61 -56.68
N ASN J 92 -5.33 -34.63 -57.18
CA ASN J 92 -6.72 -34.52 -57.60
C ASN J 92 -7.28 -35.93 -57.73
N VAL J 93 -7.48 -36.59 -56.60
CA VAL J 93 -7.92 -37.98 -56.56
C VAL J 93 -9.21 -38.18 -57.36
N ALA J 94 -9.45 -39.42 -57.79
CA ALA J 94 -10.56 -39.75 -58.69
C ALA J 94 -11.93 -39.28 -58.20
N LYS J 95 -12.89 -39.26 -59.12
CA LYS J 95 -14.26 -38.90 -58.81
C LYS J 95 -14.83 -39.83 -57.75
N ASP J 96 -14.33 -41.07 -57.74
CA ASP J 96 -14.64 -42.03 -56.70
C ASP J 96 -13.44 -42.96 -56.52
N ALA J 97 -13.09 -43.24 -55.26
CA ALA J 97 -11.96 -44.09 -54.96
C ALA J 97 -12.18 -44.89 -53.67
N GLU J 98 -11.49 -46.01 -53.55
CA GLU J 98 -11.64 -46.89 -52.40
C GLU J 98 -11.06 -46.26 -51.12
N ILE J 99 -11.82 -45.35 -50.51
CA ILE J 99 -11.41 -44.72 -49.27
C ILE J 99 -11.60 -45.66 -48.09
N SER J 100 -10.50 -46.05 -47.45
CA SER J 100 -10.56 -46.88 -46.27
C SER J 100 -10.13 -46.10 -45.04
N GLY J 101 -10.55 -46.57 -43.87
CA GLY J 101 -10.21 -45.88 -42.63
C GLY J 101 -10.24 -46.77 -41.40
N LYS J 102 -9.13 -46.80 -40.68
CA LYS J 102 -9.05 -47.48 -39.39
C LYS J 102 -9.14 -46.43 -38.29
N TYR J 103 -9.51 -46.85 -37.09
CA TYR J 103 -9.61 -45.95 -35.95
C TYR J 103 -9.28 -46.65 -34.65
N GLU J 104 -8.07 -46.43 -34.15
CA GLU J 104 -7.60 -47.10 -32.94
C GLU J 104 -6.70 -46.20 -32.09
N ASN J 105 -6.85 -46.34 -30.77
CA ASN J 105 -6.04 -45.59 -29.81
C ASN J 105 -6.17 -44.07 -29.99
N GLY J 106 -7.32 -43.65 -30.50
CA GLY J 106 -7.60 -42.25 -30.71
C GLY J 106 -7.19 -41.73 -32.07
N VAL J 107 -6.46 -42.55 -32.81
CA VAL J 107 -5.94 -42.14 -34.11
C VAL J 107 -6.83 -42.58 -35.26
N LEU J 108 -7.23 -41.61 -36.08
CA LEU J 108 -7.94 -41.91 -37.31
C LEU J 108 -6.91 -42.00 -38.42
N THR J 109 -6.93 -43.11 -39.16
CA THR J 109 -5.98 -43.31 -40.24
C THR J 109 -6.72 -43.58 -41.55
N ILE J 110 -6.58 -42.65 -42.49
CA ILE J 110 -7.24 -42.77 -43.79
C ILE J 110 -6.22 -42.96 -44.91
N ARG J 111 -6.41 -44.02 -45.70
CA ARG J 111 -5.54 -44.25 -46.85
C ARG J 111 -6.27 -44.01 -48.17
N ILE J 112 -5.86 -42.96 -48.88
CA ILE J 112 -6.47 -42.62 -50.16
C ILE J 112 -5.61 -43.12 -51.31
N PRO J 113 -6.20 -43.97 -52.17
CA PRO J 113 -5.48 -44.55 -53.30
C PRO J 113 -5.01 -43.48 -54.30
N ILE J 114 -3.70 -43.42 -54.50
CA ILE J 114 -3.09 -42.48 -55.43
C ILE J 114 -3.32 -42.92 -56.87
N ALA J 115 -4.15 -42.16 -57.59
CA ALA J 115 -4.46 -42.47 -58.98
C ALA J 115 -5.09 -41.27 -59.67
N LEU K 8 5.07 -11.80 20.08
CA LEU K 8 3.73 -11.49 19.59
C LEU K 8 2.72 -12.52 20.04
N GLN K 9 1.44 -12.21 19.87
CA GLN K 9 0.35 -13.11 20.25
C GLN K 9 -0.94 -12.72 19.53
N LYS K 10 -1.22 -13.40 18.42
CA LYS K 10 -2.42 -13.10 17.64
C LYS K 10 -3.49 -14.17 17.83
N ARG K 11 -4.60 -13.78 18.44
CA ARG K 11 -5.69 -14.71 18.70
C ARG K 11 -6.73 -14.69 17.59
N SER K 12 -6.88 -15.83 16.92
CA SER K 12 -7.87 -15.99 15.86
C SER K 12 -8.80 -17.14 16.21
N GLU K 13 -9.83 -16.85 16.98
CA GLU K 13 -10.80 -17.83 17.45
C GLU K 13 -10.19 -18.95 18.28
N GLU K 14 -9.19 -18.59 19.09
CA GLU K 14 -8.46 -19.49 19.96
C GLU K 14 -9.04 -19.57 21.38
N LEU K 15 -10.17 -18.88 21.57
CA LEU K 15 -10.84 -18.72 22.85
C LEU K 15 -11.40 -20.03 23.23
N SER K 16 -11.82 -20.17 24.49
CA SER K 16 -11.76 -19.14 25.51
C SER K 16 -11.23 -19.69 26.83
N ARG K 17 -10.49 -20.76 26.75
CA ARG K 17 -10.03 -21.45 27.96
C ARG K 17 -8.78 -20.82 28.58
N GLY K 18 -8.88 -20.44 29.85
CA GLY K 18 -7.74 -19.98 30.62
C GLY K 18 -7.05 -18.71 30.13
N PHE K 19 -7.04 -18.51 28.82
CA PHE K 19 -6.42 -17.34 28.21
C PHE K 19 -7.07 -16.05 28.70
N TYR K 20 -8.36 -16.12 29.03
CA TYR K 20 -9.09 -14.97 29.55
C TYR K 20 -8.78 -14.73 31.03
N GLU K 21 -7.54 -15.03 31.40
CA GLU K 21 -6.95 -14.57 32.63
C GLU K 21 -5.60 -13.93 32.39
N LEU K 22 -5.05 -14.07 31.19
CA LEU K 22 -3.92 -13.26 30.78
C LEU K 22 -4.34 -11.81 30.57
N VAL K 23 -5.52 -11.61 30.03
CA VAL K 23 -5.90 -10.29 29.60
C VAL K 23 -7.14 -9.74 30.21
N TYR K 24 -7.84 -10.56 30.95
CA TYR K 24 -9.02 -10.13 31.70
C TYR K 24 -8.63 -9.83 33.14
N PRO K 25 -9.18 -8.75 33.72
CA PRO K 25 -10.14 -7.84 33.10
C PRO K 25 -9.43 -6.72 32.35
N PRO K 26 -10.13 -6.10 31.38
CA PRO K 26 -9.62 -4.89 30.73
C PRO K 26 -9.73 -3.71 31.69
N VAL K 27 -8.71 -2.87 31.72
CA VAL K 27 -8.65 -1.79 32.70
C VAL K 27 -8.44 -0.44 32.05
N ASP K 28 -9.25 0.54 32.46
CA ASP K 28 -9.04 1.92 32.08
C ASP K 28 -8.48 2.67 33.29
N MET K 29 -7.43 3.44 33.08
CA MET K 29 -6.88 4.27 34.14
C MET K 29 -6.70 5.71 33.68
N TYR K 30 -7.19 6.64 34.49
CA TYR K 30 -7.17 8.05 34.14
C TYR K 30 -7.29 8.92 35.38
N GLU K 31 -6.83 10.17 35.29
CA GLU K 31 -6.91 11.09 36.41
C GLU K 31 -7.98 12.15 36.16
N GLU K 32 -8.99 12.17 37.04
CA GLU K 32 -10.12 13.05 36.88
C GLU K 32 -10.27 13.98 38.08
N GLY K 33 -10.13 15.28 37.83
CA GLY K 33 -10.35 16.30 38.85
C GLY K 33 -9.56 16.12 40.14
N GLY K 34 -8.36 15.56 40.03
CA GLY K 34 -7.52 15.37 41.20
C GLY K 34 -7.56 13.96 41.75
N TYR K 35 -8.33 13.09 41.12
CA TYR K 35 -8.43 11.70 41.55
C TYR K 35 -7.90 10.75 40.48
N LEU K 36 -7.19 9.72 40.92
CA LEU K 36 -6.73 8.66 40.03
C LEU K 36 -7.81 7.58 39.96
N VAL K 37 -8.43 7.43 38.80
CA VAL K 37 -9.55 6.51 38.64
C VAL K 37 -9.16 5.26 37.87
N VAL K 38 -9.33 4.11 38.49
CA VAL K 38 -9.08 2.83 37.82
C VAL K 38 -10.40 2.10 37.64
N VAL K 39 -10.70 1.74 36.39
CA VAL K 39 -11.95 1.04 36.10
C VAL K 39 -11.69 -0.31 35.43
N ALA K 40 -12.22 -1.38 36.03
CA ALA K 40 -12.04 -2.72 35.50
C ALA K 40 -13.38 -3.41 35.24
N ASP K 41 -13.42 -4.19 34.15
CA ASP K 41 -14.61 -4.96 33.82
C ASP K 41 -14.53 -6.36 34.45
N LEU K 42 -15.11 -6.50 35.64
CA LEU K 42 -15.07 -7.77 36.36
C LEU K 42 -16.46 -8.34 36.57
N ALA K 43 -17.10 -8.78 35.49
CA ALA K 43 -18.47 -9.27 35.55
C ALA K 43 -18.60 -10.58 36.33
N GLY K 44 -19.70 -10.73 37.04
CA GLY K 44 -20.03 -11.99 37.68
C GLY K 44 -19.18 -12.40 38.85
N PHE K 45 -19.08 -11.53 39.84
CA PHE K 45 -18.46 -11.86 41.12
C PHE K 45 -19.29 -11.22 42.22
N ASN K 46 -19.10 -11.67 43.46
CA ASN K 46 -19.69 -10.99 44.60
C ASN K 46 -18.66 -10.04 45.20
N LYS K 47 -19.12 -8.98 45.85
CA LYS K 47 -18.24 -7.95 46.40
C LYS K 47 -17.17 -8.52 47.32
N GLU K 48 -17.61 -9.32 48.29
CA GLU K 48 -16.74 -9.87 49.32
C GLU K 48 -15.54 -10.64 48.76
N LYS K 49 -15.72 -11.26 47.59
CA LYS K 49 -14.68 -12.11 47.02
C LYS K 49 -13.65 -11.35 46.17
N ILE K 50 -13.80 -10.03 46.11
CA ILE K 50 -12.82 -9.20 45.40
C ILE K 50 -11.92 -8.47 46.38
N LYS K 51 -10.61 -8.57 46.16
CA LYS K 51 -9.64 -7.92 47.03
C LYS K 51 -8.66 -7.04 46.26
N ALA K 52 -8.64 -5.74 46.60
CA ALA K 52 -7.74 -4.80 45.96
C ALA K 52 -6.76 -4.20 46.97
N ARG K 53 -5.49 -4.10 46.60
CA ARG K 53 -4.47 -3.52 47.46
C ARG K 53 -3.39 -2.83 46.63
N VAL K 54 -2.70 -1.88 47.24
CA VAL K 54 -1.60 -1.18 46.57
C VAL K 54 -0.25 -1.66 47.11
N SER K 55 0.41 -2.59 46.48
CA SER K 55 1.70 -2.97 47.00
C SER K 55 2.72 -1.90 46.74
N GLY K 56 3.50 -1.51 47.73
CA GLY K 56 4.47 -0.45 47.50
C GLY K 56 3.75 0.87 47.41
N GLN K 57 4.36 1.84 46.77
CA GLN K 57 3.63 3.07 46.48
C GLN K 57 2.97 3.01 45.11
N ASN K 58 3.32 2.00 44.34
CA ASN K 58 3.14 1.97 42.91
C ASN K 58 2.19 0.95 42.34
N GLU K 59 2.44 -0.33 42.56
CA GLU K 59 1.64 -1.35 41.95
C GLU K 59 0.29 -1.59 42.59
N LEU K 60 -0.75 -1.68 41.78
CA LEU K 60 -2.08 -1.90 42.29
C LEU K 60 -2.48 -3.28 41.92
N ILE K 61 -2.80 -4.07 42.92
CA ILE K 61 -3.14 -5.48 42.71
C ILE K 61 -4.62 -5.76 42.84
N ILE K 62 -5.22 -6.29 41.78
CA ILE K 62 -6.63 -6.69 41.81
C ILE K 62 -6.73 -8.22 41.78
N GLU K 63 -7.22 -8.80 42.86
CA GLU K 63 -7.40 -10.24 42.94
C GLU K 63 -8.83 -10.61 43.33
N ALA K 64 -9.42 -11.52 42.56
CA ALA K 64 -10.77 -11.99 42.85
C ALA K 64 -10.95 -13.42 42.38
N GLU K 65 -11.67 -14.21 43.18
CA GLU K 65 -11.95 -15.60 42.80
C GLU K 65 -13.44 -15.92 42.90
N ARG K 66 -13.88 -16.81 42.02
CA ARG K 66 -15.23 -17.32 42.05
C ARG K 66 -15.17 -18.77 41.61
N GLU K 67 -16.32 -19.40 41.40
CA GLU K 67 -16.34 -20.77 40.94
C GLU K 67 -17.57 -21.07 40.07
N ILE K 68 -17.31 -21.52 38.84
CA ILE K 68 -18.39 -21.86 37.91
C ILE K 68 -18.43 -23.38 37.77
N THR K 69 -19.41 -23.88 37.01
CA THR K 69 -19.63 -25.32 36.91
C THR K 69 -19.65 -25.84 35.48
N GLU K 70 -19.83 -27.14 35.34
CA GLU K 70 -20.10 -27.77 34.04
C GLU K 70 -21.47 -28.43 34.13
N PRO K 71 -22.54 -27.64 33.95
CA PRO K 71 -23.90 -28.12 34.12
C PRO K 71 -24.31 -29.11 33.02
N GLY K 72 -24.88 -28.58 31.94
CA GLY K 72 -25.43 -29.41 30.89
C GLY K 72 -24.42 -29.97 29.91
N VAL K 73 -24.85 -30.08 28.65
CA VAL K 73 -24.06 -30.72 27.61
C VAL K 73 -22.95 -29.82 27.08
N LYS K 74 -23.28 -28.54 27.11
CA LYS K 74 -22.62 -27.47 26.41
C LYS K 74 -21.19 -27.28 26.81
N TYR K 75 -20.33 -27.14 25.70
CA TYR K 75 -18.88 -27.26 25.80
C TYR K 75 -18.24 -26.02 25.17
N LEU K 76 -18.70 -24.86 25.62
CA LEU K 76 -18.09 -23.59 25.25
C LEU K 76 -17.30 -23.06 26.46
N THR K 77 -16.03 -23.48 26.61
CA THR K 77 -15.23 -23.15 27.80
C THR K 77 -14.78 -21.69 27.63
N GLN K 78 -14.62 -20.95 28.71
CA GLN K 78 -14.80 -19.53 28.85
C GLN K 78 -14.12 -18.61 29.87
N ARG K 79 -15.04 -18.10 30.66
CA ARG K 79 -14.85 -17.25 31.81
C ARG K 79 -13.91 -17.76 32.86
N PRO K 80 -13.20 -16.84 33.48
CA PRO K 80 -12.21 -17.18 34.50
C PRO K 80 -12.85 -17.28 35.88
N LYS K 81 -12.26 -18.12 36.73
CA LYS K 81 -12.68 -18.25 38.12
C LYS K 81 -11.60 -17.64 39.00
N TYR K 82 -10.58 -17.09 38.36
CA TYR K 82 -9.43 -16.49 39.04
C TYR K 82 -8.92 -15.30 38.23
N VAL K 83 -8.79 -14.14 38.89
CA VAL K 83 -8.22 -12.97 38.22
C VAL K 83 -7.17 -12.29 39.08
N ARG K 84 -6.03 -11.98 38.46
CA ARG K 84 -4.97 -11.21 39.13
C ARG K 84 -4.32 -10.20 38.20
N LYS K 85 -4.77 -8.96 38.25
CA LYS K 85 -4.19 -7.89 37.45
C LYS K 85 -3.32 -6.99 38.32
N VAL K 86 -2.19 -6.58 37.78
CA VAL K 86 -1.29 -5.67 38.49
C VAL K 86 -1.06 -4.42 37.65
N ILE K 87 -1.56 -3.29 38.15
CA ILE K 87 -1.50 -2.04 37.41
C ILE K 87 -0.47 -1.09 38.01
N ARG K 88 0.56 -0.77 37.24
CA ARG K 88 1.55 0.21 37.63
C ARG K 88 0.93 1.61 37.63
N LEU K 89 0.78 2.20 38.81
CA LEU K 89 0.14 3.50 38.94
C LEU K 89 1.11 4.64 38.63
N PRO K 90 0.62 5.71 37.99
CA PRO K 90 1.45 6.87 37.64
C PRO K 90 1.78 7.72 38.85
N TYR K 91 1.15 7.43 39.98
CA TYR K 91 1.33 8.24 41.18
C TYR K 91 1.69 7.43 42.41
N ASN K 92 2.51 8.03 43.26
CA ASN K 92 2.87 7.43 44.54
C ASN K 92 1.74 7.61 45.55
N VAL K 93 1.10 6.51 45.92
CA VAL K 93 -0.05 6.56 46.83
C VAL K 93 0.36 6.41 48.29
N ALA K 94 -0.01 7.39 49.11
CA ALA K 94 0.27 7.35 50.54
C ALA K 94 -0.37 6.14 51.21
N LYS K 95 0.30 5.61 52.22
CA LYS K 95 -0.17 4.43 52.93
C LYS K 95 -1.38 4.77 53.82
N ASP K 96 -1.70 6.05 53.89
CA ASP K 96 -2.76 6.53 54.77
C ASP K 96 -3.88 7.17 53.94
N ALA K 97 -4.01 6.74 52.69
CA ALA K 97 -4.95 7.36 51.76
C ALA K 97 -6.37 6.80 51.83
N GLU K 98 -7.35 7.67 51.66
CA GLU K 98 -8.76 7.26 51.62
C GLU K 98 -9.12 6.84 50.21
N ILE K 99 -9.18 5.53 49.97
CA ILE K 99 -9.44 5.00 48.64
C ILE K 99 -10.85 4.42 48.51
N SER K 100 -11.70 5.09 47.75
CA SER K 100 -13.06 4.62 47.51
C SER K 100 -13.06 3.37 46.62
N GLY K 101 -14.00 2.47 46.87
CA GLY K 101 -14.11 1.23 46.11
C GLY K 101 -15.54 0.86 45.85
N LYS K 102 -15.92 0.87 44.56
CA LYS K 102 -17.29 0.59 44.17
C LYS K 102 -17.38 -0.59 43.20
N TYR K 103 -18.31 -1.50 43.48
CA TYR K 103 -18.63 -2.57 42.55
C TYR K 103 -20.10 -2.51 42.20
N GLU K 104 -20.39 -2.30 40.92
CA GLU K 104 -21.76 -2.07 40.48
C GLU K 104 -21.91 -2.43 39.01
N ASN K 105 -22.97 -3.15 38.68
CA ASN K 105 -23.23 -3.61 37.33
C ASN K 105 -22.05 -4.36 36.70
N GLY K 106 -21.26 -5.02 37.55
CA GLY K 106 -20.16 -5.83 37.08
C GLY K 106 -18.83 -5.12 37.01
N VAL K 107 -18.84 -3.79 37.09
CA VAL K 107 -17.61 -3.02 36.97
C VAL K 107 -17.06 -2.54 38.31
N LEU K 108 -15.78 -2.81 38.55
CA LEU K 108 -15.09 -2.34 39.75
C LEU K 108 -14.46 -0.96 39.51
N THR K 109 -14.82 0.00 40.35
CA THR K 109 -14.28 1.35 40.25
C THR K 109 -13.48 1.72 41.49
N ILE K 110 -12.21 2.08 41.28
CA ILE K 110 -11.32 2.47 42.37
C ILE K 110 -10.80 3.88 42.19
N ARG K 111 -11.25 4.79 43.05
CA ARG K 111 -10.79 6.18 42.99
C ARG K 111 -9.76 6.48 44.08
N ILE K 112 -8.66 7.11 43.68
CA ILE K 112 -7.60 7.46 44.61
C ILE K 112 -7.27 8.94 44.52
N PRO K 113 -7.41 9.66 45.64
CA PRO K 113 -7.10 11.10 45.68
C PRO K 113 -5.64 11.35 45.38
N ILE K 114 -5.38 12.35 44.52
CA ILE K 114 -4.02 12.63 44.07
C ILE K 114 -3.63 14.08 44.29
N ALA K 115 -2.38 14.30 44.59
CA ALA K 115 -1.85 15.61 44.81
C ALA K 115 -0.35 15.60 44.78
N GLU L 14 0.59 -3.15 25.91
CA GLU L 14 0.53 -2.13 24.87
C GLU L 14 -0.79 -2.21 24.09
N LEU L 15 -1.66 -3.10 24.54
CA LEU L 15 -2.95 -3.33 23.87
C LEU L 15 -4.02 -2.31 24.27
N SER L 16 -4.77 -1.85 23.27
CA SER L 16 -5.81 -0.84 23.48
C SER L 16 -7.20 -1.44 23.51
N ARG L 17 -8.22 -0.57 23.43
CA ARG L 17 -9.60 -1.01 23.33
C ARG L 17 -9.78 -1.90 22.11
N GLY L 18 -9.09 -1.56 21.03
CA GLY L 18 -9.18 -2.30 19.78
C GLY L 18 -8.83 -3.77 19.91
N PHE L 19 -7.75 -4.06 20.62
CA PHE L 19 -7.34 -5.44 20.84
C PHE L 19 -8.41 -6.19 21.63
N TYR L 20 -8.76 -5.64 22.79
CA TYR L 20 -9.75 -6.27 23.66
C TYR L 20 -11.08 -6.46 22.96
N GLU L 21 -11.40 -5.57 22.03
CA GLU L 21 -12.66 -5.63 21.30
C GLU L 21 -12.81 -6.92 20.50
N LEU L 22 -11.68 -7.55 20.18
CA LEU L 22 -11.69 -8.72 19.31
C LEU L 22 -11.77 -10.06 20.05
N VAL L 23 -11.64 -10.02 21.38
CA VAL L 23 -11.64 -11.25 22.17
C VAL L 23 -12.58 -11.14 23.38
N TYR L 24 -13.51 -10.20 23.29
CA TYR L 24 -14.41 -9.88 24.39
C TYR L 24 -15.84 -10.03 23.88
N PRO L 25 -16.75 -10.52 24.73
CA PRO L 25 -16.57 -10.93 26.13
C PRO L 25 -16.29 -12.43 26.25
N PRO L 26 -15.86 -12.88 27.44
CA PRO L 26 -15.82 -14.30 27.77
C PRO L 26 -17.23 -14.90 27.64
N VAL L 27 -17.34 -16.13 27.14
CA VAL L 27 -18.63 -16.63 26.67
C VAL L 27 -19.01 -18.04 27.11
N ASP L 28 -19.98 -18.14 28.01
CA ASP L 28 -20.51 -19.43 28.43
C ASP L 28 -21.89 -19.68 27.84
N MET L 29 -21.92 -20.20 26.61
CA MET L 29 -23.18 -20.60 26.00
C MET L 29 -23.50 -22.03 26.42
N TYR L 30 -24.62 -22.20 27.12
CA TYR L 30 -24.94 -23.50 27.70
C TYR L 30 -26.09 -24.22 26.99
N GLU L 31 -26.23 -25.51 27.28
CA GLU L 31 -27.30 -26.32 26.76
C GLU L 31 -27.42 -27.62 27.55
N GLU L 32 -28.35 -27.67 28.49
CA GLU L 32 -28.56 -28.88 29.28
C GLU L 32 -29.34 -29.90 28.46
N GLY L 33 -29.84 -29.46 27.32
CA GLY L 33 -30.69 -30.29 26.47
C GLY L 33 -32.07 -29.66 26.36
N GLY L 34 -32.67 -29.37 27.51
CA GLY L 34 -33.97 -28.73 27.56
C GLY L 34 -33.92 -27.30 27.05
N TYR L 35 -33.10 -26.48 27.69
CA TYR L 35 -32.96 -25.08 27.30
C TYR L 35 -31.57 -24.78 26.76
N LEU L 36 -31.49 -23.85 25.81
CA LEU L 36 -30.22 -23.37 25.29
C LEU L 36 -29.90 -22.02 25.91
N VAL L 37 -29.19 -22.04 27.03
CA VAL L 37 -28.94 -20.83 27.82
C VAL L 37 -27.59 -20.19 27.51
N VAL L 38 -27.59 -18.90 27.20
CA VAL L 38 -26.34 -18.17 26.98
C VAL L 38 -25.97 -17.29 28.17
N VAL L 39 -24.70 -17.33 28.54
CA VAL L 39 -24.17 -16.56 29.67
C VAL L 39 -22.78 -16.02 29.34
N ALA L 40 -22.53 -14.74 29.61
CA ALA L 40 -21.25 -14.13 29.24
C ALA L 40 -20.78 -13.03 30.18
N ASP L 41 -19.48 -12.84 30.26
CA ASP L 41 -18.88 -11.77 31.08
C ASP L 41 -18.89 -10.44 30.34
N LEU L 42 -20.02 -9.74 30.40
CA LEU L 42 -20.19 -8.50 29.65
C LEU L 42 -20.40 -7.33 30.61
N ALA L 43 -19.36 -6.99 31.37
CA ALA L 43 -19.46 -6.00 32.43
C ALA L 43 -19.70 -4.58 31.93
N GLY L 44 -20.53 -3.83 32.65
CA GLY L 44 -20.65 -2.40 32.44
C GLY L 44 -21.42 -1.96 31.20
N PHE L 45 -22.59 -2.57 30.98
CA PHE L 45 -23.49 -2.12 29.94
C PHE L 45 -24.88 -1.98 30.57
N ASN L 46 -25.85 -1.49 29.82
CA ASN L 46 -27.23 -1.50 30.32
C ASN L 46 -28.11 -2.52 29.62
N LYS L 47 -29.37 -2.60 30.03
CA LYS L 47 -30.29 -3.60 29.49
C LYS L 47 -31.13 -3.05 28.33
N GLU L 48 -30.46 -2.47 27.35
CA GLU L 48 -31.15 -1.91 26.18
C GLU L 48 -30.20 -1.70 25.00
N LYS L 49 -28.90 -1.85 25.25
CA LYS L 49 -27.90 -1.65 24.21
C LYS L 49 -27.17 -2.96 23.91
N ILE L 50 -27.72 -4.06 24.42
CA ILE L 50 -27.14 -5.38 24.23
C ILE L 50 -28.03 -6.25 23.35
N LYS L 51 -27.42 -6.94 22.38
CA LYS L 51 -28.17 -7.88 21.54
C LYS L 51 -27.31 -8.89 20.80
N ALA L 52 -27.76 -10.14 20.76
CA ALA L 52 -27.07 -11.20 20.06
C ALA L 52 -27.96 -11.87 19.03
N ARG L 53 -27.35 -12.54 18.05
CA ARG L 53 -28.10 -13.17 16.97
C ARG L 53 -27.50 -14.53 16.63
N VAL L 54 -28.30 -15.40 16.00
CA VAL L 54 -27.77 -16.62 15.41
C VAL L 54 -27.90 -16.54 13.89
N SER L 55 -26.77 -16.29 13.23
CA SER L 55 -26.76 -16.08 11.79
C SER L 55 -26.63 -17.37 10.99
N GLY L 56 -27.77 -17.90 10.56
CA GLY L 56 -27.80 -19.09 9.72
C GLY L 56 -27.55 -20.39 10.45
N GLN L 57 -26.32 -20.88 10.39
CA GLN L 57 -25.99 -22.21 10.87
C GLN L 57 -25.40 -22.23 12.28
N ASN L 58 -24.10 -21.97 12.38
CA ASN L 58 -23.38 -22.16 13.64
C ASN L 58 -22.95 -20.84 14.26
N GLU L 59 -23.38 -19.73 13.66
CA GLU L 59 -22.89 -18.42 14.06
C GLU L 59 -23.59 -17.86 15.29
N LEU L 60 -22.86 -17.77 16.40
CA LEU L 60 -23.33 -17.04 17.57
C LEU L 60 -22.66 -15.67 17.56
N ILE L 61 -23.45 -14.64 17.29
CA ILE L 61 -22.91 -13.29 17.14
C ILE L 61 -23.43 -12.35 18.23
N ILE L 62 -22.53 -11.92 19.10
CA ILE L 62 -22.90 -11.07 20.23
C ILE L 62 -22.54 -9.61 19.95
N GLU L 63 -23.51 -8.71 20.11
CA GLU L 63 -23.27 -7.29 19.82
C GLU L 63 -23.80 -6.35 20.90
N ALA L 64 -22.96 -5.41 21.34
CA ALA L 64 -23.35 -4.44 22.34
C ALA L 64 -22.52 -3.15 22.25
N GLU L 65 -23.10 -2.04 22.70
CA GLU L 65 -22.40 -0.76 22.70
C GLU L 65 -22.60 -0.04 24.04
N ARG L 66 -21.54 0.63 24.50
CA ARG L 66 -21.63 1.41 25.73
C ARG L 66 -20.97 2.79 25.54
N GLU L 67 -21.42 3.77 26.32
CA GLU L 67 -20.84 5.09 26.28
C GLU L 67 -19.84 5.25 27.43
N ILE L 68 -18.58 5.47 27.10
CA ILE L 68 -17.54 5.57 28.11
C ILE L 68 -17.06 7.00 28.30
N THR L 69 -17.49 7.63 29.40
CA THR L 69 -17.08 8.98 29.72
C THR L 69 -16.01 8.99 30.81
N GLU L 70 -14.77 9.30 30.42
CA GLU L 70 -13.67 9.33 31.36
C GLU L 70 -12.86 10.61 31.22
N PRO L 71 -13.40 11.73 31.73
CA PRO L 71 -12.77 13.05 31.58
C PRO L 71 -11.40 13.09 32.24
N GLY L 72 -10.52 13.92 31.71
CA GLY L 72 -9.20 14.06 32.29
C GLY L 72 -8.11 13.37 31.50
N VAL L 73 -7.07 12.97 32.20
CA VAL L 73 -5.87 12.44 31.55
C VAL L 73 -5.85 10.91 31.60
N LYS L 74 -6.06 10.28 30.44
CA LYS L 74 -6.00 8.83 30.38
C LYS L 74 -4.55 8.34 30.33
N TYR L 75 -4.25 7.32 31.13
CA TYR L 75 -2.94 6.69 31.10
C TYR L 75 -3.10 5.28 30.56
N LEU L 76 -4.29 4.72 30.72
CA LEU L 76 -4.59 3.37 30.24
C LEU L 76 -5.98 3.28 29.64
N THR L 77 -6.10 2.51 28.56
CA THR L 77 -7.33 2.47 27.78
C THR L 77 -7.53 1.08 27.16
N GLN L 78 -8.34 0.25 27.82
CA GLN L 78 -8.52 -1.14 27.40
C GLN L 78 -9.99 -1.51 27.19
N ARG L 79 -10.88 -0.98 28.01
CA ARG L 79 -12.29 -1.38 27.97
C ARG L 79 -12.98 -0.94 26.69
N PRO L 80 -13.48 -1.92 25.91
CA PRO L 80 -14.09 -1.70 24.59
C PRO L 80 -15.36 -0.88 24.67
N LYS L 81 -15.72 -0.23 23.57
CA LYS L 81 -16.96 0.54 23.51
C LYS L 81 -17.99 -0.23 22.70
N TYR L 82 -17.50 -1.14 21.85
CA TYR L 82 -18.37 -2.00 21.05
C TYR L 82 -17.92 -3.44 21.18
N VAL L 83 -18.85 -4.36 20.93
CA VAL L 83 -18.51 -5.77 20.90
C VAL L 83 -19.17 -6.48 19.73
N ARG L 84 -18.42 -7.37 19.10
CA ARG L 84 -18.97 -8.24 18.06
C ARG L 84 -18.21 -9.56 18.02
N LYS L 85 -18.64 -10.50 18.84
CA LYS L 85 -18.00 -11.81 18.93
C LYS L 85 -18.73 -12.81 18.03
N VAL L 86 -17.99 -13.44 17.12
CA VAL L 86 -18.58 -14.43 16.22
C VAL L 86 -18.14 -15.84 16.61
N ILE L 87 -19.09 -16.63 17.12
CA ILE L 87 -18.79 -17.94 17.69
C ILE L 87 -19.41 -19.08 16.90
N ARG L 88 -18.74 -20.23 16.84
CA ARG L 88 -19.32 -21.40 16.17
C ARG L 88 -19.96 -22.37 17.15
N LEU L 89 -21.11 -22.89 16.77
CA LEU L 89 -21.84 -23.89 17.51
C LEU L 89 -22.13 -24.98 16.55
N PRO L 90 -22.45 -26.16 17.06
CA PRO L 90 -22.64 -27.38 16.25
C PRO L 90 -23.93 -27.51 15.43
N TYR L 91 -24.13 -26.62 14.46
CA TYR L 91 -25.08 -26.81 13.36
C TYR L 91 -26.56 -26.49 13.64
N ASN L 92 -26.89 -25.99 14.82
CA ASN L 92 -28.27 -26.06 15.35
C ASN L 92 -29.16 -24.83 15.23
N VAL L 93 -30.30 -25.02 14.61
CA VAL L 93 -31.21 -23.89 14.43
C VAL L 93 -32.44 -24.03 15.30
N ALA L 94 -32.98 -22.90 15.70
CA ALA L 94 -34.35 -22.83 16.19
C ALA L 94 -35.02 -21.62 15.55
N LYS L 95 -36.21 -21.79 15.01
CA LYS L 95 -36.80 -20.76 14.18
C LYS L 95 -38.18 -20.28 14.62
N ASP L 96 -38.56 -20.56 15.87
CA ASP L 96 -39.90 -20.21 16.34
C ASP L 96 -39.92 -19.41 17.65
N ALA L 97 -39.82 -20.12 18.76
CA ALA L 97 -40.02 -19.52 20.09
C ALA L 97 -39.00 -18.43 20.43
N GLU L 98 -39.50 -17.35 21.03
CA GLU L 98 -38.65 -16.28 21.53
C GLU L 98 -38.03 -16.71 22.85
N ILE L 99 -36.98 -16.02 23.28
CA ILE L 99 -36.19 -16.48 24.41
C ILE L 99 -36.42 -15.65 25.67
N SER L 100 -36.03 -16.21 26.81
CA SER L 100 -36.08 -15.50 28.09
C SER L 100 -34.69 -15.01 28.46
N GLY L 101 -34.52 -13.70 28.55
CA GLY L 101 -33.22 -13.12 28.82
C GLY L 101 -33.19 -12.11 29.96
N LYS L 102 -32.06 -12.03 30.64
CA LYS L 102 -31.92 -11.08 31.72
C LYS L 102 -30.48 -10.68 31.96
N TYR L 103 -30.30 -9.52 32.54
CA TYR L 103 -28.95 -9.04 32.82
C TYR L 103 -28.75 -9.03 34.29
N GLU L 104 -27.72 -9.72 34.75
CA GLU L 104 -27.36 -9.66 36.15
C GLU L 104 -25.89 -9.71 36.48
N ASN L 105 -25.50 -8.82 37.36
CA ASN L 105 -24.14 -8.67 37.88
C ASN L 105 -23.08 -8.62 36.78
N GLY L 106 -23.37 -7.87 35.72
CA GLY L 106 -22.46 -7.75 34.60
C GLY L 106 -22.50 -8.95 33.69
N VAL L 107 -23.29 -9.96 34.06
CA VAL L 107 -23.40 -11.17 33.26
C VAL L 107 -24.74 -11.23 32.51
N LEU L 108 -24.65 -11.41 31.20
CA LEU L 108 -25.84 -11.50 30.36
C LEU L 108 -26.36 -12.93 30.32
N THR L 109 -27.56 -13.15 30.84
CA THR L 109 -28.15 -14.47 30.87
C THR L 109 -29.43 -14.54 30.04
N ILE L 110 -29.43 -15.38 29.02
CA ILE L 110 -30.61 -15.58 28.17
C ILE L 110 -30.93 -17.06 28.02
N ARG L 111 -31.90 -17.54 28.79
CA ARG L 111 -32.27 -18.95 28.77
C ARG L 111 -33.17 -19.29 27.58
N LEU M 8 16.05 -36.08 -21.08
CA LEU M 8 14.87 -36.82 -21.50
C LEU M 8 13.79 -36.82 -20.42
N GLN M 9 14.21 -36.58 -19.18
CA GLN M 9 13.29 -36.54 -18.05
C GLN M 9 13.00 -35.09 -17.63
N LYS M 10 13.08 -34.18 -18.60
CA LYS M 10 12.81 -32.77 -18.35
C LYS M 10 11.31 -32.52 -18.25
N ARG M 11 10.73 -32.96 -17.13
CA ARG M 11 9.29 -32.83 -16.93
C ARG M 11 8.96 -31.78 -15.89
N SER M 12 9.38 -30.55 -16.18
CA SER M 12 9.10 -29.40 -15.32
C SER M 12 8.91 -28.18 -16.19
N GLU M 13 9.72 -27.15 -15.94
CA GLU M 13 9.77 -25.96 -16.77
C GLU M 13 10.97 -25.09 -16.40
N GLU M 14 11.50 -25.31 -15.20
CA GLU M 14 12.66 -24.57 -14.74
C GLU M 14 13.85 -25.50 -14.51
N LEU M 15 14.86 -25.37 -15.36
CA LEU M 15 15.98 -26.29 -15.38
C LEU M 15 17.28 -25.65 -14.89
N SER M 16 18.36 -26.44 -14.91
CA SER M 16 19.66 -25.98 -14.44
C SER M 16 20.43 -25.25 -15.53
N ARG M 17 21.51 -24.58 -15.12
CA ARG M 17 22.40 -23.92 -16.08
C ARG M 17 23.21 -24.98 -16.82
N GLY M 18 23.55 -26.05 -16.11
CA GLY M 18 24.33 -27.14 -16.68
C GLY M 18 23.55 -27.95 -17.70
N PHE M 19 22.22 -27.83 -17.66
CA PHE M 19 21.38 -28.52 -18.63
C PHE M 19 21.59 -27.97 -20.03
N TYR M 20 21.43 -26.66 -20.16
CA TYR M 20 21.56 -25.99 -21.46
C TYR M 20 22.97 -26.13 -22.01
N GLU M 21 23.96 -26.13 -21.12
CA GLU M 21 25.36 -26.28 -21.53
C GLU M 21 25.60 -27.63 -22.22
N LEU M 22 24.72 -28.59 -21.97
CA LEU M 22 24.79 -29.89 -22.61
C LEU M 22 24.07 -29.89 -23.96
N VAL M 23 23.06 -29.04 -24.10
CA VAL M 23 22.19 -29.08 -25.27
C VAL M 23 22.19 -27.81 -26.14
N TYR M 24 22.70 -26.71 -25.59
CA TYR M 24 22.75 -25.47 -26.35
C TYR M 24 24.09 -25.30 -27.06
N PRO M 25 24.07 -24.71 -28.27
CA PRO M 25 22.88 -24.21 -28.94
C PRO M 25 22.21 -25.27 -29.81
N PRO M 26 20.91 -25.08 -30.11
CA PRO M 26 20.25 -25.94 -31.11
C PRO M 26 20.76 -25.58 -32.49
N VAL M 27 20.97 -26.59 -33.34
CA VAL M 27 21.56 -26.34 -34.66
C VAL M 27 20.73 -26.92 -35.79
N ASP M 28 20.81 -26.25 -36.95
CA ASP M 28 20.26 -26.78 -38.19
C ASP M 28 21.41 -27.02 -39.15
N MET M 29 21.29 -28.04 -40.00
CA MET M 29 22.33 -28.33 -40.98
C MET M 29 21.76 -28.75 -42.33
N TYR M 30 21.78 -27.83 -43.28
CA TYR M 30 21.30 -28.12 -44.63
C TYR M 30 22.41 -27.97 -45.67
N GLU M 31 22.62 -29.04 -46.44
CA GLU M 31 23.59 -29.03 -47.53
C GLU M 31 22.95 -28.43 -48.78
N GLU M 32 23.45 -27.27 -49.18
CA GLU M 32 22.88 -26.54 -50.31
C GLU M 32 23.86 -25.52 -50.89
N GLY M 33 23.93 -25.46 -52.22
CA GLY M 33 24.83 -24.55 -52.89
C GLY M 33 26.25 -25.09 -52.93
N GLY M 34 26.42 -26.32 -52.48
CA GLY M 34 27.72 -26.97 -52.48
C GLY M 34 28.26 -27.23 -51.09
N TYR M 35 28.06 -26.28 -50.19
CA TYR M 35 28.63 -26.38 -48.84
C TYR M 35 27.63 -26.93 -47.83
N LEU M 36 28.17 -27.47 -46.73
CA LEU M 36 27.37 -27.80 -45.55
C LEU M 36 27.09 -26.52 -44.78
N VAL M 37 25.82 -26.23 -44.55
CA VAL M 37 25.46 -25.00 -43.84
C VAL M 37 24.99 -25.28 -42.41
N VAL M 38 25.84 -24.96 -41.44
CA VAL M 38 25.48 -25.10 -40.04
C VAL M 38 24.98 -23.78 -39.46
N VAL M 39 23.76 -23.78 -38.93
CA VAL M 39 23.16 -22.59 -38.35
C VAL M 39 22.87 -22.82 -36.86
N ALA M 40 23.49 -22.01 -36.00
CA ALA M 40 23.36 -22.20 -34.56
C ALA M 40 22.78 -20.97 -33.86
N ASP M 41 21.89 -21.21 -32.90
CA ASP M 41 21.32 -20.14 -32.09
C ASP M 41 22.18 -19.87 -30.86
N LEU M 42 23.22 -19.07 -31.03
CA LEU M 42 24.16 -18.79 -29.95
C LEU M 42 24.24 -17.29 -29.67
N ALA M 43 23.32 -16.78 -28.85
CA ALA M 43 23.27 -15.36 -28.55
C ALA M 43 24.06 -14.99 -27.30
N GLY M 44 24.53 -13.75 -27.25
CA GLY M 44 25.27 -13.24 -26.11
C GLY M 44 26.74 -13.61 -26.14
N PHE M 45 27.34 -13.49 -27.31
CA PHE M 45 28.75 -13.84 -27.49
C PHE M 45 29.47 -12.83 -28.38
N ASN M 46 30.80 -12.84 -28.32
CA ASN M 46 31.62 -12.04 -29.21
C ASN M 46 32.22 -12.88 -30.32
N LYS M 47 32.43 -12.27 -31.49
CA LYS M 47 33.04 -12.95 -32.62
C LYS M 47 34.43 -13.48 -32.30
N GLU M 48 35.11 -12.81 -31.38
CA GLU M 48 36.48 -13.15 -31.03
C GLU M 48 36.60 -14.14 -29.87
N LYS M 49 35.48 -14.78 -29.52
CA LYS M 49 35.48 -15.79 -28.47
C LYS M 49 34.72 -17.05 -28.87
N ILE M 50 34.15 -17.02 -30.07
CA ILE M 50 33.50 -18.20 -30.63
C ILE M 50 34.54 -19.06 -31.35
N LYS M 51 34.99 -20.11 -30.68
CA LYS M 51 36.06 -20.95 -31.21
C LYS M 51 35.55 -22.24 -31.84
N ALA M 52 35.12 -22.15 -33.09
CA ALA M 52 34.64 -23.31 -33.83
C ALA M 52 35.81 -24.00 -34.54
N ARG M 53 35.83 -25.32 -34.50
CA ARG M 53 36.88 -26.10 -35.15
C ARG M 53 36.29 -27.34 -35.82
N VAL M 54 36.95 -27.83 -36.86
CA VAL M 54 36.53 -29.06 -37.53
C VAL M 54 37.57 -30.15 -37.33
N SER M 55 37.43 -30.89 -36.24
CA SER M 55 38.45 -31.86 -35.82
C SER M 55 38.30 -33.22 -36.50
N GLY M 56 39.45 -33.78 -36.88
CA GLY M 56 39.50 -35.14 -37.41
C GLY M 56 38.66 -35.41 -38.64
N GLN M 57 38.29 -34.35 -39.36
CA GLN M 57 37.54 -34.46 -40.62
C GLN M 57 36.11 -35.01 -40.44
N ASN M 58 35.88 -35.71 -39.35
CA ASN M 58 34.63 -36.43 -39.12
C ASN M 58 33.54 -35.58 -38.46
N GLU M 59 33.94 -34.62 -37.64
CA GLU M 59 32.97 -33.88 -36.84
C GLU M 59 33.28 -32.39 -36.71
N LEU M 60 32.24 -31.57 -36.72
CA LEU M 60 32.37 -30.14 -36.49
C LEU M 60 32.21 -29.87 -35.00
N ILE M 61 33.11 -29.07 -34.44
CA ILE M 61 33.06 -28.73 -33.03
C ILE M 61 32.85 -27.24 -32.82
N ILE M 62 31.65 -26.85 -32.42
CA ILE M 62 31.36 -25.45 -32.12
C ILE M 62 31.53 -25.19 -30.63
N GLU M 63 32.63 -24.51 -30.28
CA GLU M 63 32.88 -24.17 -28.88
C GLU M 63 32.85 -22.66 -28.70
N ALA M 64 32.31 -22.22 -27.58
CA ALA M 64 32.20 -20.79 -27.29
C ALA M 64 32.25 -20.50 -25.80
N GLU M 65 32.76 -19.32 -25.44
CA GLU M 65 32.91 -18.95 -24.04
C GLU M 65 32.42 -17.51 -23.83
N ARG M 66 31.79 -17.28 -22.69
CA ARG M 66 31.31 -15.94 -22.35
C ARG M 66 31.32 -15.72 -20.85
N GLU M 67 31.93 -14.62 -20.42
CA GLU M 67 31.93 -14.25 -19.00
C GLU M 67 30.53 -13.84 -18.56
N ILE M 68 30.08 -14.40 -17.44
CA ILE M 68 28.75 -14.11 -16.93
C ILE M 68 28.81 -13.08 -15.79
N THR M 69 27.98 -12.05 -15.88
CA THR M 69 27.97 -10.98 -14.88
C THR M 69 26.54 -10.55 -14.58
N GLU M 70 26.07 -10.86 -13.37
CA GLU M 70 24.70 -10.53 -12.98
C GLU M 70 24.64 -9.91 -11.59
N PRO M 71 24.59 -8.57 -11.54
CA PRO M 71 24.48 -7.84 -10.27
C PRO M 71 23.09 -7.95 -9.65
N GLY M 72 22.97 -8.74 -8.57
CA GLY M 72 21.71 -8.87 -7.87
C GLY M 72 21.53 -10.23 -7.21
N VAL M 73 20.32 -10.49 -6.71
CA VAL M 73 20.03 -11.77 -6.08
C VAL M 73 19.69 -12.81 -7.13
N LYS M 74 20.26 -14.00 -7.00
CA LYS M 74 20.02 -15.07 -7.95
C LYS M 74 18.57 -15.56 -7.89
N TYR M 75 17.81 -15.24 -8.93
CA TYR M 75 16.44 -15.73 -9.06
C TYR M 75 16.40 -16.89 -10.05
N LEU M 76 17.12 -16.73 -11.17
CA LEU M 76 17.24 -17.77 -12.17
C LEU M 76 18.62 -17.76 -12.81
N THR M 77 19.26 -18.93 -12.86
CA THR M 77 20.56 -19.07 -13.52
C THR M 77 20.48 -20.17 -14.56
N GLN M 78 20.13 -19.81 -15.80
CA GLN M 78 19.94 -20.79 -16.87
C GLN M 78 20.86 -20.55 -18.06
N ARG M 79 21.08 -19.28 -18.40
CA ARG M 79 21.92 -18.93 -19.54
C ARG M 79 23.33 -19.49 -19.42
N PRO M 80 23.76 -20.26 -20.43
CA PRO M 80 25.00 -21.03 -20.41
C PRO M 80 26.25 -20.17 -20.26
N LYS M 81 27.21 -20.64 -19.47
CA LYS M 81 28.50 -19.97 -19.33
C LYS M 81 29.41 -20.41 -20.47
N TYR M 82 29.31 -21.68 -20.84
CA TYR M 82 30.08 -22.23 -21.96
C TYR M 82 29.21 -23.21 -22.74
N VAL M 83 29.67 -23.61 -23.92
CA VAL M 83 28.97 -24.59 -24.72
C VAL M 83 29.91 -25.68 -25.24
N ARG M 84 29.34 -26.83 -25.58
CA ARG M 84 30.11 -27.95 -26.12
C ARG M 84 29.30 -28.68 -27.19
N LYS M 85 29.20 -28.06 -28.36
CA LYS M 85 28.43 -28.65 -29.46
C LYS M 85 29.35 -29.38 -30.43
N VAL M 86 29.29 -30.71 -30.41
CA VAL M 86 30.10 -31.52 -31.30
C VAL M 86 29.24 -32.23 -32.34
N ILE M 87 28.94 -31.50 -33.42
CA ILE M 87 28.09 -32.02 -34.49
C ILE M 87 28.83 -33.05 -35.33
N ARG M 88 28.19 -34.19 -35.59
CA ARG M 88 28.75 -35.18 -36.49
C ARG M 88 28.45 -34.81 -37.93
N LEU M 89 29.47 -34.89 -38.78
CA LEU M 89 29.32 -34.55 -40.19
C LEU M 89 29.04 -35.80 -41.03
N PRO M 90 28.12 -35.69 -41.99
CA PRO M 90 27.76 -36.82 -42.86
C PRO M 90 28.82 -37.09 -43.92
N TYR M 91 29.53 -36.04 -44.33
CA TYR M 91 30.56 -36.16 -45.35
C TYR M 91 31.93 -35.80 -44.79
N ASN M 92 32.98 -36.32 -45.42
CA ASN M 92 34.34 -35.95 -45.08
C ASN M 92 34.61 -34.51 -45.49
N VAL M 93 35.33 -33.76 -44.66
CA VAL M 93 35.72 -32.41 -45.03
C VAL M 93 37.13 -32.42 -45.61
N ALA M 94 37.35 -31.59 -46.63
CA ALA M 94 38.62 -31.49 -47.32
C ALA M 94 39.68 -30.86 -46.41
N LYS M 95 40.94 -31.22 -46.63
CA LYS M 95 42.03 -30.68 -45.82
C LYS M 95 42.26 -29.20 -46.12
N ASP M 96 42.27 -28.86 -47.40
CA ASP M 96 42.55 -27.49 -47.84
C ASP M 96 41.26 -26.72 -48.07
N ALA M 97 40.27 -26.96 -47.21
CA ALA M 97 38.98 -26.30 -47.35
C ALA M 97 38.87 -25.06 -46.46
N GLU M 98 38.55 -23.92 -47.08
CA GLU M 98 38.35 -22.67 -46.35
C GLU M 98 36.94 -22.61 -45.77
N ILE M 99 36.87 -22.56 -44.45
CA ILE M 99 35.58 -22.54 -43.76
C ILE M 99 35.29 -21.13 -43.24
N SER M 100 34.15 -20.57 -43.65
CA SER M 100 33.81 -19.20 -43.29
C SER M 100 32.81 -19.15 -42.14
N GLY M 101 32.43 -17.93 -41.74
CA GLY M 101 31.50 -17.73 -40.66
C GLY M 101 30.89 -16.34 -40.62
N LYS M 102 29.74 -16.24 -39.96
CA LYS M 102 29.07 -14.96 -39.75
C LYS M 102 28.38 -14.98 -38.39
N TYR M 103 27.99 -13.81 -37.90
CA TYR M 103 27.35 -13.72 -36.59
C TYR M 103 26.45 -12.50 -36.47
N GLU M 104 25.33 -12.53 -37.17
CA GLU M 104 24.36 -11.44 -37.11
C GLU M 104 23.13 -11.85 -36.31
N ASN M 105 22.69 -10.95 -35.43
CA ASN M 105 21.50 -11.16 -34.62
C ASN M 105 21.57 -12.41 -33.73
N GLY M 106 22.78 -12.72 -33.25
CA GLY M 106 22.99 -13.84 -32.35
C GLY M 106 23.05 -15.18 -33.05
N VAL M 107 22.95 -15.18 -34.37
CA VAL M 107 22.95 -16.43 -35.12
C VAL M 107 24.33 -16.73 -35.70
N LEU M 108 24.85 -17.91 -35.38
CA LEU M 108 26.13 -18.37 -35.92
C LEU M 108 25.87 -19.29 -37.11
N THR M 109 26.24 -18.83 -38.30
CA THR M 109 26.05 -19.63 -39.51
C THR M 109 27.36 -19.94 -40.24
N ILE M 110 27.68 -21.23 -40.33
CA ILE M 110 28.95 -21.68 -40.89
C ILE M 110 28.76 -22.50 -42.17
N ARG M 111 29.62 -22.28 -43.16
CA ARG M 111 29.57 -23.04 -44.40
C ARG M 111 30.83 -23.88 -44.64
N ILE M 112 30.64 -25.15 -44.96
CA ILE M 112 31.74 -26.10 -45.17
C ILE M 112 31.69 -26.73 -46.55
N PRO M 113 32.70 -26.44 -47.40
CA PRO M 113 32.79 -27.00 -48.75
C PRO M 113 32.79 -28.53 -48.73
N ILE M 114 31.89 -29.15 -49.48
CA ILE M 114 31.77 -30.60 -49.48
C ILE M 114 32.73 -31.26 -50.47
N ALA M 115 33.60 -32.12 -49.96
CA ALA M 115 34.57 -32.83 -50.80
C ALA M 115 33.98 -34.14 -51.32
N GLU N 13 19.31 -41.86 -30.91
CA GLU N 13 19.57 -40.75 -29.99
C GLU N 13 19.70 -39.43 -30.75
N GLU N 14 18.69 -38.59 -30.65
CA GLU N 14 18.69 -37.30 -31.34
C GLU N 14 17.66 -36.34 -30.73
N LEU N 15 17.91 -35.04 -30.85
CA LEU N 15 16.99 -34.03 -30.37
C LEU N 15 16.25 -33.36 -31.51
N SER N 16 14.93 -33.50 -31.52
CA SER N 16 14.09 -32.86 -32.54
C SER N 16 13.90 -31.39 -32.23
N ARG N 17 13.25 -30.67 -33.15
CA ARG N 17 12.89 -29.28 -32.90
C ARG N 17 11.88 -29.24 -31.77
N GLY N 18 11.10 -30.31 -31.67
CA GLY N 18 10.11 -30.45 -30.61
C GLY N 18 10.72 -30.39 -29.24
N PHE N 19 11.83 -31.10 -29.04
CA PHE N 19 12.50 -31.14 -27.74
C PHE N 19 12.88 -29.73 -27.27
N TYR N 20 13.53 -28.98 -28.15
CA TYR N 20 14.01 -27.65 -27.81
C TYR N 20 12.88 -26.67 -27.53
N GLU N 21 11.71 -26.91 -28.12
CA GLU N 21 10.60 -26.00 -27.97
C GLU N 21 10.05 -25.97 -26.54
N LEU N 22 10.38 -27.00 -25.77
CA LEU N 22 9.95 -27.06 -24.37
C LEU N 22 10.92 -26.32 -23.43
N VAL N 23 12.13 -26.06 -23.91
CA VAL N 23 13.16 -25.48 -23.07
C VAL N 23 13.71 -24.16 -23.62
N TYR N 24 13.38 -23.87 -24.88
CA TYR N 24 13.82 -22.64 -25.54
C TYR N 24 12.92 -21.49 -25.11
N PRO N 25 13.50 -20.39 -24.63
CA PRO N 25 14.95 -20.21 -24.40
C PRO N 25 15.30 -20.32 -22.92
N PRO N 26 16.60 -20.44 -22.60
CA PRO N 26 17.02 -20.34 -21.20
C PRO N 26 16.92 -18.91 -20.74
N VAL N 27 16.58 -18.69 -19.47
CA VAL N 27 16.34 -17.34 -18.96
C VAL N 27 17.08 -17.03 -17.66
N ASP N 28 17.77 -15.89 -17.64
CA ASP N 28 18.38 -15.39 -16.42
C ASP N 28 17.55 -14.23 -15.85
N MET N 29 17.18 -14.36 -14.58
CA MET N 29 16.34 -13.34 -13.93
C MET N 29 16.92 -12.93 -12.59
N TYR N 30 16.84 -11.64 -12.29
CA TYR N 30 17.33 -11.08 -11.03
C TYR N 30 16.84 -9.64 -10.81
N GLU N 31 16.47 -9.32 -9.57
CA GLU N 31 15.98 -7.99 -9.21
C GLU N 31 17.09 -6.96 -9.29
N GLU N 32 16.77 -5.78 -9.82
CA GLU N 32 17.72 -4.69 -9.92
C GLU N 32 17.02 -3.35 -10.12
N GLY N 33 16.54 -2.77 -9.02
CA GLY N 33 15.92 -1.46 -9.05
C GLY N 33 14.58 -1.42 -9.76
N GLY N 34 13.51 -1.41 -8.98
CA GLY N 34 12.16 -1.34 -9.53
C GLY N 34 11.76 -2.62 -10.23
N TYR N 35 12.13 -2.73 -11.51
CA TYR N 35 11.83 -3.93 -12.29
C TYR N 35 12.99 -4.91 -12.25
N LEU N 36 12.67 -6.21 -12.24
CA LEU N 36 13.69 -7.24 -12.29
C LEU N 36 14.31 -7.27 -13.68
N VAL N 37 15.56 -7.67 -13.78
CA VAL N 37 16.20 -7.83 -15.08
C VAL N 37 16.01 -9.26 -15.57
N VAL N 38 15.35 -9.41 -16.71
CA VAL N 38 15.10 -10.72 -17.30
C VAL N 38 15.83 -10.86 -18.63
N VAL N 39 16.78 -11.78 -18.69
CA VAL N 39 17.58 -11.99 -19.89
C VAL N 39 17.28 -13.34 -20.52
N ALA N 40 17.09 -13.36 -21.83
CA ALA N 40 16.79 -14.60 -22.56
C ALA N 40 17.62 -14.73 -23.83
N ASP N 41 18.05 -15.95 -24.12
CA ASP N 41 18.77 -16.24 -25.36
C ASP N 41 17.78 -16.52 -26.48
N LEU N 42 17.27 -15.46 -27.10
CA LEU N 42 16.24 -15.57 -28.12
C LEU N 42 16.77 -15.13 -29.47
N ALA N 43 17.79 -15.82 -29.97
CA ALA N 43 18.47 -15.44 -31.20
C ALA N 43 17.70 -15.83 -32.46
N GLY N 44 17.80 -14.98 -33.49
CA GLY N 44 17.26 -15.30 -34.80
C GLY N 44 15.83 -14.88 -35.04
N PHE N 45 15.39 -13.83 -34.34
CA PHE N 45 14.01 -13.37 -34.47
C PHE N 45 13.93 -11.89 -34.84
N ASN N 46 12.86 -11.54 -35.56
CA ASN N 46 12.58 -10.13 -35.83
C ASN N 46 12.19 -9.45 -34.53
N LYS N 47 12.57 -8.19 -34.39
CA LYS N 47 12.34 -7.45 -33.16
C LYS N 47 10.84 -7.34 -32.83
N GLU N 48 10.02 -7.26 -33.85
CA GLU N 48 8.58 -7.04 -33.68
C GLU N 48 7.76 -8.33 -33.70
N LYS N 49 8.43 -9.46 -33.89
CA LYS N 49 7.77 -10.76 -33.81
C LYS N 49 8.10 -11.43 -32.48
N ILE N 50 8.61 -10.62 -31.56
CA ILE N 50 8.84 -11.05 -30.19
C ILE N 50 7.90 -10.29 -29.27
N LYS N 51 6.81 -10.94 -28.86
CA LYS N 51 5.82 -10.28 -28.02
C LYS N 51 5.79 -10.86 -26.61
N ALA N 52 5.99 -9.98 -25.63
CA ALA N 52 5.95 -10.38 -24.22
C ALA N 52 4.97 -9.52 -23.44
N ARG N 53 4.45 -10.07 -22.35
CA ARG N 53 3.57 -9.32 -21.45
C ARG N 53 3.51 -9.95 -20.07
N VAL N 54 3.01 -9.19 -19.10
CA VAL N 54 2.81 -9.70 -17.75
C VAL N 54 1.36 -10.16 -17.59
N SER N 55 1.18 -11.38 -17.11
CA SER N 55 -0.13 -12.00 -17.06
C SER N 55 -0.83 -11.87 -15.71
N GLY N 56 -1.88 -11.05 -15.67
CA GLY N 56 -2.77 -10.93 -14.52
C GLY N 56 -2.12 -10.90 -13.15
N GLN N 57 -1.11 -10.04 -13.00
CA GLN N 57 -0.36 -9.94 -11.75
C GLN N 57 0.28 -11.26 -11.34
N ASN N 58 1.19 -11.76 -12.16
CA ASN N 58 1.85 -13.04 -11.88
C ASN N 58 3.15 -13.24 -12.68
N GLU N 59 3.00 -13.62 -13.95
CA GLU N 59 4.14 -14.12 -14.72
C GLU N 59 4.38 -13.37 -16.02
N LEU N 60 5.59 -13.53 -16.56
CA LEU N 60 5.95 -12.96 -17.85
C LEU N 60 5.84 -14.05 -18.92
N ILE N 61 5.18 -13.73 -20.02
CA ILE N 61 5.03 -14.68 -21.11
C ILE N 61 5.84 -14.25 -22.33
N ILE N 62 6.96 -14.93 -22.57
CA ILE N 62 7.80 -14.62 -23.72
C ILE N 62 7.41 -15.50 -24.91
N GLU N 63 6.86 -14.89 -25.93
CA GLU N 63 6.38 -15.61 -27.12
C GLU N 63 6.98 -15.01 -28.38
N ALA N 64 7.35 -15.88 -29.32
CA ALA N 64 7.94 -15.42 -30.58
C ALA N 64 7.82 -16.46 -31.71
N GLU N 65 7.68 -15.97 -32.93
CA GLU N 65 7.62 -16.83 -34.12
C GLU N 65 8.64 -16.36 -35.15
N ARG N 66 9.08 -17.29 -36.00
CA ARG N 66 9.99 -16.95 -37.09
C ARG N 66 9.83 -17.90 -38.26
N GLU N 67 10.27 -17.46 -39.45
CA GLU N 67 10.28 -18.32 -40.62
C GLU N 67 11.66 -18.97 -40.77
N ILE N 68 11.67 -20.26 -41.07
CA ILE N 68 12.93 -20.96 -41.30
C ILE N 68 12.97 -21.56 -42.70
N THR N 69 13.37 -20.73 -43.67
CA THR N 69 13.50 -21.17 -45.04
C THR N 69 14.89 -21.73 -45.29
N GLU N 70 15.02 -23.05 -45.18
CA GLU N 70 16.30 -23.71 -45.41
C GLU N 70 16.20 -24.67 -46.58
N PRO N 71 16.37 -24.14 -47.80
CA PRO N 71 16.24 -24.97 -49.01
C PRO N 71 17.45 -25.88 -49.19
N GLY N 72 17.21 -27.07 -49.72
CA GLY N 72 18.25 -28.06 -49.87
C GLY N 72 17.95 -29.31 -49.05
N VAL N 73 18.97 -30.12 -48.82
CA VAL N 73 18.81 -31.36 -48.06
C VAL N 73 19.12 -31.14 -46.58
N LYS N 74 18.13 -31.41 -45.74
CA LYS N 74 18.30 -31.28 -44.30
C LYS N 74 18.97 -32.51 -43.70
N TYR N 75 19.76 -32.31 -42.65
CA TYR N 75 20.44 -33.40 -41.96
C TYR N 75 20.12 -33.34 -40.47
N LEU N 76 20.14 -32.13 -39.93
CA LEU N 76 19.72 -31.89 -38.56
C LEU N 76 18.90 -30.60 -38.49
N THR N 77 17.86 -30.62 -37.68
CA THR N 77 17.07 -29.41 -37.42
C THR N 77 16.62 -29.41 -35.95
N GLN N 78 17.05 -28.38 -35.23
CA GLN N 78 16.81 -28.32 -33.79
C GLN N 78 16.30 -26.94 -33.36
N ARG N 79 16.34 -26.00 -34.28
CA ARG N 79 15.96 -24.62 -33.98
C ARG N 79 14.47 -24.41 -34.19
N PRO N 80 13.76 -24.01 -33.12
CA PRO N 80 12.30 -23.90 -33.08
C PRO N 80 11.74 -22.81 -34.00
N LYS N 81 10.63 -23.10 -34.66
CA LYS N 81 9.90 -22.11 -35.43
C LYS N 81 9.04 -21.28 -34.48
N TYR N 82 8.52 -21.93 -33.44
CA TYR N 82 7.71 -21.27 -32.43
C TYR N 82 8.41 -21.32 -31.08
N VAL N 83 8.27 -20.25 -30.30
CA VAL N 83 8.92 -20.16 -28.99
C VAL N 83 7.94 -19.66 -27.93
N ARG N 84 7.82 -20.40 -26.83
CA ARG N 84 6.98 -19.97 -25.72
C ARG N 84 7.51 -20.48 -24.38
N LYS N 85 7.58 -19.59 -23.40
CA LYS N 85 8.06 -19.93 -22.08
C LYS N 85 7.39 -19.07 -21.02
N VAL N 86 7.03 -19.67 -19.90
CA VAL N 86 6.37 -18.96 -18.80
C VAL N 86 7.23 -18.97 -17.55
N ILE N 87 7.43 -17.79 -16.96
CA ILE N 87 8.30 -17.64 -15.80
C ILE N 87 7.61 -16.95 -14.64
N ARG N 88 7.60 -17.61 -13.47
CA ARG N 88 6.96 -17.07 -12.28
C ARG N 88 7.75 -15.94 -11.65
N LEU N 89 7.03 -14.98 -11.07
CA LEU N 89 7.65 -13.81 -10.45
C LEU N 89 7.29 -13.65 -8.98
N PRO N 90 8.17 -14.12 -8.08
CA PRO N 90 7.98 -13.83 -6.65
C PRO N 90 8.12 -12.33 -6.39
N TYR N 91 7.16 -11.56 -6.88
CA TYR N 91 7.25 -10.11 -6.90
C TYR N 91 5.89 -9.55 -7.30
N ASN N 92 5.79 -8.22 -7.39
CA ASN N 92 4.57 -7.57 -7.84
C ASN N 92 4.64 -7.18 -9.31
N VAL N 93 3.54 -6.65 -9.84
CA VAL N 93 3.51 -6.17 -11.22
C VAL N 93 2.87 -4.79 -11.29
N ALA N 94 2.99 -4.14 -12.44
CA ALA N 94 2.35 -2.85 -12.66
C ALA N 94 1.08 -3.03 -13.47
N LYS N 95 0.01 -2.37 -13.03
CA LYS N 95 -1.27 -2.42 -13.75
C LYS N 95 -1.35 -1.32 -14.80
N ASP N 96 -0.19 -0.93 -15.32
CA ASP N 96 -0.10 0.05 -16.40
C ASP N 96 0.82 -0.50 -17.49
N ALA N 97 1.74 -1.36 -17.07
CA ALA N 97 2.59 -2.13 -17.99
C ALA N 97 3.41 -1.30 -18.98
N GLU N 98 4.25 -0.41 -18.46
CA GLU N 98 5.20 0.29 -19.32
C GLU N 98 6.62 -0.15 -18.98
N ILE N 99 6.98 -1.34 -19.46
CA ILE N 99 8.27 -1.96 -19.13
C ILE N 99 9.20 -1.92 -20.33
N SER N 100 10.48 -1.66 -20.08
CA SER N 100 11.47 -1.60 -21.15
C SER N 100 11.80 -2.98 -21.70
N GLY N 101 12.30 -3.03 -22.93
CA GLY N 101 12.70 -4.27 -23.57
C GLY N 101 13.64 -4.02 -24.74
N LYS N 102 14.82 -4.62 -24.66
CA LYS N 102 15.82 -4.47 -25.72
C LYS N 102 16.08 -5.81 -26.41
N TYR N 103 16.48 -5.74 -27.67
CA TYR N 103 16.85 -6.95 -28.42
C TYR N 103 18.13 -6.73 -29.21
N GLU N 104 19.27 -6.98 -28.56
CA GLU N 104 20.57 -6.77 -29.17
C GLU N 104 21.41 -8.04 -29.11
N ASN N 105 22.06 -8.36 -30.23
CA ASN N 105 22.94 -9.53 -30.34
C ASN N 105 22.20 -10.83 -30.04
N GLY N 106 20.95 -10.90 -30.49
CA GLY N 106 20.12 -12.08 -30.28
C GLY N 106 19.60 -12.21 -28.86
N VAL N 107 20.03 -11.31 -27.99
CA VAL N 107 19.66 -11.37 -26.58
C VAL N 107 18.44 -10.50 -26.28
N LEU N 108 17.42 -11.11 -25.68
CA LEU N 108 16.24 -10.39 -25.26
C LEU N 108 16.31 -10.06 -23.78
N THR N 109 16.36 -8.77 -23.46
CA THR N 109 16.41 -8.34 -22.06
C THR N 109 15.17 -7.53 -21.69
N ILE N 110 14.48 -7.99 -20.65
CA ILE N 110 13.25 -7.33 -20.20
C ILE N 110 13.38 -6.86 -18.76
N ARG N 111 13.18 -5.56 -18.55
CA ARG N 111 13.31 -4.97 -17.22
C ARG N 111 12.57 -3.64 -17.12
N VAL O 1 8.39 37.82 -15.15
CA VAL O 1 9.36 37.90 -14.06
C VAL O 1 8.91 38.89 -12.99
N ILE O 2 8.94 38.45 -11.74
CA ILE O 2 8.58 39.29 -10.60
C ILE O 2 9.50 40.51 -10.51
N LYS O 3 8.90 41.69 -10.40
CA LYS O 3 9.67 42.93 -10.26
C LYS O 3 10.34 43.00 -8.89
N ILE O 4 11.67 42.86 -8.86
CA ILE O 4 12.41 43.01 -7.62
C ILE O 4 12.68 44.49 -7.35
N GLU O 5 12.01 45.02 -6.34
CA GLU O 5 12.10 46.44 -6.00
C GLU O 5 13.49 46.78 -5.46
N VAL P 1 37.14 40.76 17.42
CA VAL P 1 38.46 41.36 17.27
C VAL P 1 38.56 42.17 15.99
N ILE P 2 38.16 41.56 14.88
CA ILE P 2 38.14 42.25 13.59
C ILE P 2 36.90 43.14 13.49
N LYS P 3 37.11 44.42 13.18
CA LYS P 3 36.00 45.35 13.01
C LYS P 3 35.34 45.14 11.65
N ILE P 4 34.06 44.76 11.67
CA ILE P 4 33.29 44.66 10.43
C ILE P 4 32.63 46.00 10.15
N GLU P 5 33.23 46.75 9.22
CA GLU P 5 32.74 48.07 8.86
C GLU P 5 31.55 47.97 7.90
N VAL Q 1 -4.25 -21.89 6.54
CA VAL Q 1 -3.71 -20.55 6.31
C VAL Q 1 -3.62 -20.23 4.82
N ILE Q 2 -4.17 -19.09 4.42
CA ILE Q 2 -4.17 -18.70 3.02
C ILE Q 2 -2.88 -17.99 2.62
N LYS Q 3 -2.27 -18.45 1.53
CA LYS Q 3 -1.04 -17.86 1.02
C LYS Q 3 -1.32 -16.62 0.17
N ILE Q 4 -0.71 -15.50 0.56
CA ILE Q 4 -1.02 -14.21 -0.02
C ILE Q 4 0.18 -13.58 -0.72
N GLU Q 5 -0.06 -13.00 -1.89
CA GLU Q 5 0.99 -12.39 -2.69
C GLU Q 5 0.55 -11.06 -3.29
N VAL R 1 -54.25 12.63 -17.34
CA VAL R 1 -53.57 12.91 -16.07
C VAL R 1 -54.09 12.00 -14.96
N ILE R 2 -53.16 11.37 -14.24
CA ILE R 2 -53.51 10.41 -13.20
C ILE R 2 -54.11 11.07 -11.97
N LYS R 3 -55.20 10.48 -11.47
CA LYS R 3 -55.89 10.98 -10.28
C LYS R 3 -55.17 10.55 -9.01
N ILE R 4 -54.70 11.53 -8.23
CA ILE R 4 -54.00 11.26 -6.98
C ILE R 4 -54.96 11.23 -5.79
N GLU R 5 -54.82 10.20 -4.95
CA GLU R 5 -55.70 10.02 -3.80
C GLU R 5 -54.98 10.23 -2.48
N VAL S 1 -31.45 13.64 21.85
CA VAL S 1 -32.32 13.36 20.70
C VAL S 1 -33.42 14.41 20.60
N ILE S 2 -33.88 14.66 19.38
CA ILE S 2 -34.97 15.59 19.13
C ILE S 2 -36.27 14.82 18.93
N LYS S 3 -37.21 14.98 19.85
CA LYS S 3 -38.48 14.28 19.78
C LYS S 3 -39.33 14.86 18.67
N ILE S 4 -39.94 13.99 17.86
CA ILE S 4 -40.72 14.42 16.71
C ILE S 4 -42.23 14.33 16.95
N GLU S 5 -42.95 15.41 16.61
CA GLU S 5 -44.39 15.46 16.76
C GLU S 5 -45.08 14.65 15.66
N VAL T 1 4.39 -40.50 -9.72
CA VAL T 1 3.88 -40.50 -11.08
C VAL T 1 2.68 -41.43 -11.22
N ILE T 2 1.56 -40.86 -11.66
CA ILE T 2 0.28 -41.57 -11.72
C ILE T 2 0.32 -42.83 -12.59
N LYS T 3 -0.09 -43.96 -12.01
CA LYS T 3 -0.17 -45.21 -12.74
C LYS T 3 -1.32 -45.19 -13.73
N ILE T 4 -0.99 -45.16 -15.01
CA ILE T 4 -1.99 -45.14 -16.07
C ILE T 4 -2.43 -46.57 -16.41
N GLU T 5 -3.61 -46.95 -15.91
CA GLU T 5 -4.15 -48.28 -16.17
C GLU T 5 -4.76 -48.39 -17.55
N VAL U 1 -6.77 -3.52 52.78
CA VAL U 1 -7.34 -3.56 51.44
C VAL U 1 -8.35 -2.43 51.22
N ILE U 2 -8.98 -2.45 50.06
CA ILE U 2 -9.97 -1.43 49.71
C ILE U 2 -11.39 -1.96 49.93
N LYS U 3 -12.19 -1.21 50.68
CA LYS U 3 -13.54 -1.64 50.99
C LYS U 3 -14.44 -1.60 49.76
N ILE U 4 -14.55 -2.74 49.08
CA ILE U 4 -15.39 -2.86 47.91
C ILE U 4 -16.86 -2.84 48.33
N GLU U 5 -17.51 -1.69 48.19
CA GLU U 5 -18.92 -1.57 48.52
C GLU U 5 -19.78 -1.41 47.27
N VAL V 1 40.66 -23.13 -36.08
CA VAL V 1 39.65 -22.18 -35.65
C VAL V 1 39.07 -21.40 -36.82
N ILE V 2 37.74 -21.46 -36.97
CA ILE V 2 37.06 -20.76 -38.05
C ILE V 2 36.83 -19.29 -37.73
N LYS V 3 37.21 -18.42 -38.66
CA LYS V 3 37.00 -16.98 -38.50
C LYS V 3 35.52 -16.63 -38.64
N ILE V 4 35.04 -15.74 -37.76
CA ILE V 4 33.64 -15.36 -37.74
C ILE V 4 33.44 -13.97 -38.34
N GLU V 5 33.26 -13.91 -39.66
CA GLU V 5 33.03 -12.67 -40.39
C GLU V 5 34.08 -11.61 -40.11
N VAL W 1 1.18 -4.18 -23.92
CA VAL W 1 2.21 -5.05 -24.50
C VAL W 1 3.54 -4.30 -24.59
N ILE W 2 4.63 -5.01 -24.31
CA ILE W 2 5.95 -4.41 -24.29
C ILE W 2 6.44 -3.93 -25.66
N LYS W 3 6.93 -2.69 -25.71
CA LYS W 3 7.53 -2.14 -26.91
C LYS W 3 9.04 -2.38 -26.88
N ILE W 4 9.57 -2.92 -27.97
CA ILE W 4 10.99 -3.25 -28.03
C ILE W 4 11.76 -2.36 -29.00
N GLU W 5 12.75 -1.63 -28.48
CA GLU W 5 13.56 -0.75 -29.29
C GLU W 5 14.78 -1.47 -29.87
#